data_3SD2
# 
_entry.id   3SD2 
# 
_audit_conform.dict_name       mmcif_pdbx.dic 
_audit_conform.dict_version    5.398 
_audit_conform.dict_location   http://mmcif.pdb.org/dictionaries/ascii/mmcif_pdbx.dic 
# 
loop_
_database_2.database_id 
_database_2.database_code 
_database_2.pdbx_database_accession 
_database_2.pdbx_DOI 
PDB   3SD2         pdb_00003sd2 10.2210/pdb3sd2/pdb 
RCSB  RCSB066055   ?            ?                   
WWPDB D_1000066055 ?            ?                   
# 
loop_
_pdbx_audit_revision_history.ordinal 
_pdbx_audit_revision_history.data_content_type 
_pdbx_audit_revision_history.major_revision 
_pdbx_audit_revision_history.minor_revision 
_pdbx_audit_revision_history.revision_date 
1 'Structure model' 1 0 2011-06-29 
2 'Structure model' 1 1 2011-07-13 
3 'Structure model' 1 2 2011-11-23 
4 'Structure model' 1 3 2017-11-08 
5 'Structure model' 1 4 2023-02-01 
6 'Structure model' 1 5 2024-11-06 
# 
_pdbx_audit_revision_details.ordinal             1 
_pdbx_audit_revision_details.revision_ordinal    1 
_pdbx_audit_revision_details.data_content_type   'Structure model' 
_pdbx_audit_revision_details.provider            repository 
_pdbx_audit_revision_details.type                'Initial release' 
_pdbx_audit_revision_details.description         ? 
_pdbx_audit_revision_details.details             ? 
# 
loop_
_pdbx_audit_revision_group.ordinal 
_pdbx_audit_revision_group.revision_ordinal 
_pdbx_audit_revision_group.data_content_type 
_pdbx_audit_revision_group.group 
1 2 'Structure model' 'Version format compliance' 
2 3 'Structure model' 'Structure summary'         
3 4 'Structure model' 'Refinement description'    
4 5 'Structure model' 'Database references'       
5 5 'Structure model' 'Derived calculations'      
6 6 'Structure model' 'Data collection'           
7 6 'Structure model' 'Structure summary'         
# 
loop_
_pdbx_audit_revision_category.ordinal 
_pdbx_audit_revision_category.revision_ordinal 
_pdbx_audit_revision_category.data_content_type 
_pdbx_audit_revision_category.category 
1 4 'Structure model' software                     
2 5 'Structure model' database_2                   
3 5 'Structure model' pdbx_struct_special_symmetry 
4 5 'Structure model' struct_conn                  
5 5 'Structure model' struct_ref_seq_dif           
6 6 'Structure model' chem_comp_atom               
7 6 'Structure model' chem_comp_bond               
8 6 'Structure model' pdbx_entry_details           
9 6 'Structure model' pdbx_modification_feature    
# 
loop_
_pdbx_audit_revision_item.ordinal 
_pdbx_audit_revision_item.revision_ordinal 
_pdbx_audit_revision_item.data_content_type 
_pdbx_audit_revision_item.item 
1 4 'Structure model' '_software.classification'                     
2 4 'Structure model' '_software.name'                               
3 5 'Structure model' '_database_2.pdbx_DOI'                         
4 5 'Structure model' '_database_2.pdbx_database_accession'          
5 5 'Structure model' '_struct_conn.pdbx_leaving_atom_flag'          
6 5 'Structure model' '_struct_ref_seq_dif.details'                  
7 6 'Structure model' '_pdbx_entry_details.has_protein_modification' 
# 
_pdbx_database_status.SG_entry                        Y 
_pdbx_database_status.entry_id                        3SD2 
_pdbx_database_status.deposit_site                    RCSB 
_pdbx_database_status.process_site                    RCSB 
_pdbx_database_status.recvd_initial_deposition_date   2011-06-08 
_pdbx_database_status.status_code                     REL 
_pdbx_database_status.status_code_sf                  REL 
_pdbx_database_status.status_code_mr                  ? 
_pdbx_database_status.status_code_cs                  ? 
_pdbx_database_status.pdb_format_compatible           Y 
_pdbx_database_status.methods_development_category    ? 
_pdbx_database_status.status_code_nmr_data            ? 
# 
_pdbx_database_related.db_name        TargetDB 
_pdbx_database_related.db_id          393020 
_pdbx_database_related.details        . 
_pdbx_database_related.content_type   unspecified 
# 
_audit_author.name           'Joint Center for Structural Genomics (JCSG)' 
_audit_author.pdbx_ordinal   1 
# 
_citation.id                        primary 
_citation.title                     
;Crystal structure of a Putative member of  DUF3244 protein family (BT_3571) from Bacteroides thetaiotaomicron VPI-5482 at 1.40 A resolution
;
_citation.journal_abbrev            'To be published' 
_citation.journal_volume            ? 
_citation.page_first                ? 
_citation.page_last                 ? 
_citation.year                      ? 
_citation.journal_id_ASTM           ? 
_citation.country                   ? 
_citation.journal_id_ISSN           ? 
_citation.journal_id_CSD            0353 
_citation.book_publisher            ? 
_citation.pdbx_database_id_PubMed   ? 
_citation.pdbx_database_id_DOI      ? 
# 
_citation_author.citation_id        primary 
_citation_author.name               'Joint Center for Structural Genomics (JCSG)' 
_citation_author.ordinal            1 
_citation_author.identifier_ORCID   ? 
# 
loop_
_entity.id 
_entity.type 
_entity.src_method 
_entity.pdbx_description 
_entity.formula_weight 
_entity.pdbx_number_of_molecules 
_entity.pdbx_ec 
_entity.pdbx_mutation 
_entity.pdbx_fragment 
_entity.details 
1 polymer man 'Putative member of DUF3244 protein family' 11282.390 1  ? ? 'sequence database residues 19-118' ? 
2 water   nat water                                       18.015    99 ? ? ?                                   ? 
# 
_entity_poly.entity_id                      1 
_entity_poly.type                           'polypeptide(L)' 
_entity_poly.nstd_linkage                   no 
_entity_poly.nstd_monomer                   yes 
_entity_poly.pdbx_seq_one_letter_code       
;GANSNDIHLLKDSRSNP(MSE)GIPIQPTYEKCAILSNILNVSFGRAKDYAIITVTNKATGEIVHSKTYHNTSIV(MSE)
ID(MSE)SSCEKGEYTIHIILNDCLLEGTFTVQ
;
_entity_poly.pdbx_seq_one_letter_code_can   
;GANSNDIHLLKDSRSNPMGIPIQPTYEKCAILSNILNVSFGRAKDYAIITVTNKATGEIVHSKTYHNTSIVMIDMSSCEK
GEYTIHIILNDCLLEGTFTVQ
;
_entity_poly.pdbx_strand_id                 A 
_entity_poly.pdbx_target_identifier         393020 
# 
_pdbx_entity_nonpoly.entity_id   2 
_pdbx_entity_nonpoly.name        water 
_pdbx_entity_nonpoly.comp_id     HOH 
# 
loop_
_entity_poly_seq.entity_id 
_entity_poly_seq.num 
_entity_poly_seq.mon_id 
_entity_poly_seq.hetero 
1 1   GLY n 
1 2   ALA n 
1 3   ASN n 
1 4   SER n 
1 5   ASN n 
1 6   ASP n 
1 7   ILE n 
1 8   HIS n 
1 9   LEU n 
1 10  LEU n 
1 11  LYS n 
1 12  ASP n 
1 13  SER n 
1 14  ARG n 
1 15  SER n 
1 16  ASN n 
1 17  PRO n 
1 18  MSE n 
1 19  GLY n 
1 20  ILE n 
1 21  PRO n 
1 22  ILE n 
1 23  GLN n 
1 24  PRO n 
1 25  THR n 
1 26  TYR n 
1 27  GLU n 
1 28  LYS n 
1 29  CYS n 
1 30  ALA n 
1 31  ILE n 
1 32  LEU n 
1 33  SER n 
1 34  ASN n 
1 35  ILE n 
1 36  LEU n 
1 37  ASN n 
1 38  VAL n 
1 39  SER n 
1 40  PHE n 
1 41  GLY n 
1 42  ARG n 
1 43  ALA n 
1 44  LYS n 
1 45  ASP n 
1 46  TYR n 
1 47  ALA n 
1 48  ILE n 
1 49  ILE n 
1 50  THR n 
1 51  VAL n 
1 52  THR n 
1 53  ASN n 
1 54  LYS n 
1 55  ALA n 
1 56  THR n 
1 57  GLY n 
1 58  GLU n 
1 59  ILE n 
1 60  VAL n 
1 61  HIS n 
1 62  SER n 
1 63  LYS n 
1 64  THR n 
1 65  TYR n 
1 66  HIS n 
1 67  ASN n 
1 68  THR n 
1 69  SER n 
1 70  ILE n 
1 71  VAL n 
1 72  MSE n 
1 73  ILE n 
1 74  ASP n 
1 75  MSE n 
1 76  SER n 
1 77  SER n 
1 78  CYS n 
1 79  GLU n 
1 80  LYS n 
1 81  GLY n 
1 82  GLU n 
1 83  TYR n 
1 84  THR n 
1 85  ILE n 
1 86  HIS n 
1 87  ILE n 
1 88  ILE n 
1 89  LEU n 
1 90  ASN n 
1 91  ASP n 
1 92  CYS n 
1 93  LEU n 
1 94  LEU n 
1 95  GLU n 
1 96  GLY n 
1 97  THR n 
1 98  PHE n 
1 99  THR n 
1 100 VAL n 
1 101 GLN n 
# 
_entity_src_gen.entity_id                          1 
_entity_src_gen.pdbx_src_id                        1 
_entity_src_gen.pdbx_alt_source_flag               sample 
_entity_src_gen.pdbx_seq_type                      ? 
_entity_src_gen.pdbx_beg_seq_num                   ? 
_entity_src_gen.pdbx_end_seq_num                   ? 
_entity_src_gen.gene_src_common_name               ? 
_entity_src_gen.gene_src_genus                     ? 
_entity_src_gen.pdbx_gene_src_gene                 BT_3571 
_entity_src_gen.gene_src_species                   ? 
_entity_src_gen.gene_src_strain                    ? 
_entity_src_gen.gene_src_tissue                    ? 
_entity_src_gen.gene_src_tissue_fraction           ? 
_entity_src_gen.gene_src_details                   ? 
_entity_src_gen.pdbx_gene_src_fragment             ? 
_entity_src_gen.pdbx_gene_src_scientific_name      'Bacteroides thetaiotaomicron' 
_entity_src_gen.pdbx_gene_src_ncbi_taxonomy_id     818 
_entity_src_gen.pdbx_gene_src_variant              ? 
_entity_src_gen.pdbx_gene_src_cell_line            ? 
_entity_src_gen.pdbx_gene_src_atcc                 ? 
_entity_src_gen.pdbx_gene_src_organ                ? 
_entity_src_gen.pdbx_gene_src_organelle            ? 
_entity_src_gen.pdbx_gene_src_cell                 ? 
_entity_src_gen.pdbx_gene_src_cellular_location    ? 
_entity_src_gen.host_org_common_name               ? 
_entity_src_gen.pdbx_host_org_scientific_name      'Escherichia Coli' 
_entity_src_gen.pdbx_host_org_ncbi_taxonomy_id     562 
_entity_src_gen.host_org_genus                     ? 
_entity_src_gen.pdbx_host_org_gene                 ? 
_entity_src_gen.pdbx_host_org_organ                ? 
_entity_src_gen.host_org_species                   ? 
_entity_src_gen.pdbx_host_org_tissue               ? 
_entity_src_gen.pdbx_host_org_tissue_fraction      ? 
_entity_src_gen.pdbx_host_org_strain               HK100 
_entity_src_gen.pdbx_host_org_variant              ? 
_entity_src_gen.pdbx_host_org_cell_line            ? 
_entity_src_gen.pdbx_host_org_atcc                 ? 
_entity_src_gen.pdbx_host_org_culture_collection   ? 
_entity_src_gen.pdbx_host_org_cell                 ? 
_entity_src_gen.pdbx_host_org_organelle            ? 
_entity_src_gen.pdbx_host_org_cellular_location    ? 
_entity_src_gen.pdbx_host_org_vector_type          Plasmid 
_entity_src_gen.pdbx_host_org_vector               ? 
_entity_src_gen.host_org_details                   ? 
_entity_src_gen.expression_system_id               ? 
_entity_src_gen.plasmid_name                       SpeedET 
_entity_src_gen.plasmid_details                    ? 
_entity_src_gen.pdbx_description                   ? 
# 
loop_
_chem_comp.id 
_chem_comp.type 
_chem_comp.mon_nstd_flag 
_chem_comp.name 
_chem_comp.pdbx_synonyms 
_chem_comp.formula 
_chem_comp.formula_weight 
ALA 'L-peptide linking' y ALANINE          ? 'C3 H7 N O2'     89.093  
ARG 'L-peptide linking' y ARGININE         ? 'C6 H15 N4 O2 1' 175.209 
ASN 'L-peptide linking' y ASPARAGINE       ? 'C4 H8 N2 O3'    132.118 
ASP 'L-peptide linking' y 'ASPARTIC ACID'  ? 'C4 H7 N O4'     133.103 
CYS 'L-peptide linking' y CYSTEINE         ? 'C3 H7 N O2 S'   121.158 
GLN 'L-peptide linking' y GLUTAMINE        ? 'C5 H10 N2 O3'   146.144 
GLU 'L-peptide linking' y 'GLUTAMIC ACID'  ? 'C5 H9 N O4'     147.129 
GLY 'peptide linking'   y GLYCINE          ? 'C2 H5 N O2'     75.067  
HIS 'L-peptide linking' y HISTIDINE        ? 'C6 H10 N3 O2 1' 156.162 
HOH non-polymer         . WATER            ? 'H2 O'           18.015  
ILE 'L-peptide linking' y ISOLEUCINE       ? 'C6 H13 N O2'    131.173 
LEU 'L-peptide linking' y LEUCINE          ? 'C6 H13 N O2'    131.173 
LYS 'L-peptide linking' y LYSINE           ? 'C6 H15 N2 O2 1' 147.195 
MSE 'L-peptide linking' n SELENOMETHIONINE ? 'C5 H11 N O2 Se' 196.106 
PHE 'L-peptide linking' y PHENYLALANINE    ? 'C9 H11 N O2'    165.189 
PRO 'L-peptide linking' y PROLINE          ? 'C5 H9 N O2'     115.130 
SER 'L-peptide linking' y SERINE           ? 'C3 H7 N O3'     105.093 
THR 'L-peptide linking' y THREONINE        ? 'C4 H9 N O3'     119.119 
TYR 'L-peptide linking' y TYROSINE         ? 'C9 H11 N O3'    181.189 
VAL 'L-peptide linking' y VALINE           ? 'C5 H11 N O2'    117.146 
# 
loop_
_pdbx_poly_seq_scheme.asym_id 
_pdbx_poly_seq_scheme.entity_id 
_pdbx_poly_seq_scheme.seq_id 
_pdbx_poly_seq_scheme.mon_id 
_pdbx_poly_seq_scheme.ndb_seq_num 
_pdbx_poly_seq_scheme.pdb_seq_num 
_pdbx_poly_seq_scheme.auth_seq_num 
_pdbx_poly_seq_scheme.pdb_mon_id 
_pdbx_poly_seq_scheme.auth_mon_id 
_pdbx_poly_seq_scheme.pdb_strand_id 
_pdbx_poly_seq_scheme.pdb_ins_code 
_pdbx_poly_seq_scheme.hetero 
A 1 1   GLY 1   0   ?   ?   ?   A . n 
A 1 2   ALA 2   19  ?   ?   ?   A . n 
A 1 3   ASN 3   20  ?   ?   ?   A . n 
A 1 4   SER 4   21  ?   ?   ?   A . n 
A 1 5   ASN 5   22  ?   ?   ?   A . n 
A 1 6   ASP 6   23  ?   ?   ?   A . n 
A 1 7   ILE 7   24  ?   ?   ?   A . n 
A 1 8   HIS 8   25  ?   ?   ?   A . n 
A 1 9   LEU 9   26  ?   ?   ?   A . n 
A 1 10  LEU 10  27  ?   ?   ?   A . n 
A 1 11  LYS 11  28  ?   ?   ?   A . n 
A 1 12  ASP 12  29  ?   ?   ?   A . n 
A 1 13  SER 13  30  ?   ?   ?   A . n 
A 1 14  ARG 14  31  ?   ?   ?   A . n 
A 1 15  SER 15  32  ?   ?   ?   A . n 
A 1 16  ASN 16  33  33  ASN ASN A . n 
A 1 17  PRO 17  34  34  PRO PRO A . n 
A 1 18  MSE 18  35  35  MSE MSE A . n 
A 1 19  GLY 19  36  36  GLY GLY A . n 
A 1 20  ILE 20  37  37  ILE ILE A . n 
A 1 21  PRO 21  38  38  PRO PRO A . n 
A 1 22  ILE 22  39  39  ILE ILE A . n 
A 1 23  GLN 23  40  40  GLN GLN A . n 
A 1 24  PRO 24  41  41  PRO PRO A . n 
A 1 25  THR 25  42  42  THR THR A . n 
A 1 26  TYR 26  43  43  TYR TYR A . n 
A 1 27  GLU 27  44  44  GLU GLU A . n 
A 1 28  LYS 28  45  45  LYS LYS A . n 
A 1 29  CYS 29  46  46  CYS CYS A . n 
A 1 30  ALA 30  47  47  ALA ALA A . n 
A 1 31  ILE 31  48  48  ILE ILE A . n 
A 1 32  LEU 32  49  49  LEU LEU A . n 
A 1 33  SER 33  50  50  SER SER A . n 
A 1 34  ASN 34  51  51  ASN ASN A . n 
A 1 35  ILE 35  52  52  ILE ILE A . n 
A 1 36  LEU 36  53  53  LEU LEU A . n 
A 1 37  ASN 37  54  54  ASN ASN A . n 
A 1 38  VAL 38  55  55  VAL VAL A . n 
A 1 39  SER 39  56  56  SER SER A . n 
A 1 40  PHE 40  57  57  PHE PHE A . n 
A 1 41  GLY 41  58  58  GLY GLY A . n 
A 1 42  ARG 42  59  59  ARG ARG A . n 
A 1 43  ALA 43  60  60  ALA ALA A . n 
A 1 44  LYS 44  61  61  LYS LYS A . n 
A 1 45  ASP 45  62  62  ASP ASP A . n 
A 1 46  TYR 46  63  63  TYR TYR A . n 
A 1 47  ALA 47  64  64  ALA ALA A . n 
A 1 48  ILE 48  65  65  ILE ILE A . n 
A 1 49  ILE 49  66  66  ILE ILE A . n 
A 1 50  THR 50  67  67  THR THR A . n 
A 1 51  VAL 51  68  68  VAL VAL A . n 
A 1 52  THR 52  69  69  THR THR A . n 
A 1 53  ASN 53  70  70  ASN ASN A . n 
A 1 54  LYS 54  71  71  LYS LYS A . n 
A 1 55  ALA 55  72  72  ALA ALA A . n 
A 1 56  THR 56  73  73  THR THR A . n 
A 1 57  GLY 57  74  74  GLY GLY A . n 
A 1 58  GLU 58  75  75  GLU GLU A . n 
A 1 59  ILE 59  76  76  ILE ILE A . n 
A 1 60  VAL 60  77  77  VAL VAL A . n 
A 1 61  HIS 61  78  78  HIS HIS A . n 
A 1 62  SER 62  79  79  SER SER A . n 
A 1 63  LYS 63  80  80  LYS LYS A . n 
A 1 64  THR 64  81  81  THR THR A . n 
A 1 65  TYR 65  82  82  TYR TYR A . n 
A 1 66  HIS 66  83  83  HIS HIS A . n 
A 1 67  ASN 67  84  84  ASN ASN A . n 
A 1 68  THR 68  85  85  THR THR A . n 
A 1 69  SER 69  86  86  SER SER A . n 
A 1 70  ILE 70  87  87  ILE ILE A . n 
A 1 71  VAL 71  88  88  VAL VAL A . n 
A 1 72  MSE 72  89  89  MSE MSE A . n 
A 1 73  ILE 73  90  90  ILE ILE A . n 
A 1 74  ASP 74  91  91  ASP ASP A . n 
A 1 75  MSE 75  92  92  MSE MSE A . n 
A 1 76  SER 76  93  93  SER SER A . n 
A 1 77  SER 77  94  94  SER SER A . n 
A 1 78  CYS 78  95  95  CYS CYS A . n 
A 1 79  GLU 79  96  96  GLU GLU A . n 
A 1 80  LYS 80  97  97  LYS LYS A . n 
A 1 81  GLY 81  98  98  GLY GLY A . n 
A 1 82  GLU 82  99  99  GLU GLU A . n 
A 1 83  TYR 83  100 100 TYR TYR A . n 
A 1 84  THR 84  101 101 THR THR A . n 
A 1 85  ILE 85  102 102 ILE ILE A . n 
A 1 86  HIS 86  103 103 HIS HIS A . n 
A 1 87  ILE 87  104 104 ILE ILE A . n 
A 1 88  ILE 88  105 105 ILE ILE A . n 
A 1 89  LEU 89  106 106 LEU LEU A . n 
A 1 90  ASN 90  107 107 ASN ASN A . n 
A 1 91  ASP 91  108 108 ASP ASP A . n 
A 1 92  CYS 92  109 109 CYS CYS A . n 
A 1 93  LEU 93  110 110 LEU LEU A . n 
A 1 94  LEU 94  111 111 LEU LEU A . n 
A 1 95  GLU 95  112 112 GLU GLU A . n 
A 1 96  GLY 96  113 113 GLY GLY A . n 
A 1 97  THR 97  114 114 THR THR A . n 
A 1 98  PHE 98  115 115 PHE PHE A . n 
A 1 99  THR 99  116 116 THR THR A . n 
A 1 100 VAL 100 117 117 VAL VAL A . n 
A 1 101 GLN 101 118 118 GLN GLN A . n 
# 
loop_
_pdbx_nonpoly_scheme.asym_id 
_pdbx_nonpoly_scheme.entity_id 
_pdbx_nonpoly_scheme.mon_id 
_pdbx_nonpoly_scheme.ndb_seq_num 
_pdbx_nonpoly_scheme.pdb_seq_num 
_pdbx_nonpoly_scheme.auth_seq_num 
_pdbx_nonpoly_scheme.pdb_mon_id 
_pdbx_nonpoly_scheme.auth_mon_id 
_pdbx_nonpoly_scheme.pdb_strand_id 
_pdbx_nonpoly_scheme.pdb_ins_code 
B 2 HOH 1  200 200 HOH HOH A . 
B 2 HOH 2  201 201 HOH HOH A . 
B 2 HOH 3  202 202 HOH HOH A . 
B 2 HOH 4  203 203 HOH HOH A . 
B 2 HOH 5  204 204 HOH HOH A . 
B 2 HOH 6  205 205 HOH HOH A . 
B 2 HOH 7  206 206 HOH HOH A . 
B 2 HOH 8  207 207 HOH HOH A . 
B 2 HOH 9  208 208 HOH HOH A . 
B 2 HOH 10 209 209 HOH HOH A . 
B 2 HOH 11 210 210 HOH HOH A . 
B 2 HOH 12 211 211 HOH HOH A . 
B 2 HOH 13 212 212 HOH HOH A . 
B 2 HOH 14 213 213 HOH HOH A . 
B 2 HOH 15 214 214 HOH HOH A . 
B 2 HOH 16 215 215 HOH HOH A . 
B 2 HOH 17 216 216 HOH HOH A . 
B 2 HOH 18 217 217 HOH HOH A . 
B 2 HOH 19 218 218 HOH HOH A . 
B 2 HOH 20 219 219 HOH HOH A . 
B 2 HOH 21 220 220 HOH HOH A . 
B 2 HOH 22 221 221 HOH HOH A . 
B 2 HOH 23 222 222 HOH HOH A . 
B 2 HOH 24 223 223 HOH HOH A . 
B 2 HOH 25 224 224 HOH HOH A . 
B 2 HOH 26 225 225 HOH HOH A . 
B 2 HOH 27 226 226 HOH HOH A . 
B 2 HOH 28 227 227 HOH HOH A . 
B 2 HOH 29 228 228 HOH HOH A . 
B 2 HOH 30 229 229 HOH HOH A . 
B 2 HOH 31 230 230 HOH HOH A . 
B 2 HOH 32 231 231 HOH HOH A . 
B 2 HOH 33 232 232 HOH HOH A . 
B 2 HOH 34 233 233 HOH HOH A . 
B 2 HOH 35 234 234 HOH HOH A . 
B 2 HOH 36 235 235 HOH HOH A . 
B 2 HOH 37 236 236 HOH HOH A . 
B 2 HOH 38 237 237 HOH HOH A . 
B 2 HOH 39 238 238 HOH HOH A . 
B 2 HOH 40 239 239 HOH HOH A . 
B 2 HOH 41 240 240 HOH HOH A . 
B 2 HOH 42 241 241 HOH HOH A . 
B 2 HOH 43 242 242 HOH HOH A . 
B 2 HOH 44 243 243 HOH HOH A . 
B 2 HOH 45 244 244 HOH HOH A . 
B 2 HOH 46 245 245 HOH HOH A . 
B 2 HOH 47 246 246 HOH HOH A . 
B 2 HOH 48 247 247 HOH HOH A . 
B 2 HOH 49 248 248 HOH HOH A . 
B 2 HOH 50 249 249 HOH HOH A . 
B 2 HOH 51 250 250 HOH HOH A . 
B 2 HOH 52 251 251 HOH HOH A . 
B 2 HOH 53 252 252 HOH HOH A . 
B 2 HOH 54 253 253 HOH HOH A . 
B 2 HOH 55 254 254 HOH HOH A . 
B 2 HOH 56 255 255 HOH HOH A . 
B 2 HOH 57 256 256 HOH HOH A . 
B 2 HOH 58 257 257 HOH HOH A . 
B 2 HOH 59 258 258 HOH HOH A . 
B 2 HOH 60 259 259 HOH HOH A . 
B 2 HOH 61 260 260 HOH HOH A . 
B 2 HOH 62 261 261 HOH HOH A . 
B 2 HOH 63 262 262 HOH HOH A . 
B 2 HOH 64 263 263 HOH HOH A . 
B 2 HOH 65 264 264 HOH HOH A . 
B 2 HOH 66 265 265 HOH HOH A . 
B 2 HOH 67 266 266 HOH HOH A . 
B 2 HOH 68 267 267 HOH HOH A . 
B 2 HOH 69 268 268 HOH HOH A . 
B 2 HOH 70 269 269 HOH HOH A . 
B 2 HOH 71 270 270 HOH HOH A . 
B 2 HOH 72 271 271 HOH HOH A . 
B 2 HOH 73 272 272 HOH HOH A . 
B 2 HOH 74 273 273 HOH HOH A . 
B 2 HOH 75 274 274 HOH HOH A . 
B 2 HOH 76 275 275 HOH HOH A . 
B 2 HOH 77 276 276 HOH HOH A . 
B 2 HOH 78 277 277 HOH HOH A . 
B 2 HOH 79 278 278 HOH HOH A . 
B 2 HOH 80 279 279 HOH HOH A . 
B 2 HOH 81 280 280 HOH HOH A . 
B 2 HOH 82 281 281 HOH HOH A . 
B 2 HOH 83 282 282 HOH HOH A . 
B 2 HOH 84 283 283 HOH HOH A . 
B 2 HOH 85 284 284 HOH HOH A . 
B 2 HOH 86 285 285 HOH HOH A . 
B 2 HOH 87 286 286 HOH HOH A . 
B 2 HOH 88 287 287 HOH HOH A . 
B 2 HOH 89 288 288 HOH HOH A . 
B 2 HOH 90 289 289 HOH HOH A . 
B 2 HOH 91 290 290 HOH HOH A . 
B 2 HOH 92 291 291 HOH HOH A . 
B 2 HOH 93 292 292 HOH HOH A . 
B 2 HOH 94 293 293 HOH HOH A . 
B 2 HOH 95 294 294 HOH HOH A . 
B 2 HOH 96 295 295 HOH HOH A . 
B 2 HOH 97 296 296 HOH HOH A . 
B 2 HOH 98 297 297 HOH HOH A . 
B 2 HOH 99 298 298 HOH HOH A . 
# 
loop_
_pdbx_unobs_or_zero_occ_atoms.id 
_pdbx_unobs_or_zero_occ_atoms.PDB_model_num 
_pdbx_unobs_or_zero_occ_atoms.polymer_flag 
_pdbx_unobs_or_zero_occ_atoms.occupancy_flag 
_pdbx_unobs_or_zero_occ_atoms.auth_asym_id 
_pdbx_unobs_or_zero_occ_atoms.auth_comp_id 
_pdbx_unobs_or_zero_occ_atoms.auth_seq_id 
_pdbx_unobs_or_zero_occ_atoms.PDB_ins_code 
_pdbx_unobs_or_zero_occ_atoms.auth_atom_id 
_pdbx_unobs_or_zero_occ_atoms.label_alt_id 
_pdbx_unobs_or_zero_occ_atoms.label_asym_id 
_pdbx_unobs_or_zero_occ_atoms.label_comp_id 
_pdbx_unobs_or_zero_occ_atoms.label_seq_id 
_pdbx_unobs_or_zero_occ_atoms.label_atom_id 
1  1 Y 1 A ASN 33 ? CG  ? A ASN 16 CG  
2  1 Y 1 A ASN 33 ? OD1 ? A ASN 16 OD1 
3  1 Y 1 A ASN 33 ? ND2 ? A ASN 16 ND2 
4  1 Y 1 A ARG 59 ? NE  ? A ARG 42 NE  
5  1 Y 1 A ARG 59 ? CZ  ? A ARG 42 CZ  
6  1 Y 1 A ARG 59 ? NH1 ? A ARG 42 NH1 
7  1 Y 1 A ARG 59 ? NH2 ? A ARG 42 NH2 
8  1 Y 1 A ASP 62 ? CG  ? A ASP 45 CG  
9  1 Y 1 A ASP 62 ? OD1 ? A ASP 45 OD1 
10 1 Y 1 A ASP 62 ? OD2 ? A ASP 45 OD2 
11 1 Y 1 A TYR 63 ? CG  ? A TYR 46 CG  
12 1 Y 1 A TYR 63 ? CD1 ? A TYR 46 CD1 
13 1 Y 1 A TYR 63 ? CD2 ? A TYR 46 CD2 
14 1 Y 1 A TYR 63 ? CE1 ? A TYR 46 CE1 
15 1 Y 1 A TYR 63 ? CE2 ? A TYR 46 CE2 
16 1 Y 1 A TYR 63 ? CZ  ? A TYR 46 CZ  
17 1 Y 1 A TYR 63 ? OH  ? A TYR 46 OH  
# 
loop_
_software.pdbx_ordinal 
_software.name 
_software.version 
_software.date 
_software.type 
_software.contact_author 
_software.contact_author_email 
_software.classification 
_software.location 
_software.language 
_software.citation_id 
1 MolProbity  3beta29            ?               package 'D.C. & J.S. Richardson lab' molprobity@kinemage.biochem.duke.edu 
'model building'  http://kinemage.biochem.duke.edu/molprobity/                                ?          ? 
2 PDB_EXTRACT 3.10               'June 10, 2010' package PDB                          deposit@deposit.rcsb.org             
'data extraction' http://sw-tools.pdb.org/apps/PDB_EXTRACT/                                   C++        ? 
3 SHELX       .                  ?               package 'George M. Sheldrick'        gsheldr@shelx.uni-ac.gwdg.de         phasing 
http://shelx.uni-ac.gwdg.de/SHELX/                                          Fortran_77 ? 
4 SHARP       .                  ?               package 'Eric de La Fortelle'        sharp-develop@globalphasing.com      phasing 
http://www.globalphasing.com/sharp/                                         ?          ? 
5 XSCALE      'December 6, 2010' ?               package 'Wolfgang Kabsch'            ?                                    
'data scaling'    http://www.mpimf-heidelberg.mpg.de/~kabsch/xds/html_doc/xscale_program.html ?          ? 
6 REFMAC      5.5.0110           ?               program 'Garib N. Murshudov'         garib@ysbl.york.ac.uk                
refinement        http://www.ccp4.ac.uk/dist/html/refmac5.html                                Fortran_77 ? 
7 XDS         .                  ?               ?       ?                            ?                                    
'data reduction'  ?                                                                           ?          ? 
8 SHELXD      .                  ?               ?       ?                            ?                                    phasing 
?                                                                           ?          ? 
# 
_cell.entry_id           3SD2 
_cell.length_a           46.702 
_cell.length_b           46.702 
_cell.length_c           85.161 
_cell.angle_alpha        90.000 
_cell.angle_beta         90.000 
_cell.angle_gamma        120.000 
_cell.pdbx_unique_axis   ? 
_cell.Z_PDB              6 
_cell.length_a_esd       ? 
_cell.length_b_esd       ? 
_cell.length_c_esd       ? 
_cell.angle_alpha_esd    ? 
_cell.angle_beta_esd     ? 
_cell.angle_gamma_esd    ? 
# 
_symmetry.entry_id                         3SD2 
_symmetry.Int_Tables_number                154 
_symmetry.space_group_name_H-M             'P 32 2 1' 
_symmetry.pdbx_full_space_group_name_H-M   ? 
_symmetry.cell_setting                     ? 
_symmetry.space_group_name_Hall            ? 
# 
_exptl.crystals_number   1 
_exptl.method            'X-RAY DIFFRACTION' 
_exptl.entry_id          3SD2 
# 
_exptl_crystal.id                    1 
_exptl_crystal.density_Matthews      2.38 
_exptl_crystal.density_meas          ? 
_exptl_crystal.density_percent_sol   48.24 
_exptl_crystal.description           
'DATA WERE SCALED USING XSCALE WITH FRIEDEL PAIRS KEPT AS SEPARATE WHEN COMPUTING R MERGE, COMPLETENESS AND <I/SIGMA(I)>' 
_exptl_crystal.F_000                 ? 
_exptl_crystal.preparation           ? 
# 
_exptl_crystal_grow.crystal_id      1 
_exptl_crystal_grow.method          'VAPOR DIFFUSION, SITTING DROP' 
_exptl_crystal_grow.pH              5.6 
_exptl_crystal_grow.temp            293 
_exptl_crystal_grow.pdbx_details    
;30.00% polyethylene glycol 200, 1.00M lithium sulfate, 0.1M sodium citrate pH 5.6, NANODROP', VAPOR DIFFUSION, SITTING DROP, temperature 293K
;
_exptl_crystal_grow.temp_details    ? 
_exptl_crystal_grow.pdbx_pH_range   ? 
# 
_diffrn.id                     1 
_diffrn.ambient_temp           100 
_diffrn.ambient_temp_details   ? 
_diffrn.crystal_id             1 
# 
_diffrn_detector.diffrn_id              1 
_diffrn_detector.detector               CCD 
_diffrn_detector.type                   'MARMOSAIC 325 mm CCD' 
_diffrn_detector.details                
'Flat mirror (vertical focusing); single crystal Si(111) bent monochromator (ho rizontal focusing)' 
_diffrn_detector.pdbx_collection_date   2011-05-26 
# 
_diffrn_radiation.diffrn_id                        1 
_diffrn_radiation.pdbx_monochromatic_or_laue_m_l   M 
_diffrn_radiation.monochromator                    'single crystal Si(111) bent' 
_diffrn_radiation.pdbx_diffrn_protocol             MAD 
_diffrn_radiation.wavelength_id                    1 
_diffrn_radiation.pdbx_scattering_type             x-ray 
# 
loop_
_diffrn_radiation_wavelength.id 
_diffrn_radiation_wavelength.wavelength 
_diffrn_radiation_wavelength.wt 
1 0.91837 1.0 
2 0.97935 1.0 
3 0.97898 1.0 
# 
_diffrn_source.diffrn_id                   1 
_diffrn_source.source                      SYNCHROTRON 
_diffrn_source.pdbx_synchrotron_beamline   BL11-1 
_diffrn_source.type                        'SSRL BEAMLINE BL11-1' 
_diffrn_source.pdbx_wavelength_list        0.91837,0.97935,0.97898 
_diffrn_source.pdbx_wavelength             ? 
_diffrn_source.pdbx_synchrotron_site       SSRL 
# 
_reflns.entry_id                     3SD2 
_reflns.d_resolution_high            1.40 
_reflns.d_resolution_low             29.325 
_reflns.number_obs                   21813 
_reflns.pdbx_Rmerge_I_obs            0.044 
_reflns.pdbx_netI_over_sigmaI        14.970 
_reflns.percent_possible_obs         99.400 
_reflns.B_iso_Wilson_estimate        16.649 
_reflns.observed_criterion_sigma_I   -3.000 
_reflns.observed_criterion_sigma_F   ? 
_reflns.number_all                   ? 
_reflns.pdbx_Rsym_value              ? 
_reflns.pdbx_redundancy              ? 
_reflns.R_free_details               ? 
_reflns.limit_h_max                  ? 
_reflns.limit_h_min                  ? 
_reflns.limit_k_max                  ? 
_reflns.limit_k_min                  ? 
_reflns.limit_l_max                  ? 
_reflns.limit_l_min                  ? 
_reflns.observed_criterion_F_max     ? 
_reflns.observed_criterion_F_min     ? 
_reflns.pdbx_chi_squared             ? 
_reflns.pdbx_scaling_rejects         ? 
_reflns.pdbx_ordinal                 1 
_reflns.pdbx_diffrn_id               1 
# 
loop_
_reflns_shell.d_res_high 
_reflns_shell.d_res_low 
_reflns_shell.number_measured_obs 
_reflns_shell.number_measured_all 
_reflns_shell.number_unique_obs 
_reflns_shell.Rmerge_I_obs 
_reflns_shell.meanI_over_sigI_obs 
_reflns_shell.pdbx_Rsym_value 
_reflns_shell.pdbx_chi_squared 
_reflns_shell.pdbx_redundancy 
_reflns_shell.percent_possible_obs 
_reflns_shell.number_unique_all 
_reflns_shell.percent_possible_all 
_reflns_shell.pdbx_ordinal 
_reflns_shell.pdbx_diffrn_id 
1.400 1.450  12369 ? 4045 0.545 2.1  ? ? ? ? ? 98.100  1  1 
1.450 1.510  14425 ? 4212 0.395 3.0  ? ? ? ? ? 99.700  2  1 
1.510 1.580  14076 ? 4118 0.246 4.8  ? ? ? ? ? 99.800  3  1 
1.580 1.660  13576 ? 3919 0.181 6.4  ? ? ? ? ? 99.900  4  1 
1.660 1.760  13647 ? 3940 0.129 8.9  ? ? ? ? ? 99.800  5  1 
1.760 1.900  14818 ? 4257 0.081 13.6 ? ? ? ? ? 99.900  6  1 
1.900 2.090  13732 ? 3988 0.053 19.9 ? ? ? ? ? 99.000  7  1 
2.090 2.390  14176 ? 4067 0.042 24.9 ? ? ? ? ? 99.500  8  1 
2.390 3.010  14477 ? 4121 0.034 29.6 ? ? ? ? ? 100.000 9  1 
3.010 29.325 14335 ? 4104 0.030 36.3 ? ? ? ? ? 98.900  10 1 
# 
_refine.entry_id                                 3SD2 
_refine.ls_d_res_high                            1.4000 
_refine.ls_d_res_low                             29.325 
_refine.pdbx_ls_sigma_F                          0.000 
_refine.pdbx_data_cutoff_high_absF               ? 
_refine.pdbx_data_cutoff_low_absF                ? 
_refine.ls_percent_reflns_obs                    99.8500 
_refine.ls_number_reflns_obs                     21775 
_refine.ls_number_reflns_all                     ? 
_refine.pdbx_ls_cross_valid_method               THROUGHOUT 
_refine.pdbx_R_Free_selection_details            RANDOM 
_refine.details                                  
;HYDROGENS HAVE BEEN ADDED IN THE RIDING POSITIONS. 2. A MET-INHIBITION PROTOCOL WAS USED FOR SELENOMETHIONINE INCORPORATION DURING PROTEIN EXPRESSION. THE OCCUPANCY OF THE SE ATOMS IN THE MSE RESIDUES WAS REDUCED TO 0.75 FOR THE REDUCED SCATTERING POWER DUE TO PARTIAL S-MET INCORPORATION. 3. THE SIDECHAIN OF CYS A109 SHOWS MULTIPLE CONFORMATIONS. IT WAS MODELED WITH A DISULFIDE BOND BETWEEN CONFORMER A AND THE SYMMETRY RELATED CONFORMER A.  CONFORMERS B AND C WERE MODELED AS NOT FORMING A DISULFIDE BOND TO SYMMETRY RELATED ATOMS.
;
_refine.ls_R_factor_all                          ? 
_refine.ls_R_factor_obs                          0.1636 
_refine.ls_R_factor_R_work                       0.1616 
_refine.ls_wR_factor_R_work                      ? 
_refine.ls_R_factor_R_free                       0.2043 
_refine.ls_wR_factor_R_free                      ? 
_refine.ls_percent_reflns_R_free                 5.1000 
_refine.ls_number_reflns_R_free                  1111 
_refine.ls_R_factor_R_free_error                 ? 
_refine.B_iso_mean                               21.8402 
_refine.solvent_model_param_bsol                 ? 
_refine.solvent_model_param_ksol                 ? 
_refine.pdbx_isotropic_thermal_model             ? 
_refine.aniso_B[1][1]                            -0.3200 
_refine.aniso_B[2][2]                            -0.3200 
_refine.aniso_B[3][3]                            0.4800 
_refine.aniso_B[1][2]                            -0.1600 
_refine.aniso_B[1][3]                            0.0000 
_refine.aniso_B[2][3]                            0.0000 
_refine.correlation_coeff_Fo_to_Fc               0.9680 
_refine.correlation_coeff_Fo_to_Fc_free          0.9420 
_refine.overall_SU_R_Cruickshank_DPI             ? 
_refine.overall_SU_R_free                        ? 
_refine.pdbx_overall_ESU_R_Free                  0.0590 
_refine.overall_SU_ML                            0.0330 
_refine.overall_SU_B                             1.8120 
_refine.solvent_model_details                    'BABINET MODEL WITH MASK' 
_refine.pdbx_solvent_vdw_probe_radii             1.4000 
_refine.pdbx_solvent_ion_probe_radii             0.8000 
_refine.pdbx_solvent_shrinkage_radii             0.8000 
_refine.ls_number_parameters                     ? 
_refine.ls_number_restraints                     ? 
_refine.pdbx_starting_model                      ? 
_refine.pdbx_method_to_determine_struct          MAD 
_refine.pdbx_stereochemistry_target_values       'MAXIMUM LIKELIHOOD WITH PHASES' 
_refine.pdbx_stereochem_target_val_spec_case     ? 
_refine.overall_FOM_work_R_set                   ? 
_refine.B_iso_max                                65.970 
_refine.B_iso_min                                11.640 
_refine.pdbx_overall_phase_error                 ? 
_refine.occupancy_max                            1.000 
_refine.occupancy_min                            0.200 
_refine.pdbx_ls_sigma_I                          ? 
_refine.ls_redundancy_reflns_obs                 ? 
_refine.ls_R_factor_R_free_error_details         ? 
_refine.pdbx_data_cutoff_high_rms_absF           ? 
_refine.overall_FOM_free_R_set                   ? 
_refine.pdbx_diffrn_id                           1 
_refine.pdbx_refine_id                           'X-RAY DIFFRACTION' 
_refine.pdbx_overall_ESU_R                       0.060 
_refine.pdbx_TLS_residual_ADP_flag               ? 
_refine.pdbx_overall_SU_R_free_Cruickshank_DPI   ? 
_refine.pdbx_overall_SU_R_Blow_DPI               ? 
_refine.pdbx_overall_SU_R_free_Blow_DPI          ? 
# 
_refine_hist.pdbx_refine_id                   'X-RAY DIFFRACTION' 
_refine_hist.cycle_id                         LAST 
_refine_hist.pdbx_number_atoms_protein        648 
_refine_hist.pdbx_number_atoms_nucleic_acid   0 
_refine_hist.pdbx_number_atoms_ligand         0 
_refine_hist.number_atoms_solvent             99 
_refine_hist.number_atoms_total               747 
_refine_hist.d_res_high                       1.4000 
_refine_hist.d_res_low                        29.325 
# 
loop_
_refine_ls_restr.type 
_refine_ls_restr.number 
_refine_ls_restr.dev_ideal 
_refine_ls_restr.dev_ideal_target 
_refine_ls_restr.weight 
_refine_ls_restr.pdbx_restraint_function 
_refine_ls_restr.pdbx_refine_id 
r_bond_refined_d       790  0.014  0.022  ? ? 'X-RAY DIFFRACTION' 
r_bond_other_d         499  0.001  0.020  ? ? 'X-RAY DIFFRACTION' 
r_angle_refined_deg    1098 1.666  1.963  ? ? 'X-RAY DIFFRACTION' 
r_angle_other_deg      1271 0.966  3.000  ? ? 'X-RAY DIFFRACTION' 
r_dihedral_angle_1_deg 116  8.515  5.000  ? ? 'X-RAY DIFFRACTION' 
r_dihedral_angle_2_deg 30   40.493 26.333 ? ? 'X-RAY DIFFRACTION' 
r_dihedral_angle_3_deg 144  12.485 15.000 ? ? 'X-RAY DIFFRACTION' 
r_chiral_restr         135  0.105  0.200  ? ? 'X-RAY DIFFRACTION' 
r_gen_planes_refined   900  0.008  0.021  ? ? 'X-RAY DIFFRACTION' 
r_gen_planes_other     136  0.006  0.020  ? ? 'X-RAY DIFFRACTION' 
r_mcbond_it            499  1.608  1.500  ? ? 'X-RAY DIFFRACTION' 
r_mcbond_other         196  0.634  1.500  ? ? 'X-RAY DIFFRACTION' 
r_mcangle_it           835  2.659  2.000  ? ? 'X-RAY DIFFRACTION' 
r_scbond_it            291  3.488  3.000  ? ? 'X-RAY DIFFRACTION' 
r_scangle_it           249  5.192  4.500  ? ? 'X-RAY DIFFRACTION' 
r_rigid_bond_restr     1289 1.579  3.000  ? ? 'X-RAY DIFFRACTION' 
r_sphericity_free      104  7.065  3.000  ? ? 'X-RAY DIFFRACTION' 
r_sphericity_bonded    1257 3.714  3.000  ? ? 'X-RAY DIFFRACTION' 
# 
_refine_ls_shell.d_res_high                       1.4010 
_refine_ls_shell.d_res_low                        1.4370 
_refine_ls_shell.pdbx_total_number_of_bins_used   20 
_refine_ls_shell.percent_reflns_obs               99.4300 
_refine_ls_shell.number_reflns_R_work             1484 
_refine_ls_shell.R_factor_all                     ? 
_refine_ls_shell.R_factor_R_work                  0.2020 
_refine_ls_shell.R_factor_R_free                  0.2080 
_refine_ls_shell.percent_reflns_R_free            ? 
_refine_ls_shell.number_reflns_R_free             89 
_refine_ls_shell.R_factor_R_free_error            ? 
_refine_ls_shell.number_reflns_all                1573 
_refine_ls_shell.number_reflns_obs                ? 
_refine_ls_shell.redundancy_reflns_obs            ? 
_refine_ls_shell.pdbx_refine_id                   'X-RAY DIFFRACTION' 
# 
_struct.entry_id                  3SD2 
_struct.title                     
;Crystal structure of a putative member of duf3244 protein family (BT_3571) from Bacteroides thetaiotaomicron vpi-5482 at 1.40 A resolution
;
_struct.pdbx_model_details        ? 
_struct.pdbx_CASP_flag            ? 
_struct.pdbx_model_type_details   ? 
# 
_struct_keywords.text            
;Immunoglobulin-like beta-sandwich, Structural Genomics, Joint Center for Structural Genomics, JCSG, Protein Structure Initiative, PSI-BIOLOGY, UNKNOWN FUNCTION
;
_struct_keywords.pdbx_keywords   'UNKNOWN FUNCTION' 
_struct_keywords.entry_id        3SD2 
# 
loop_
_struct_asym.id 
_struct_asym.pdbx_blank_PDB_chainid_flag 
_struct_asym.pdbx_modified 
_struct_asym.entity_id 
_struct_asym.details 
A N N 1 ? 
B N N 2 ? 
# 
_struct_ref.id                         1 
_struct_ref.db_name                    UNP 
_struct_ref.db_code                    Q8A1T7_BACTN 
_struct_ref.pdbx_db_accession          Q8A1T7 
_struct_ref.entity_id                  1 
_struct_ref.pdbx_seq_one_letter_code   
;ANSNDIHLLKDSRSNPMGIPIQPTYEKCAILSNILNVSFGRAKDYAIITVTNKATGEIVHSKTYHNTSIVMIDMSSCEKG
EYTIHIILNDCLLEGTFTVQ
;
_struct_ref.pdbx_align_begin           19 
_struct_ref.pdbx_db_isoform            ? 
# 
_struct_ref_seq.align_id                      1 
_struct_ref_seq.ref_id                        1 
_struct_ref_seq.pdbx_PDB_id_code              3SD2 
_struct_ref_seq.pdbx_strand_id                A 
_struct_ref_seq.seq_align_beg                 2 
_struct_ref_seq.pdbx_seq_align_beg_ins_code   ? 
_struct_ref_seq.seq_align_end                 101 
_struct_ref_seq.pdbx_seq_align_end_ins_code   ? 
_struct_ref_seq.pdbx_db_accession             Q8A1T7 
_struct_ref_seq.db_align_beg                  19 
_struct_ref_seq.pdbx_db_align_beg_ins_code    ? 
_struct_ref_seq.db_align_end                  118 
_struct_ref_seq.pdbx_db_align_end_ins_code    ? 
_struct_ref_seq.pdbx_auth_seq_align_beg       19 
_struct_ref_seq.pdbx_auth_seq_align_end       118 
# 
_struct_ref_seq_dif.align_id                     1 
_struct_ref_seq_dif.pdbx_pdb_id_code             3SD2 
_struct_ref_seq_dif.mon_id                       GLY 
_struct_ref_seq_dif.pdbx_pdb_strand_id           A 
_struct_ref_seq_dif.seq_num                      1 
_struct_ref_seq_dif.pdbx_pdb_ins_code            ? 
_struct_ref_seq_dif.pdbx_seq_db_name             UNP 
_struct_ref_seq_dif.pdbx_seq_db_accession_code   Q8A1T7 
_struct_ref_seq_dif.db_mon_id                    ? 
_struct_ref_seq_dif.pdbx_seq_db_seq_num          ? 
_struct_ref_seq_dif.details                      'expression tag' 
_struct_ref_seq_dif.pdbx_auth_seq_num            0 
_struct_ref_seq_dif.pdbx_ordinal                 1 
# 
_pdbx_struct_assembly.id                   1 
_pdbx_struct_assembly.details              author_and_software_defined_assembly 
_pdbx_struct_assembly.method_details       PISA 
_pdbx_struct_assembly.oligomeric_details   dimeric 
_pdbx_struct_assembly.oligomeric_count     2 
# 
loop_
_pdbx_struct_assembly_prop.biol_id 
_pdbx_struct_assembly_prop.type 
_pdbx_struct_assembly_prop.value 
_pdbx_struct_assembly_prop.details 
1 'ABSA (A^2)' 2580 ? 
1 MORE         -17  ? 
1 'SSA (A^2)'  9000 ? 
# 
_pdbx_struct_assembly_gen.assembly_id       1 
_pdbx_struct_assembly_gen.oper_expression   1,2 
_pdbx_struct_assembly_gen.asym_id_list      A,B 
# 
loop_
_pdbx_struct_oper_list.id 
_pdbx_struct_oper_list.type 
_pdbx_struct_oper_list.name 
_pdbx_struct_oper_list.symmetry_operation 
_pdbx_struct_oper_list.matrix[1][1] 
_pdbx_struct_oper_list.matrix[1][2] 
_pdbx_struct_oper_list.matrix[1][3] 
_pdbx_struct_oper_list.vector[1] 
_pdbx_struct_oper_list.matrix[2][1] 
_pdbx_struct_oper_list.matrix[2][2] 
_pdbx_struct_oper_list.matrix[2][3] 
_pdbx_struct_oper_list.vector[2] 
_pdbx_struct_oper_list.matrix[3][1] 
_pdbx_struct_oper_list.matrix[3][2] 
_pdbx_struct_oper_list.matrix[3][3] 
_pdbx_struct_oper_list.vector[3] 
1 'identity operation'         1_555 x,y,z         1.0000000000 0.0000000000 0.0000000000 0.0000000000  0.0000000000 1.0000000000  0.0000000000 0.0000000000  0.0000000000 0.0000000000 1.0000000000  0.0000000000  
2 'crystal symmetry operation' 5_555 x-y,-y,-z+1/3 0.0944482771 0.2432663596 0.9653501962 -0.2129502349 0.2432663596 -0.9459284436 0.2145713351 19.9321227778 0.9653501962 0.2145713351 -0.1485198334 -4.7814274534 
# 
_struct_biol.id        1 
_struct_biol.details   'CRYSTAL PACKING ANALYSIS SUGGESTS THE ASSIGNMENT OF A DIMER AS THE SIGNIFICANT OLIGOMERIZATION STATE.' 
# 
loop_
_struct_conn.id 
_struct_conn.conn_type_id 
_struct_conn.pdbx_leaving_atom_flag 
_struct_conn.pdbx_PDB_id 
_struct_conn.ptnr1_label_asym_id 
_struct_conn.ptnr1_label_comp_id 
_struct_conn.ptnr1_label_seq_id 
_struct_conn.ptnr1_label_atom_id 
_struct_conn.pdbx_ptnr1_label_alt_id 
_struct_conn.pdbx_ptnr1_PDB_ins_code 
_struct_conn.pdbx_ptnr1_standard_comp_id 
_struct_conn.ptnr1_symmetry 
_struct_conn.ptnr2_label_asym_id 
_struct_conn.ptnr2_label_comp_id 
_struct_conn.ptnr2_label_seq_id 
_struct_conn.ptnr2_label_atom_id 
_struct_conn.pdbx_ptnr2_label_alt_id 
_struct_conn.pdbx_ptnr2_PDB_ins_code 
_struct_conn.ptnr1_auth_asym_id 
_struct_conn.ptnr1_auth_comp_id 
_struct_conn.ptnr1_auth_seq_id 
_struct_conn.ptnr2_auth_asym_id 
_struct_conn.ptnr2_auth_comp_id 
_struct_conn.ptnr2_auth_seq_id 
_struct_conn.ptnr2_symmetry 
_struct_conn.pdbx_ptnr3_label_atom_id 
_struct_conn.pdbx_ptnr3_label_seq_id 
_struct_conn.pdbx_ptnr3_label_comp_id 
_struct_conn.pdbx_ptnr3_label_asym_id 
_struct_conn.pdbx_ptnr3_label_alt_id 
_struct_conn.pdbx_ptnr3_PDB_ins_code 
_struct_conn.details 
_struct_conn.pdbx_dist_value 
_struct_conn.pdbx_value_order 
_struct_conn.pdbx_role 
disulf1 disulf ?    ? A CYS 92 SG A ? ? 1_555 A CYS 92 SG A ? A CYS 109 A CYS 109 5_555 ? ? ? ? ? ? ? 2.067 ? ? 
covale1 covale both ? A PRO 17 C  A ? ? 1_555 A MSE 18 N  ? ? A PRO 34  A MSE 35  1_555 ? ? ? ? ? ? ? 1.333 ? ? 
covale2 covale both ? A PRO 17 C  B ? ? 1_555 A MSE 18 N  ? ? A PRO 34  A MSE 35  1_555 ? ? ? ? ? ? ? 1.340 ? ? 
covale3 covale both ? A MSE 18 C  ? ? ? 1_555 A GLY 19 N  ? ? A MSE 35  A GLY 36  1_555 ? ? ? ? ? ? ? 1.330 ? ? 
covale4 covale both ? A VAL 71 C  ? ? ? 1_555 A MSE 72 N  ? ? A VAL 88  A MSE 89  1_555 ? ? ? ? ? ? ? 1.322 ? ? 
covale5 covale both ? A MSE 72 C  ? ? ? 1_555 A ILE 73 N  ? ? A MSE 89  A ILE 90  1_555 ? ? ? ? ? ? ? 1.326 ? ? 
covale6 covale both ? A ASP 74 C  ? ? ? 1_555 A MSE 75 N  ? ? A ASP 91  A MSE 92  1_555 ? ? ? ? ? ? ? 1.327 ? ? 
covale7 covale both ? A MSE 75 C  ? ? ? 1_555 A SER 76 N  ? ? A MSE 92  A SER 93  1_555 ? ? ? ? ? ? ? 1.333 ? ? 
# 
loop_
_struct_conn_type.id 
_struct_conn_type.criteria 
_struct_conn_type.reference 
disulf ? ? 
covale ? ? 
# 
loop_
_pdbx_modification_feature.ordinal 
_pdbx_modification_feature.label_comp_id 
_pdbx_modification_feature.label_asym_id 
_pdbx_modification_feature.label_seq_id 
_pdbx_modification_feature.label_alt_id 
_pdbx_modification_feature.modified_residue_label_comp_id 
_pdbx_modification_feature.modified_residue_label_asym_id 
_pdbx_modification_feature.modified_residue_label_seq_id 
_pdbx_modification_feature.modified_residue_label_alt_id 
_pdbx_modification_feature.auth_comp_id 
_pdbx_modification_feature.auth_asym_id 
_pdbx_modification_feature.auth_seq_id 
_pdbx_modification_feature.PDB_ins_code 
_pdbx_modification_feature.symmetry 
_pdbx_modification_feature.modified_residue_auth_comp_id 
_pdbx_modification_feature.modified_residue_auth_asym_id 
_pdbx_modification_feature.modified_residue_auth_seq_id 
_pdbx_modification_feature.modified_residue_PDB_ins_code 
_pdbx_modification_feature.modified_residue_symmetry 
_pdbx_modification_feature.comp_id_linking_atom 
_pdbx_modification_feature.modified_residue_id_linking_atom 
_pdbx_modification_feature.modified_residue_id 
_pdbx_modification_feature.ref_pcm_id 
_pdbx_modification_feature.ref_comp_id 
_pdbx_modification_feature.type 
_pdbx_modification_feature.category 
1 MSE A 18 ? .   . .  . MSE A 35  ? 1_555 .   . .   . .     .  .  MET 1 MSE Selenomethionine 'Named protein modification' 
2 MSE A 72 ? .   . .  . MSE A 89  ? 1_555 .   . .   . .     .  .  MET 1 MSE Selenomethionine 'Named protein modification' 
3 MSE A 75 ? .   . .  . MSE A 92  ? 1_555 .   . .   . .     .  .  MET 1 MSE Selenomethionine 'Named protein modification' 
4 CYS A 92 A CYS A 92 A CYS A 109 ? 1_555 CYS A 109 ? 5_555 SG SG .   . .   None             'Disulfide bridge'           
# 
loop_
_struct_sheet.id 
_struct_sheet.type 
_struct_sheet.number_strands 
_struct_sheet.details 
A ? 3 ? 
B ? 4 ? 
# 
loop_
_struct_sheet_order.sheet_id 
_struct_sheet_order.range_id_1 
_struct_sheet_order.range_id_2 
_struct_sheet_order.offset 
_struct_sheet_order.sense 
A 1 2 ? anti-parallel 
A 2 3 ? anti-parallel 
B 1 2 ? anti-parallel 
B 2 3 ? anti-parallel 
B 3 4 ? anti-parallel 
# 
loop_
_struct_sheet_range.sheet_id 
_struct_sheet_range.id 
_struct_sheet_range.beg_label_comp_id 
_struct_sheet_range.beg_label_asym_id 
_struct_sheet_range.beg_label_seq_id 
_struct_sheet_range.pdbx_beg_PDB_ins_code 
_struct_sheet_range.end_label_comp_id 
_struct_sheet_range.end_label_asym_id 
_struct_sheet_range.end_label_seq_id 
_struct_sheet_range.pdbx_end_PDB_ins_code 
_struct_sheet_range.beg_auth_comp_id 
_struct_sheet_range.beg_auth_asym_id 
_struct_sheet_range.beg_auth_seq_id 
_struct_sheet_range.end_auth_comp_id 
_struct_sheet_range.end_auth_asym_id 
_struct_sheet_range.end_auth_seq_id 
A 1 GLU A 27 ? LEU A 32  ? GLU A 44  LEU A 49  
A 2 ILE A 35 ? PHE A 40  ? ILE A 52  PHE A 57  
A 3 ILE A 70 ? ASP A 74  ? ILE A 87  ASP A 91  
B 1 ILE A 59 ? TYR A 65  ? ILE A 76  TYR A 82  
B 2 ALA A 47 ? ASN A 53  ? ALA A 64  ASN A 70  
B 3 GLY A 81 ? LEU A 89  ? GLY A 98  LEU A 106 
B 4 CYS A 92 ? VAL A 100 ? CYS A 109 VAL A 117 
# 
loop_
_pdbx_struct_sheet_hbond.sheet_id 
_pdbx_struct_sheet_hbond.range_id_1 
_pdbx_struct_sheet_hbond.range_id_2 
_pdbx_struct_sheet_hbond.range_1_label_atom_id 
_pdbx_struct_sheet_hbond.range_1_label_comp_id 
_pdbx_struct_sheet_hbond.range_1_label_asym_id 
_pdbx_struct_sheet_hbond.range_1_label_seq_id 
_pdbx_struct_sheet_hbond.range_1_PDB_ins_code 
_pdbx_struct_sheet_hbond.range_1_auth_atom_id 
_pdbx_struct_sheet_hbond.range_1_auth_comp_id 
_pdbx_struct_sheet_hbond.range_1_auth_asym_id 
_pdbx_struct_sheet_hbond.range_1_auth_seq_id 
_pdbx_struct_sheet_hbond.range_2_label_atom_id 
_pdbx_struct_sheet_hbond.range_2_label_comp_id 
_pdbx_struct_sheet_hbond.range_2_label_asym_id 
_pdbx_struct_sheet_hbond.range_2_label_seq_id 
_pdbx_struct_sheet_hbond.range_2_PDB_ins_code 
_pdbx_struct_sheet_hbond.range_2_auth_atom_id 
_pdbx_struct_sheet_hbond.range_2_auth_comp_id 
_pdbx_struct_sheet_hbond.range_2_auth_asym_id 
_pdbx_struct_sheet_hbond.range_2_auth_seq_id 
A 1 2 N ALA A 30 ? N ALA A 47  O ASN A 37 ? O ASN A 54  
A 2 3 N VAL A 38 ? N VAL A 55  O VAL A 71 ? O VAL A 88  
B 1 2 O TYR A 65 ? O TYR A 82  N ALA A 47 ? N ALA A 64  
B 2 3 N THR A 50 ? N THR A 67  O HIS A 86 ? O HIS A 103 
B 3 4 N ILE A 87 ? N ILE A 104 O LEU A 94 ? O LEU A 111 
# 
_pdbx_entry_details.entry_id                   3SD2 
_pdbx_entry_details.compound_details           ? 
_pdbx_entry_details.source_details             ? 
_pdbx_entry_details.nonpolymer_details         ? 
_pdbx_entry_details.sequence_details           
;THIS CONSTRUCT (RESIDUES 19-118) WAS EXPRESSED WITH A PURIFICATION TAG MGSDKIHHHHHHENLYFQG. THE TAG WAS REMOVED WITH TEV PROTEASE LEAVING ONLY A GLYCINE (0) FOLLOWED BY THE TARGET SEQUENCE.
;
_pdbx_entry_details.has_ligand_of_interest     ? 
_pdbx_entry_details.has_protein_modification   Y 
# 
loop_
_pdbx_validate_torsion.id 
_pdbx_validate_torsion.PDB_model_num 
_pdbx_validate_torsion.auth_comp_id 
_pdbx_validate_torsion.auth_asym_id 
_pdbx_validate_torsion.auth_seq_id 
_pdbx_validate_torsion.PDB_ins_code 
_pdbx_validate_torsion.label_alt_id 
_pdbx_validate_torsion.phi 
_pdbx_validate_torsion.psi 
1 1 SER A 79  ? ? -160.02 111.11  
2 1 ASN A 107 ? A -3.37   -110.85 
3 1 ASN A 107 ? B 51.16   -103.87 
4 1 ASP A 108 ? A -107.65 78.91   
# 
_pdbx_validate_peptide_omega.id               1 
_pdbx_validate_peptide_omega.PDB_model_num    1 
_pdbx_validate_peptide_omega.auth_comp_id_1   ASP 
_pdbx_validate_peptide_omega.auth_asym_id_1   A 
_pdbx_validate_peptide_omega.auth_seq_id_1    108 
_pdbx_validate_peptide_omega.PDB_ins_code_1   ? 
_pdbx_validate_peptide_omega.label_alt_id_1   A 
_pdbx_validate_peptide_omega.auth_comp_id_2   CYS 
_pdbx_validate_peptide_omega.auth_asym_id_2   A 
_pdbx_validate_peptide_omega.auth_seq_id_2    109 
_pdbx_validate_peptide_omega.PDB_ins_code_2   ? 
_pdbx_validate_peptide_omega.label_alt_id_2   A 
_pdbx_validate_peptide_omega.omega            135.95 
# 
_pdbx_SG_project.project_name          PSI:Biology 
_pdbx_SG_project.full_name_of_center   'Joint Center for Structural Genomics' 
_pdbx_SG_project.id                    1 
_pdbx_SG_project.initial_of_center     JCSG 
# 
loop_
_pdbx_struct_mod_residue.id 
_pdbx_struct_mod_residue.label_asym_id 
_pdbx_struct_mod_residue.label_comp_id 
_pdbx_struct_mod_residue.label_seq_id 
_pdbx_struct_mod_residue.auth_asym_id 
_pdbx_struct_mod_residue.auth_comp_id 
_pdbx_struct_mod_residue.auth_seq_id 
_pdbx_struct_mod_residue.PDB_ins_code 
_pdbx_struct_mod_residue.parent_comp_id 
_pdbx_struct_mod_residue.details 
1 A MSE 18 A MSE 35 ? MET SELENOMETHIONINE 
2 A MSE 72 A MSE 89 ? MET SELENOMETHIONINE 
3 A MSE 75 A MSE 92 ? MET SELENOMETHIONINE 
# 
_pdbx_struct_special_symmetry.id              1 
_pdbx_struct_special_symmetry.PDB_model_num   1 
_pdbx_struct_special_symmetry.auth_asym_id    A 
_pdbx_struct_special_symmetry.auth_comp_id    ASN 
_pdbx_struct_special_symmetry.auth_seq_id     107 
_pdbx_struct_special_symmetry.PDB_ins_code    ? 
_pdbx_struct_special_symmetry.label_asym_id   A 
_pdbx_struct_special_symmetry.label_comp_id   ASN 
_pdbx_struct_special_symmetry.label_seq_id    90 
# 
_phasing.method   MAD 
# 
loop_
_pdbx_unobs_or_zero_occ_residues.id 
_pdbx_unobs_or_zero_occ_residues.PDB_model_num 
_pdbx_unobs_or_zero_occ_residues.polymer_flag 
_pdbx_unobs_or_zero_occ_residues.occupancy_flag 
_pdbx_unobs_or_zero_occ_residues.auth_asym_id 
_pdbx_unobs_or_zero_occ_residues.auth_comp_id 
_pdbx_unobs_or_zero_occ_residues.auth_seq_id 
_pdbx_unobs_or_zero_occ_residues.PDB_ins_code 
_pdbx_unobs_or_zero_occ_residues.label_asym_id 
_pdbx_unobs_or_zero_occ_residues.label_comp_id 
_pdbx_unobs_or_zero_occ_residues.label_seq_id 
1  1 Y 1 A GLY 0  ? A GLY 1  
2  1 Y 1 A ALA 19 ? A ALA 2  
3  1 Y 1 A ASN 20 ? A ASN 3  
4  1 Y 1 A SER 21 ? A SER 4  
5  1 Y 1 A ASN 22 ? A ASN 5  
6  1 Y 1 A ASP 23 ? A ASP 6  
7  1 Y 1 A ILE 24 ? A ILE 7  
8  1 Y 1 A HIS 25 ? A HIS 8  
9  1 Y 1 A LEU 26 ? A LEU 9  
10 1 Y 1 A LEU 27 ? A LEU 10 
11 1 Y 1 A LYS 28 ? A LYS 11 
12 1 Y 1 A ASP 29 ? A ASP 12 
13 1 Y 1 A SER 30 ? A SER 13 
14 1 Y 1 A ARG 31 ? A ARG 14 
15 1 Y 1 A SER 32 ? A SER 15 
# 
loop_
_chem_comp_atom.comp_id 
_chem_comp_atom.atom_id 
_chem_comp_atom.type_symbol 
_chem_comp_atom.pdbx_aromatic_flag 
_chem_comp_atom.pdbx_stereo_config 
_chem_comp_atom.pdbx_ordinal 
ALA N    N  N N 1   
ALA CA   C  N S 2   
ALA C    C  N N 3   
ALA O    O  N N 4   
ALA CB   C  N N 5   
ALA OXT  O  N N 6   
ALA H    H  N N 7   
ALA H2   H  N N 8   
ALA HA   H  N N 9   
ALA HB1  H  N N 10  
ALA HB2  H  N N 11  
ALA HB3  H  N N 12  
ALA HXT  H  N N 13  
ARG N    N  N N 14  
ARG CA   C  N S 15  
ARG C    C  N N 16  
ARG O    O  N N 17  
ARG CB   C  N N 18  
ARG CG   C  N N 19  
ARG CD   C  N N 20  
ARG NE   N  N N 21  
ARG CZ   C  N N 22  
ARG NH1  N  N N 23  
ARG NH2  N  N N 24  
ARG OXT  O  N N 25  
ARG H    H  N N 26  
ARG H2   H  N N 27  
ARG HA   H  N N 28  
ARG HB2  H  N N 29  
ARG HB3  H  N N 30  
ARG HG2  H  N N 31  
ARG HG3  H  N N 32  
ARG HD2  H  N N 33  
ARG HD3  H  N N 34  
ARG HE   H  N N 35  
ARG HH11 H  N N 36  
ARG HH12 H  N N 37  
ARG HH21 H  N N 38  
ARG HH22 H  N N 39  
ARG HXT  H  N N 40  
ASN N    N  N N 41  
ASN CA   C  N S 42  
ASN C    C  N N 43  
ASN O    O  N N 44  
ASN CB   C  N N 45  
ASN CG   C  N N 46  
ASN OD1  O  N N 47  
ASN ND2  N  N N 48  
ASN OXT  O  N N 49  
ASN H    H  N N 50  
ASN H2   H  N N 51  
ASN HA   H  N N 52  
ASN HB2  H  N N 53  
ASN HB3  H  N N 54  
ASN HD21 H  N N 55  
ASN HD22 H  N N 56  
ASN HXT  H  N N 57  
ASP N    N  N N 58  
ASP CA   C  N S 59  
ASP C    C  N N 60  
ASP O    O  N N 61  
ASP CB   C  N N 62  
ASP CG   C  N N 63  
ASP OD1  O  N N 64  
ASP OD2  O  N N 65  
ASP OXT  O  N N 66  
ASP H    H  N N 67  
ASP H2   H  N N 68  
ASP HA   H  N N 69  
ASP HB2  H  N N 70  
ASP HB3  H  N N 71  
ASP HD2  H  N N 72  
ASP HXT  H  N N 73  
CYS N    N  N N 74  
CYS CA   C  N R 75  
CYS C    C  N N 76  
CYS O    O  N N 77  
CYS CB   C  N N 78  
CYS SG   S  N N 79  
CYS OXT  O  N N 80  
CYS H    H  N N 81  
CYS H2   H  N N 82  
CYS HA   H  N N 83  
CYS HB2  H  N N 84  
CYS HB3  H  N N 85  
CYS HG   H  N N 86  
CYS HXT  H  N N 87  
GLN N    N  N N 88  
GLN CA   C  N S 89  
GLN C    C  N N 90  
GLN O    O  N N 91  
GLN CB   C  N N 92  
GLN CG   C  N N 93  
GLN CD   C  N N 94  
GLN OE1  O  N N 95  
GLN NE2  N  N N 96  
GLN OXT  O  N N 97  
GLN H    H  N N 98  
GLN H2   H  N N 99  
GLN HA   H  N N 100 
GLN HB2  H  N N 101 
GLN HB3  H  N N 102 
GLN HG2  H  N N 103 
GLN HG3  H  N N 104 
GLN HE21 H  N N 105 
GLN HE22 H  N N 106 
GLN HXT  H  N N 107 
GLU N    N  N N 108 
GLU CA   C  N S 109 
GLU C    C  N N 110 
GLU O    O  N N 111 
GLU CB   C  N N 112 
GLU CG   C  N N 113 
GLU CD   C  N N 114 
GLU OE1  O  N N 115 
GLU OE2  O  N N 116 
GLU OXT  O  N N 117 
GLU H    H  N N 118 
GLU H2   H  N N 119 
GLU HA   H  N N 120 
GLU HB2  H  N N 121 
GLU HB3  H  N N 122 
GLU HG2  H  N N 123 
GLU HG3  H  N N 124 
GLU HE2  H  N N 125 
GLU HXT  H  N N 126 
GLY N    N  N N 127 
GLY CA   C  N N 128 
GLY C    C  N N 129 
GLY O    O  N N 130 
GLY OXT  O  N N 131 
GLY H    H  N N 132 
GLY H2   H  N N 133 
GLY HA2  H  N N 134 
GLY HA3  H  N N 135 
GLY HXT  H  N N 136 
HIS N    N  N N 137 
HIS CA   C  N S 138 
HIS C    C  N N 139 
HIS O    O  N N 140 
HIS CB   C  N N 141 
HIS CG   C  Y N 142 
HIS ND1  N  Y N 143 
HIS CD2  C  Y N 144 
HIS CE1  C  Y N 145 
HIS NE2  N  Y N 146 
HIS OXT  O  N N 147 
HIS H    H  N N 148 
HIS H2   H  N N 149 
HIS HA   H  N N 150 
HIS HB2  H  N N 151 
HIS HB3  H  N N 152 
HIS HD1  H  N N 153 
HIS HD2  H  N N 154 
HIS HE1  H  N N 155 
HIS HE2  H  N N 156 
HIS HXT  H  N N 157 
HOH O    O  N N 158 
HOH H1   H  N N 159 
HOH H2   H  N N 160 
ILE N    N  N N 161 
ILE CA   C  N S 162 
ILE C    C  N N 163 
ILE O    O  N N 164 
ILE CB   C  N S 165 
ILE CG1  C  N N 166 
ILE CG2  C  N N 167 
ILE CD1  C  N N 168 
ILE OXT  O  N N 169 
ILE H    H  N N 170 
ILE H2   H  N N 171 
ILE HA   H  N N 172 
ILE HB   H  N N 173 
ILE HG12 H  N N 174 
ILE HG13 H  N N 175 
ILE HG21 H  N N 176 
ILE HG22 H  N N 177 
ILE HG23 H  N N 178 
ILE HD11 H  N N 179 
ILE HD12 H  N N 180 
ILE HD13 H  N N 181 
ILE HXT  H  N N 182 
LEU N    N  N N 183 
LEU CA   C  N S 184 
LEU C    C  N N 185 
LEU O    O  N N 186 
LEU CB   C  N N 187 
LEU CG   C  N N 188 
LEU CD1  C  N N 189 
LEU CD2  C  N N 190 
LEU OXT  O  N N 191 
LEU H    H  N N 192 
LEU H2   H  N N 193 
LEU HA   H  N N 194 
LEU HB2  H  N N 195 
LEU HB3  H  N N 196 
LEU HG   H  N N 197 
LEU HD11 H  N N 198 
LEU HD12 H  N N 199 
LEU HD13 H  N N 200 
LEU HD21 H  N N 201 
LEU HD22 H  N N 202 
LEU HD23 H  N N 203 
LEU HXT  H  N N 204 
LYS N    N  N N 205 
LYS CA   C  N S 206 
LYS C    C  N N 207 
LYS O    O  N N 208 
LYS CB   C  N N 209 
LYS CG   C  N N 210 
LYS CD   C  N N 211 
LYS CE   C  N N 212 
LYS NZ   N  N N 213 
LYS OXT  O  N N 214 
LYS H    H  N N 215 
LYS H2   H  N N 216 
LYS HA   H  N N 217 
LYS HB2  H  N N 218 
LYS HB3  H  N N 219 
LYS HG2  H  N N 220 
LYS HG3  H  N N 221 
LYS HD2  H  N N 222 
LYS HD3  H  N N 223 
LYS HE2  H  N N 224 
LYS HE3  H  N N 225 
LYS HZ1  H  N N 226 
LYS HZ2  H  N N 227 
LYS HZ3  H  N N 228 
LYS HXT  H  N N 229 
MSE N    N  N N 230 
MSE CA   C  N S 231 
MSE C    C  N N 232 
MSE O    O  N N 233 
MSE OXT  O  N N 234 
MSE CB   C  N N 235 
MSE CG   C  N N 236 
MSE SE   SE N N 237 
MSE CE   C  N N 238 
MSE H    H  N N 239 
MSE H2   H  N N 240 
MSE HA   H  N N 241 
MSE HXT  H  N N 242 
MSE HB2  H  N N 243 
MSE HB3  H  N N 244 
MSE HG2  H  N N 245 
MSE HG3  H  N N 246 
MSE HE1  H  N N 247 
MSE HE2  H  N N 248 
MSE HE3  H  N N 249 
PHE N    N  N N 250 
PHE CA   C  N S 251 
PHE C    C  N N 252 
PHE O    O  N N 253 
PHE CB   C  N N 254 
PHE CG   C  Y N 255 
PHE CD1  C  Y N 256 
PHE CD2  C  Y N 257 
PHE CE1  C  Y N 258 
PHE CE2  C  Y N 259 
PHE CZ   C  Y N 260 
PHE OXT  O  N N 261 
PHE H    H  N N 262 
PHE H2   H  N N 263 
PHE HA   H  N N 264 
PHE HB2  H  N N 265 
PHE HB3  H  N N 266 
PHE HD1  H  N N 267 
PHE HD2  H  N N 268 
PHE HE1  H  N N 269 
PHE HE2  H  N N 270 
PHE HZ   H  N N 271 
PHE HXT  H  N N 272 
PRO N    N  N N 273 
PRO CA   C  N S 274 
PRO C    C  N N 275 
PRO O    O  N N 276 
PRO CB   C  N N 277 
PRO CG   C  N N 278 
PRO CD   C  N N 279 
PRO OXT  O  N N 280 
PRO H    H  N N 281 
PRO HA   H  N N 282 
PRO HB2  H  N N 283 
PRO HB3  H  N N 284 
PRO HG2  H  N N 285 
PRO HG3  H  N N 286 
PRO HD2  H  N N 287 
PRO HD3  H  N N 288 
PRO HXT  H  N N 289 
SER N    N  N N 290 
SER CA   C  N S 291 
SER C    C  N N 292 
SER O    O  N N 293 
SER CB   C  N N 294 
SER OG   O  N N 295 
SER OXT  O  N N 296 
SER H    H  N N 297 
SER H2   H  N N 298 
SER HA   H  N N 299 
SER HB2  H  N N 300 
SER HB3  H  N N 301 
SER HG   H  N N 302 
SER HXT  H  N N 303 
THR N    N  N N 304 
THR CA   C  N S 305 
THR C    C  N N 306 
THR O    O  N N 307 
THR CB   C  N R 308 
THR OG1  O  N N 309 
THR CG2  C  N N 310 
THR OXT  O  N N 311 
THR H    H  N N 312 
THR H2   H  N N 313 
THR HA   H  N N 314 
THR HB   H  N N 315 
THR HG1  H  N N 316 
THR HG21 H  N N 317 
THR HG22 H  N N 318 
THR HG23 H  N N 319 
THR HXT  H  N N 320 
TYR N    N  N N 321 
TYR CA   C  N S 322 
TYR C    C  N N 323 
TYR O    O  N N 324 
TYR CB   C  N N 325 
TYR CG   C  Y N 326 
TYR CD1  C  Y N 327 
TYR CD2  C  Y N 328 
TYR CE1  C  Y N 329 
TYR CE2  C  Y N 330 
TYR CZ   C  Y N 331 
TYR OH   O  N N 332 
TYR OXT  O  N N 333 
TYR H    H  N N 334 
TYR H2   H  N N 335 
TYR HA   H  N N 336 
TYR HB2  H  N N 337 
TYR HB3  H  N N 338 
TYR HD1  H  N N 339 
TYR HD2  H  N N 340 
TYR HE1  H  N N 341 
TYR HE2  H  N N 342 
TYR HH   H  N N 343 
TYR HXT  H  N N 344 
VAL N    N  N N 345 
VAL CA   C  N S 346 
VAL C    C  N N 347 
VAL O    O  N N 348 
VAL CB   C  N N 349 
VAL CG1  C  N N 350 
VAL CG2  C  N N 351 
VAL OXT  O  N N 352 
VAL H    H  N N 353 
VAL H2   H  N N 354 
VAL HA   H  N N 355 
VAL HB   H  N N 356 
VAL HG11 H  N N 357 
VAL HG12 H  N N 358 
VAL HG13 H  N N 359 
VAL HG21 H  N N 360 
VAL HG22 H  N N 361 
VAL HG23 H  N N 362 
VAL HXT  H  N N 363 
# 
loop_
_chem_comp_bond.comp_id 
_chem_comp_bond.atom_id_1 
_chem_comp_bond.atom_id_2 
_chem_comp_bond.value_order 
_chem_comp_bond.pdbx_aromatic_flag 
_chem_comp_bond.pdbx_stereo_config 
_chem_comp_bond.pdbx_ordinal 
ALA N   CA   sing N N 1   
ALA N   H    sing N N 2   
ALA N   H2   sing N N 3   
ALA CA  C    sing N N 4   
ALA CA  CB   sing N N 5   
ALA CA  HA   sing N N 6   
ALA C   O    doub N N 7   
ALA C   OXT  sing N N 8   
ALA CB  HB1  sing N N 9   
ALA CB  HB2  sing N N 10  
ALA CB  HB3  sing N N 11  
ALA OXT HXT  sing N N 12  
ARG N   CA   sing N N 13  
ARG N   H    sing N N 14  
ARG N   H2   sing N N 15  
ARG CA  C    sing N N 16  
ARG CA  CB   sing N N 17  
ARG CA  HA   sing N N 18  
ARG C   O    doub N N 19  
ARG C   OXT  sing N N 20  
ARG CB  CG   sing N N 21  
ARG CB  HB2  sing N N 22  
ARG CB  HB3  sing N N 23  
ARG CG  CD   sing N N 24  
ARG CG  HG2  sing N N 25  
ARG CG  HG3  sing N N 26  
ARG CD  NE   sing N N 27  
ARG CD  HD2  sing N N 28  
ARG CD  HD3  sing N N 29  
ARG NE  CZ   sing N N 30  
ARG NE  HE   sing N N 31  
ARG CZ  NH1  sing N N 32  
ARG CZ  NH2  doub N N 33  
ARG NH1 HH11 sing N N 34  
ARG NH1 HH12 sing N N 35  
ARG NH2 HH21 sing N N 36  
ARG NH2 HH22 sing N N 37  
ARG OXT HXT  sing N N 38  
ASN N   CA   sing N N 39  
ASN N   H    sing N N 40  
ASN N   H2   sing N N 41  
ASN CA  C    sing N N 42  
ASN CA  CB   sing N N 43  
ASN CA  HA   sing N N 44  
ASN C   O    doub N N 45  
ASN C   OXT  sing N N 46  
ASN CB  CG   sing N N 47  
ASN CB  HB2  sing N N 48  
ASN CB  HB3  sing N N 49  
ASN CG  OD1  doub N N 50  
ASN CG  ND2  sing N N 51  
ASN ND2 HD21 sing N N 52  
ASN ND2 HD22 sing N N 53  
ASN OXT HXT  sing N N 54  
ASP N   CA   sing N N 55  
ASP N   H    sing N N 56  
ASP N   H2   sing N N 57  
ASP CA  C    sing N N 58  
ASP CA  CB   sing N N 59  
ASP CA  HA   sing N N 60  
ASP C   O    doub N N 61  
ASP C   OXT  sing N N 62  
ASP CB  CG   sing N N 63  
ASP CB  HB2  sing N N 64  
ASP CB  HB3  sing N N 65  
ASP CG  OD1  doub N N 66  
ASP CG  OD2  sing N N 67  
ASP OD2 HD2  sing N N 68  
ASP OXT HXT  sing N N 69  
CYS N   CA   sing N N 70  
CYS N   H    sing N N 71  
CYS N   H2   sing N N 72  
CYS CA  C    sing N N 73  
CYS CA  CB   sing N N 74  
CYS CA  HA   sing N N 75  
CYS C   O    doub N N 76  
CYS C   OXT  sing N N 77  
CYS CB  SG   sing N N 78  
CYS CB  HB2  sing N N 79  
CYS CB  HB3  sing N N 80  
CYS SG  HG   sing N N 81  
CYS OXT HXT  sing N N 82  
GLN N   CA   sing N N 83  
GLN N   H    sing N N 84  
GLN N   H2   sing N N 85  
GLN CA  C    sing N N 86  
GLN CA  CB   sing N N 87  
GLN CA  HA   sing N N 88  
GLN C   O    doub N N 89  
GLN C   OXT  sing N N 90  
GLN CB  CG   sing N N 91  
GLN CB  HB2  sing N N 92  
GLN CB  HB3  sing N N 93  
GLN CG  CD   sing N N 94  
GLN CG  HG2  sing N N 95  
GLN CG  HG3  sing N N 96  
GLN CD  OE1  doub N N 97  
GLN CD  NE2  sing N N 98  
GLN NE2 HE21 sing N N 99  
GLN NE2 HE22 sing N N 100 
GLN OXT HXT  sing N N 101 
GLU N   CA   sing N N 102 
GLU N   H    sing N N 103 
GLU N   H2   sing N N 104 
GLU CA  C    sing N N 105 
GLU CA  CB   sing N N 106 
GLU CA  HA   sing N N 107 
GLU C   O    doub N N 108 
GLU C   OXT  sing N N 109 
GLU CB  CG   sing N N 110 
GLU CB  HB2  sing N N 111 
GLU CB  HB3  sing N N 112 
GLU CG  CD   sing N N 113 
GLU CG  HG2  sing N N 114 
GLU CG  HG3  sing N N 115 
GLU CD  OE1  doub N N 116 
GLU CD  OE2  sing N N 117 
GLU OE2 HE2  sing N N 118 
GLU OXT HXT  sing N N 119 
GLY N   CA   sing N N 120 
GLY N   H    sing N N 121 
GLY N   H2   sing N N 122 
GLY CA  C    sing N N 123 
GLY CA  HA2  sing N N 124 
GLY CA  HA3  sing N N 125 
GLY C   O    doub N N 126 
GLY C   OXT  sing N N 127 
GLY OXT HXT  sing N N 128 
HIS N   CA   sing N N 129 
HIS N   H    sing N N 130 
HIS N   H2   sing N N 131 
HIS CA  C    sing N N 132 
HIS CA  CB   sing N N 133 
HIS CA  HA   sing N N 134 
HIS C   O    doub N N 135 
HIS C   OXT  sing N N 136 
HIS CB  CG   sing N N 137 
HIS CB  HB2  sing N N 138 
HIS CB  HB3  sing N N 139 
HIS CG  ND1  sing Y N 140 
HIS CG  CD2  doub Y N 141 
HIS ND1 CE1  doub Y N 142 
HIS ND1 HD1  sing N N 143 
HIS CD2 NE2  sing Y N 144 
HIS CD2 HD2  sing N N 145 
HIS CE1 NE2  sing Y N 146 
HIS CE1 HE1  sing N N 147 
HIS NE2 HE2  sing N N 148 
HIS OXT HXT  sing N N 149 
HOH O   H1   sing N N 150 
HOH O   H2   sing N N 151 
ILE N   CA   sing N N 152 
ILE N   H    sing N N 153 
ILE N   H2   sing N N 154 
ILE CA  C    sing N N 155 
ILE CA  CB   sing N N 156 
ILE CA  HA   sing N N 157 
ILE C   O    doub N N 158 
ILE C   OXT  sing N N 159 
ILE CB  CG1  sing N N 160 
ILE CB  CG2  sing N N 161 
ILE CB  HB   sing N N 162 
ILE CG1 CD1  sing N N 163 
ILE CG1 HG12 sing N N 164 
ILE CG1 HG13 sing N N 165 
ILE CG2 HG21 sing N N 166 
ILE CG2 HG22 sing N N 167 
ILE CG2 HG23 sing N N 168 
ILE CD1 HD11 sing N N 169 
ILE CD1 HD12 sing N N 170 
ILE CD1 HD13 sing N N 171 
ILE OXT HXT  sing N N 172 
LEU N   CA   sing N N 173 
LEU N   H    sing N N 174 
LEU N   H2   sing N N 175 
LEU CA  C    sing N N 176 
LEU CA  CB   sing N N 177 
LEU CA  HA   sing N N 178 
LEU C   O    doub N N 179 
LEU C   OXT  sing N N 180 
LEU CB  CG   sing N N 181 
LEU CB  HB2  sing N N 182 
LEU CB  HB3  sing N N 183 
LEU CG  CD1  sing N N 184 
LEU CG  CD2  sing N N 185 
LEU CG  HG   sing N N 186 
LEU CD1 HD11 sing N N 187 
LEU CD1 HD12 sing N N 188 
LEU CD1 HD13 sing N N 189 
LEU CD2 HD21 sing N N 190 
LEU CD2 HD22 sing N N 191 
LEU CD2 HD23 sing N N 192 
LEU OXT HXT  sing N N 193 
LYS N   CA   sing N N 194 
LYS N   H    sing N N 195 
LYS N   H2   sing N N 196 
LYS CA  C    sing N N 197 
LYS CA  CB   sing N N 198 
LYS CA  HA   sing N N 199 
LYS C   O    doub N N 200 
LYS C   OXT  sing N N 201 
LYS CB  CG   sing N N 202 
LYS CB  HB2  sing N N 203 
LYS CB  HB3  sing N N 204 
LYS CG  CD   sing N N 205 
LYS CG  HG2  sing N N 206 
LYS CG  HG3  sing N N 207 
LYS CD  CE   sing N N 208 
LYS CD  HD2  sing N N 209 
LYS CD  HD3  sing N N 210 
LYS CE  NZ   sing N N 211 
LYS CE  HE2  sing N N 212 
LYS CE  HE3  sing N N 213 
LYS NZ  HZ1  sing N N 214 
LYS NZ  HZ2  sing N N 215 
LYS NZ  HZ3  sing N N 216 
LYS OXT HXT  sing N N 217 
MSE N   CA   sing N N 218 
MSE N   H    sing N N 219 
MSE N   H2   sing N N 220 
MSE CA  C    sing N N 221 
MSE CA  CB   sing N N 222 
MSE CA  HA   sing N N 223 
MSE C   O    doub N N 224 
MSE C   OXT  sing N N 225 
MSE OXT HXT  sing N N 226 
MSE CB  CG   sing N N 227 
MSE CB  HB2  sing N N 228 
MSE CB  HB3  sing N N 229 
MSE CG  SE   sing N N 230 
MSE CG  HG2  sing N N 231 
MSE CG  HG3  sing N N 232 
MSE SE  CE   sing N N 233 
MSE CE  HE1  sing N N 234 
MSE CE  HE2  sing N N 235 
MSE CE  HE3  sing N N 236 
PHE N   CA   sing N N 237 
PHE N   H    sing N N 238 
PHE N   H2   sing N N 239 
PHE CA  C    sing N N 240 
PHE CA  CB   sing N N 241 
PHE CA  HA   sing N N 242 
PHE C   O    doub N N 243 
PHE C   OXT  sing N N 244 
PHE CB  CG   sing N N 245 
PHE CB  HB2  sing N N 246 
PHE CB  HB3  sing N N 247 
PHE CG  CD1  doub Y N 248 
PHE CG  CD2  sing Y N 249 
PHE CD1 CE1  sing Y N 250 
PHE CD1 HD1  sing N N 251 
PHE CD2 CE2  doub Y N 252 
PHE CD2 HD2  sing N N 253 
PHE CE1 CZ   doub Y N 254 
PHE CE1 HE1  sing N N 255 
PHE CE2 CZ   sing Y N 256 
PHE CE2 HE2  sing N N 257 
PHE CZ  HZ   sing N N 258 
PHE OXT HXT  sing N N 259 
PRO N   CA   sing N N 260 
PRO N   CD   sing N N 261 
PRO N   H    sing N N 262 
PRO CA  C    sing N N 263 
PRO CA  CB   sing N N 264 
PRO CA  HA   sing N N 265 
PRO C   O    doub N N 266 
PRO C   OXT  sing N N 267 
PRO CB  CG   sing N N 268 
PRO CB  HB2  sing N N 269 
PRO CB  HB3  sing N N 270 
PRO CG  CD   sing N N 271 
PRO CG  HG2  sing N N 272 
PRO CG  HG3  sing N N 273 
PRO CD  HD2  sing N N 274 
PRO CD  HD3  sing N N 275 
PRO OXT HXT  sing N N 276 
SER N   CA   sing N N 277 
SER N   H    sing N N 278 
SER N   H2   sing N N 279 
SER CA  C    sing N N 280 
SER CA  CB   sing N N 281 
SER CA  HA   sing N N 282 
SER C   O    doub N N 283 
SER C   OXT  sing N N 284 
SER CB  OG   sing N N 285 
SER CB  HB2  sing N N 286 
SER CB  HB3  sing N N 287 
SER OG  HG   sing N N 288 
SER OXT HXT  sing N N 289 
THR N   CA   sing N N 290 
THR N   H    sing N N 291 
THR N   H2   sing N N 292 
THR CA  C    sing N N 293 
THR CA  CB   sing N N 294 
THR CA  HA   sing N N 295 
THR C   O    doub N N 296 
THR C   OXT  sing N N 297 
THR CB  OG1  sing N N 298 
THR CB  CG2  sing N N 299 
THR CB  HB   sing N N 300 
THR OG1 HG1  sing N N 301 
THR CG2 HG21 sing N N 302 
THR CG2 HG22 sing N N 303 
THR CG2 HG23 sing N N 304 
THR OXT HXT  sing N N 305 
TYR N   CA   sing N N 306 
TYR N   H    sing N N 307 
TYR N   H2   sing N N 308 
TYR CA  C    sing N N 309 
TYR CA  CB   sing N N 310 
TYR CA  HA   sing N N 311 
TYR C   O    doub N N 312 
TYR C   OXT  sing N N 313 
TYR CB  CG   sing N N 314 
TYR CB  HB2  sing N N 315 
TYR CB  HB3  sing N N 316 
TYR CG  CD1  doub Y N 317 
TYR CG  CD2  sing Y N 318 
TYR CD1 CE1  sing Y N 319 
TYR CD1 HD1  sing N N 320 
TYR CD2 CE2  doub Y N 321 
TYR CD2 HD2  sing N N 322 
TYR CE1 CZ   doub Y N 323 
TYR CE1 HE1  sing N N 324 
TYR CE2 CZ   sing Y N 325 
TYR CE2 HE2  sing N N 326 
TYR CZ  OH   sing N N 327 
TYR OH  HH   sing N N 328 
TYR OXT HXT  sing N N 329 
VAL N   CA   sing N N 330 
VAL N   H    sing N N 331 
VAL N   H2   sing N N 332 
VAL CA  C    sing N N 333 
VAL CA  CB   sing N N 334 
VAL CA  HA   sing N N 335 
VAL C   O    doub N N 336 
VAL C   OXT  sing N N 337 
VAL CB  CG1  sing N N 338 
VAL CB  CG2  sing N N 339 
VAL CB  HB   sing N N 340 
VAL CG1 HG11 sing N N 341 
VAL CG1 HG12 sing N N 342 
VAL CG1 HG13 sing N N 343 
VAL CG2 HG21 sing N N 344 
VAL CG2 HG22 sing N N 345 
VAL CG2 HG23 sing N N 346 
VAL OXT HXT  sing N N 347 
# 
_atom_sites.entry_id                    3SD2 
_atom_sites.fract_transf_matrix[1][1]   0.01788707 
_atom_sites.fract_transf_matrix[1][2]   -0.00864777 
_atom_sites.fract_transf_matrix[1][3]   0.01471602 
_atom_sites.fract_transf_matrix[2][1]   0.00409543 
_atom_sites.fract_transf_matrix[2][2]   -0.02433789 
_atom_sites.fract_transf_matrix[2][3]   0.00148998 
_atom_sites.fract_transf_matrix[3][1]   0.00765790 
_atom_sites.fract_transf_matrix[3][2]   0.00074561 
_atom_sites.fract_transf_matrix[3][3]   -0.00886990 
_atom_sites.fract_transf_vector[1]      0.211008 
_atom_sites.fract_transf_vector[2]      0.246551 
_atom_sites.fract_transf_vector[3]      0.138839 
# 
loop_
_atom_type.symbol 
C  
N  
O  
S  
SE 
# 
loop_
_atom_site.group_PDB 
_atom_site.id 
_atom_site.type_symbol 
_atom_site.label_atom_id 
_atom_site.label_alt_id 
_atom_site.label_comp_id 
_atom_site.label_asym_id 
_atom_site.label_entity_id 
_atom_site.label_seq_id 
_atom_site.pdbx_PDB_ins_code 
_atom_site.Cartn_x 
_atom_site.Cartn_y 
_atom_site.Cartn_z 
_atom_site.occupancy 
_atom_site.B_iso_or_equiv 
_atom_site.pdbx_formal_charge 
_atom_site.auth_seq_id 
_atom_site.auth_comp_id 
_atom_site.auth_asym_id 
_atom_site.auth_atom_id 
_atom_site.pdbx_PDB_model_num 
ATOM   1   N  N   . ASN A 1 16  ? 17.045  28.041  -1.714  1.00 34.50 ? 33  ASN A N   1 
ATOM   2   C  CA  . ASN A 1 16  ? 17.342  26.574  -1.594  1.00 34.41 ? 33  ASN A CA  1 
ATOM   3   C  C   . ASN A 1 16  ? 16.130  25.778  -2.111  1.00 33.18 ? 33  ASN A C   1 
ATOM   4   O  O   . ASN A 1 16  ? 15.009  26.085  -1.673  1.00 34.48 ? 33  ASN A O   1 
ATOM   5   C  CB  . ASN A 1 16  ? 17.604  26.220  -0.117  1.00 35.14 ? 33  ASN A CB  1 
ATOM   6   N  N   A PRO A 1 17  ? 16.343  24.852  -3.079  0.50 32.43 ? 34  PRO A N   1 
ATOM   7   N  N   B PRO A 1 17  ? 16.339  24.717  -2.931  0.50 32.37 ? 34  PRO A N   1 
ATOM   8   C  CA  A PRO A 1 17  ? 15.232  24.042  -3.614  0.50 31.32 ? 34  PRO A CA  1 
ATOM   9   C  CA  B PRO A 1 17  ? 15.256  24.000  -3.655  0.50 31.34 ? 34  PRO A CA  1 
ATOM   10  C  C   A PRO A 1 17  ? 14.642  23.180  -2.512  0.50 29.57 ? 34  PRO A C   1 
ATOM   11  C  C   B PRO A 1 17  ? 14.622  22.835  -2.879  0.50 29.65 ? 34  PRO A C   1 
ATOM   12  O  O   A PRO A 1 17  ? 15.372  22.776  -1.607  0.50 29.13 ? 34  PRO A O   1 
ATOM   13  O  O   B PRO A 1 17  ? 15.290  21.809  -2.684  0.50 29.22 ? 34  PRO A O   1 
ATOM   14  C  CB  A PRO A 1 17  ? 15.899  23.165  -4.685  0.50 31.54 ? 34  PRO A CB  1 
ATOM   15  C  CB  B PRO A 1 17  ? 15.992  23.434  -4.867  0.50 31.62 ? 34  PRO A CB  1 
ATOM   16  C  CG  A PRO A 1 17  ? 17.163  23.865  -5.042  0.50 32.28 ? 34  PRO A CG  1 
ATOM   17  C  CG  B PRO A 1 17  ? 17.407  23.185  -4.358  0.50 32.28 ? 34  PRO A CG  1 
ATOM   18  C  CD  A PRO A 1 17  ? 17.599  24.630  -3.825  0.50 32.84 ? 34  PRO A CD  1 
ATOM   19  C  CD  B PRO A 1 17  ? 17.631  24.037  -3.128  0.50 32.67 ? 34  PRO A CD  1 
HETATM 20  N  N   . MSE A 1 18  ? 13.330  22.944  -2.541  1.00 27.14 ? 35  MSE A N   1 
HETATM 21  C  CA  A MSE A 1 18  ? 12.703  22.112  -1.498  0.70 25.91 ? 35  MSE A CA  1 
HETATM 22  C  CA  B MSE A 1 18  ? 12.722  22.112  -1.498  0.30 26.11 ? 35  MSE A CA  1 
HETATM 23  C  C   . MSE A 1 18  ? 11.628  21.210  -2.076  1.00 23.97 ? 35  MSE A C   1 
HETATM 24  O  O   . MSE A 1 18  ? 10.688  21.684  -2.706  1.00 21.23 ? 35  MSE A O   1 
HETATM 25  C  CB  A MSE A 1 18  ? 12.069  23.012  -0.435  0.70 26.93 ? 35  MSE A CB  1 
HETATM 26  C  CB  B MSE A 1 18  ? 12.118  22.992  -0.400  0.30 27.18 ? 35  MSE A CB  1 
HETATM 27  C  CG  A MSE A 1 18  ? 13.058  23.775  0.464   0.70 31.35 ? 35  MSE A CG  1 
HETATM 28  C  CG  B MSE A 1 18  ? 13.111  23.925  0.283   0.30 31.20 ? 35  MSE A CG  1 
HETATM 29  SE SE  A MSE A 1 18  ? 14.157  22.643  1.611   0.52 41.07 ? 35  MSE A SE  1 
HETATM 30  SE SE  B MSE A 1 18  ? 12.330  25.028  1.700   0.23 39.96 ? 35  MSE A SE  1 
HETATM 31  C  CE  A MSE A 1 18  ? 12.731  21.416  2.171   0.70 39.38 ? 35  MSE A CE  1 
HETATM 32  C  CE  B MSE A 1 18  ? 10.872  25.876  0.727   0.30 37.49 ? 35  MSE A CE  1 
ATOM   33  N  N   . GLY A 1 19  ? 11.751  19.902  -1.865  1.00 21.58 ? 36  GLY A N   1 
ATOM   34  C  CA  . GLY A 1 19  ? 10.673  18.973  -2.249  1.00 20.31 ? 36  GLY A CA  1 
ATOM   35  C  C   . GLY A 1 19  ? 9.486   19.180  -1.327  1.00 18.45 ? 36  GLY A C   1 
ATOM   36  O  O   . GLY A 1 19  ? 9.643   19.590  -0.170  1.00 20.60 ? 36  GLY A O   1 
ATOM   37  N  N   . ILE A 1 20  ? 8.284   18.979  -1.867  1.00 15.27 ? 37  ILE A N   1 
ATOM   38  C  CA  . ILE A 1 20  ? 7.041   19.082  -1.089  1.00 14.28 ? 37  ILE A CA  1 
ATOM   39  C  C   . ILE A 1 20  ? 6.376   17.722  -1.125  1.00 13.84 ? 37  ILE A C   1 
ATOM   40  O  O   . ILE A 1 20  ? 5.816   17.333  -2.154  1.00 14.45 ? 37  ILE A O   1 
ATOM   41  C  CB  . ILE A 1 20  ? 6.108   20.161  -1.659  1.00 13.19 ? 37  ILE A CB  1 
ATOM   42  C  CG1 . ILE A 1 20  ? 6.756   21.546  -1.568  1.00 14.12 ? 37  ILE A CG1 1 
ATOM   43  C  CG2 . ILE A 1 20  ? 4.732   20.105  -0.965  1.00 13.86 ? 37  ILE A CG2 1 
ATOM   44  C  CD1 . ILE A 1 20  ? 6.095   22.595  -2.429  1.00 15.42 ? 37  ILE A CD1 1 
ATOM   45  N  N   . PRO A 1 21  ? 6.508   16.951  -0.036  1.00 15.31 ? 38  PRO A N   1 
ATOM   46  C  CA  . PRO A 1 21  ? 5.906   15.642  -0.027  1.00 15.79 ? 38  PRO A CA  1 
ATOM   47  C  C   . PRO A 1 21  ? 4.410   15.706  -0.235  1.00 15.51 ? 38  PRO A C   1 
ATOM   48  O  O   . PRO A 1 21  ? 3.732   16.544  0.333   1.00 15.85 ? 38  PRO A O   1 
ATOM   49  C  CB  . PRO A 1 21  ? 6.240   15.105  1.379   1.00 17.20 ? 38  PRO A CB  1 
ATOM   50  C  CG  . PRO A 1 21  ? 7.370   15.908  1.827   1.00 18.67 ? 38  PRO A CG  1 
ATOM   51  C  CD  . PRO A 1 21  ? 7.306   17.227  1.176   1.00 15.96 ? 38  PRO A CD  1 
ATOM   52  N  N   . ILE A 1 22  ? 3.919   14.820  -1.081  1.00 14.05 ? 39  ILE A N   1 
ATOM   53  C  CA  A ILE A 1 22  ? 2.517   14.660  -1.410  0.60 13.59 ? 39  ILE A CA  1 
ATOM   54  C  CA  B ILE A 1 22  ? 2.494   14.716  -1.198  0.40 14.14 ? 39  ILE A CA  1 
ATOM   55  C  C   . ILE A 1 22  ? 2.053   13.305  -0.894  1.00 14.17 ? 39  ILE A C   1 
ATOM   56  O  O   . ILE A 1 22  ? 2.757   12.307  -1.099  1.00 15.54 ? 39  ILE A O   1 
ATOM   57  C  CB  A ILE A 1 22  ? 2.342   14.711  -2.963  0.60 13.45 ? 39  ILE A CB  1 
ATOM   58  C  CB  B ILE A 1 22  ? 1.922   15.300  -2.519  0.40 14.07 ? 39  ILE A CB  1 
ATOM   59  C  CG1 A ILE A 1 22  ? 2.823   16.044  -3.531  0.60 13.41 ? 39  ILE A CG1 1 
ATOM   60  C  CG1 B ILE A 1 22  ? 2.555   14.617  -3.731  0.40 14.76 ? 39  ILE A CG1 1 
ATOM   61  C  CG2 A ILE A 1 22  ? 0.902   14.499  -3.377  0.60 13.06 ? 39  ILE A CG2 1 
ATOM   62  C  CG2 B ILE A 1 22  ? 2.121   16.829  -2.545  0.40 15.04 ? 39  ILE A CG2 1 
ATOM   63  C  CD1 A ILE A 1 22  ? 2.021   17.259  -3.015  0.60 13.81 ? 39  ILE A CD1 1 
ATOM   64  C  CD1 B ILE A 1 22  ? 2.035   15.101  -5.049  0.40 16.48 ? 39  ILE A CD1 1 
ATOM   65  N  N   . GLN A 1 23  ? 0.872   13.248  -0.293  1.00 14.09 ? 40  GLN A N   1 
ATOM   66  C  CA  . GLN A 1 23  ? 0.297   11.983  0.171   1.00 14.56 ? 40  GLN A CA  1 
ATOM   67  C  C   . GLN A 1 23  ? -1.185  11.958  -0.103  1.00 14.02 ? 40  GLN A C   1 
ATOM   68  O  O   . GLN A 1 23  ? -1.841  13.002  -0.164  1.00 14.56 ? 40  GLN A O   1 
ATOM   69  C  CB  . GLN A 1 23  ? 0.533   11.849  1.677   1.00 15.70 ? 40  GLN A CB  1 
ATOM   70  C  CG  . GLN A 1 23  ? -0.164  12.869  2.513   1.00 21.02 ? 40  GLN A CG  1 
ATOM   71  C  CD  . GLN A 1 23  ? 0.080   12.703  3.990   1.00 27.30 ? 40  GLN A CD  1 
ATOM   72  O  OE1 . GLN A 1 23  ? 1.090   12.156  4.403   1.00 34.01 ? 40  GLN A OE1 1 
ATOM   73  N  NE2 . GLN A 1 23  ? -0.856  13.194  4.798   1.00 33.63 ? 40  GLN A NE2 1 
ATOM   74  N  N   . PRO A 1 24  ? -1.760  10.761  -0.238  1.00 13.29 ? 41  PRO A N   1 
ATOM   75  C  CA  . PRO A 1 24  ? -3.210  10.699  -0.382  1.00 14.01 ? 41  PRO A CA  1 
ATOM   76  C  C   . PRO A 1 24  ? -3.887  11.084  0.923   1.00 15.76 ? 41  PRO A C   1 
ATOM   77  O  O   . PRO A 1 24  ? -3.393  10.804  2.009   1.00 17.41 ? 41  PRO A O   1 
ATOM   78  C  CB  . PRO A 1 24  ? -3.444  9.232   -0.774  1.00 14.51 ? 41  PRO A CB  1 
ATOM   79  C  CG  . PRO A 1 24  ? -2.326  8.502   -0.143  1.00 14.57 ? 41  PRO A CG  1 
ATOM   80  C  CD  . PRO A 1 24  ? -1.133  9.430   -0.229  1.00 14.33 ? 41  PRO A CD  1 
ATOM   81  N  N   . THR A 1 25  ? -5.031  11.723  0.810   1.00 17.15 ? 42  THR A N   1 
ATOM   82  C  CA  . THR A 1 25  ? -5.791  12.128  1.973   1.00 18.71 ? 42  THR A CA  1 
ATOM   83  C  C   . THR A 1 25  ? -6.472  10.955  2.682   1.00 19.13 ? 42  THR A C   1 
ATOM   84  O  O   . THR A 1 25  ? -6.466  10.898  3.916   1.00 22.57 ? 42  THR A O   1 
ATOM   85  C  CB  . THR A 1 25  ? -6.822  13.193  1.568   1.00 18.99 ? 42  THR A CB  1 
ATOM   86  O  OG1 . THR A 1 25  ? -6.121  14.311  1.001   1.00 20.36 ? 42  THR A OG1 1 
ATOM   87  C  CG2 . THR A 1 25  ? -7.655  13.635  2.798   1.00 21.22 ? 42  THR A CG2 1 
ATOM   88  N  N   A TYR A 1 26  ? -7.049  10.071  1.871   0.50 18.85 ? 43  TYR A N   1 
ATOM   89  N  N   B TYR A 1 26  ? -7.048  10.028  1.940   0.50 18.45 ? 43  TYR A N   1 
ATOM   90  C  CA  A TYR A 1 26  ? -8.013  9.068   2.328   0.50 18.92 ? 43  TYR A CA  1 
ATOM   91  C  CA  B TYR A 1 26  ? -7.908  9.019   2.572   0.50 18.34 ? 43  TYR A CA  1 
ATOM   92  C  C   A TYR A 1 26  ? -7.371  7.691   2.596   0.50 17.98 ? 43  TYR A C   1 
ATOM   93  C  C   B TYR A 1 26  ? -7.480  7.580   2.292   0.50 17.54 ? 43  TYR A C   1 
ATOM   94  O  O   A TYR A 1 26  ? -7.933  6.904   3.338   0.50 17.92 ? 43  TYR A O   1 
ATOM   95  O  O   B TYR A 1 26  ? -8.300  6.631   2.299   0.50 17.12 ? 43  TYR A O   1 
ATOM   96  C  CB  A TYR A 1 26  ? -9.202  8.988   1.350   0.50 19.87 ? 43  TYR A CB  1 
ATOM   97  C  CB  B TYR A 1 26  ? -9.324  9.214   2.124   0.50 18.24 ? 43  TYR A CB  1 
ATOM   98  C  CG  A TYR A 1 26  ? -10.027 10.269  1.404   0.50 20.44 ? 43  TYR A CG  1 
ATOM   99  C  CG  B TYR A 1 26  ? -9.887  10.574  2.421   0.50 18.79 ? 43  TYR A CG  1 
ATOM   100 C  CD1 A TYR A 1 26  ? -10.576 10.700  2.612   0.50 22.43 ? 43  TYR A CD1 1 
ATOM   101 C  CD1 B TYR A 1 26  ? -10.151 10.958  3.724   0.50 19.81 ? 43  TYR A CD1 1 
ATOM   102 C  CD2 A TYR A 1 26  ? -10.195 11.078  0.287   0.50 21.16 ? 43  TYR A CD2 1 
ATOM   103 C  CD2 B TYR A 1 26  ? -10.186 11.459  1.398   0.50 18.13 ? 43  TYR A CD2 1 
ATOM   104 C  CE1 A TYR A 1 26  ? -11.301 11.890  2.704   0.50 22.97 ? 43  TYR A CE1 1 
ATOM   105 C  CE1 B TYR A 1 26  ? -10.688 12.199  3.997   0.50 20.89 ? 43  TYR A CE1 1 
ATOM   106 C  CE2 A TYR A 1 26  ? -10.920 12.288  0.377   0.50 22.08 ? 43  TYR A CE2 1 
ATOM   107 C  CE2 B TYR A 1 26  ? -10.736 12.701  1.663   0.50 20.27 ? 43  TYR A CE2 1 
ATOM   108 C  CZ  A TYR A 1 26  ? -11.467 12.671  1.587   0.50 23.02 ? 43  TYR A CZ  1 
ATOM   109 C  CZ  B TYR A 1 26  ? -10.981 13.061  2.959   0.50 21.02 ? 43  TYR A CZ  1 
ATOM   110 O  OH  A TYR A 1 26  ? -12.188 13.851  1.693   0.50 26.26 ? 43  TYR A OH  1 
ATOM   111 O  OH  B TYR A 1 26  ? -11.523 14.306  3.242   0.50 24.74 ? 43  TYR A OH  1 
ATOM   112 N  N   . GLU A 1 27  ? -6.192  7.414   2.038   1.00 15.50 ? 44  GLU A N   1 
ATOM   113 C  CA  . GLU A 1 27  ? -5.570  6.103   2.132   1.00 15.28 ? 44  GLU A CA  1 
ATOM   114 C  C   . GLU A 1 27  ? -4.396  6.188   3.085   1.00 14.32 ? 44  GLU A C   1 
ATOM   115 O  O   . GLU A 1 27  ? -3.529  7.073   2.947   1.00 15.76 ? 44  GLU A O   1 
ATOM   116 C  CB  . GLU A 1 27  ? -5.108  5.621   0.758   1.00 15.32 ? 44  GLU A CB  1 
ATOM   117 C  CG  . GLU A 1 27  ? -6.228  5.300   -0.202  1.00 18.15 ? 44  GLU A CG  1 
ATOM   118 C  CD  . GLU A 1 27  ? -6.909  6.515   -0.749  1.00 19.51 ? 44  GLU A CD  1 
ATOM   119 O  OE1 . GLU A 1 27  ? -6.212  7.470   -1.152  1.00 19.10 ? 44  GLU A OE1 1 
ATOM   120 O  OE2 . GLU A 1 27  ? -8.150  6.535   -0.771  1.00 22.53 ? 44  GLU A OE2 1 
ATOM   121 N  N   . LYS A 1 28  ? -4.368  5.279   4.053   1.00 13.90 ? 45  LYS A N   1 
ATOM   122 C  CA  . LYS A 1 28  ? -3.306  5.215   5.053   1.00 13.86 ? 45  LYS A CA  1 
ATOM   123 C  C   . LYS A 1 28  ? -2.872  3.775   5.230   1.00 13.42 ? 45  LYS A C   1 
ATOM   124 O  O   . LYS A 1 28  ? -3.639  2.848   4.967   1.00 13.12 ? 45  LYS A O   1 
ATOM   125 C  CB  . LYS A 1 28  ? -3.789  5.787   6.405   1.00 15.09 ? 45  LYS A CB  1 
ATOM   126 C  CG  . LYS A 1 28  ? -4.259  7.271   6.279   1.00 18.82 ? 45  LYS A CG  1 
ATOM   127 C  CD  . LYS A 1 28  ? -3.114  8.180   6.245   1.00 21.17 ? 45  LYS A CD  1 
ATOM   128 C  CE  . LYS A 1 28  ? -3.560  9.615   5.932   1.00 24.71 ? 45  LYS A CE  1 
ATOM   129 N  NZ  . LYS A 1 28  ? -2.372  10.466  5.829   1.00 29.51 ? 45  LYS A NZ  1 
ATOM   130 N  N   . CYS A 1 29  ? -1.644  3.595   5.701   1.00 12.59 ? 46  CYS A N   1 
ATOM   131 C  CA  . CYS A 1 29  ? -1.051  2.276   5.829   1.00 13.23 ? 46  CYS A CA  1 
ATOM   132 C  C   . CYS A 1 29  ? -0.176  2.240   7.053   1.00 12.63 ? 46  CYS A C   1 
ATOM   133 O  O   . CYS A 1 29  ? 0.498   3.232   7.383   1.00 14.50 ? 46  CYS A O   1 
ATOM   134 C  CB  . CYS A 1 29  ? -0.230  1.968   4.559   1.00 14.05 ? 46  CYS A CB  1 
ATOM   135 S  SG  . CYS A 1 29  ? 0.489   0.381   4.439   1.00 15.27 ? 46  CYS A SG  1 
ATOM   136 N  N   . ALA A 1 30  ? -0.172  1.099   7.736   1.00 12.92 ? 47  ALA A N   1 
ATOM   137 C  CA  . ALA A 1 30  ? 0.679   0.909   8.914   1.00 13.31 ? 47  ALA A CA  1 
ATOM   138 C  C   . ALA A 1 30  ? 0.897   -0.599  9.157   1.00 13.19 ? 47  ALA A C   1 
ATOM   139 O  O   . ALA A 1 30  ? 0.200   -1.448  8.595   1.00 13.88 ? 47  ALA A O   1 
ATOM   140 C  CB  . ALA A 1 30  ? 0.060   1.552   10.172  1.00 14.13 ? 47  ALA A CB  1 
ATOM   141 N  N   . ILE A 1 31  ? 1.860   -0.927  10.007  1.00 13.68 ? 48  ILE A N   1 
ATOM   142 C  CA  . ILE A 1 31  ? 2.177   -2.316  10.315  1.00 13.97 ? 48  ILE A CA  1 
ATOM   143 C  C   . ILE A 1 31  ? 2.517   -2.487  11.802  1.00 13.93 ? 48  ILE A C   1 
ATOM   144 O  O   . ILE A 1 31  ? 3.165   -1.645  12.421  1.00 16.05 ? 48  ILE A O   1 
ATOM   145 C  CB  . ILE A 1 31  ? 3.317   -2.828  9.380   1.00 14.14 ? 48  ILE A CB  1 
ATOM   146 C  CG1 . ILE A 1 31  ? 3.515   -4.354  9.461   1.00 15.18 ? 48  ILE A CG1 1 
ATOM   147 C  CG2 . ILE A 1 31  ? 4.653   -2.073  9.621   1.00 15.60 ? 48  ILE A CG2 1 
ATOM   148 C  CD1 . ILE A 1 31  ? 4.367   -4.957  8.322   1.00 17.32 ? 48  ILE A CD1 1 
ATOM   149 N  N   . LEU A 1 32  ? 2.076   -3.601  12.366  1.00 14.26 ? 49  LEU A N   1 
ATOM   150 C  CA  . LEU A 1 32  ? 2.375   -3.972  13.739  1.00 14.35 ? 49  LEU A CA  1 
ATOM   151 C  C   . LEU A 1 32  ? 2.409   -5.476  13.798  1.00 14.82 ? 49  LEU A C   1 
ATOM   152 O  O   . LEU A 1 32  ? 1.485   -6.137  13.321  1.00 14.53 ? 49  LEU A O   1 
ATOM   153 C  CB  . LEU A 1 32  ? 1.282   -3.453  14.679  1.00 14.61 ? 49  LEU A CB  1 
ATOM   154 C  CG  . LEU A 1 32  ? 1.497   -3.746  16.192  1.00 16.01 ? 49  LEU A CG  1 
ATOM   155 C  CD1 . LEU A 1 32  ? 2.775   -3.151  16.705  1.00 19.48 ? 49  LEU A CD1 1 
ATOM   156 C  CD2 . LEU A 1 32  ? 0.317   -3.245  16.995  1.00 15.57 ? 49  LEU A CD2 1 
ATOM   157 N  N   . SER A 1 33  ? 3.500   -6.033  14.341  1.00 15.83 ? 50  SER A N   1 
ATOM   158 C  CA  . SER A 1 33  ? 3.619   -7.495  14.483  1.00 16.79 ? 50  SER A CA  1 
ATOM   159 C  C   . SER A 1 33  ? 3.452   -8.214  13.148  1.00 16.03 ? 50  SER A C   1 
ATOM   160 O  O   . SER A 1 33  ? 2.855   -9.273  13.055  1.00 16.57 ? 50  SER A O   1 
ATOM   161 C  CB  . SER A 1 33  ? 2.626   -8.029  15.532  1.00 18.44 ? 50  SER A CB  1 
ATOM   162 O  OG  . SER A 1 33  ? 2.885   -7.415  16.772  1.00 23.57 ? 50  SER A OG  1 
ATOM   163 N  N   . ASN A 1 34  ? 3.988   -7.595  12.090  1.00 14.40 ? 51  ASN A N   1 
ATOM   164 C  CA  . ASN A 1 34  ? 3.904   -8.117  10.739  1.00 15.06 ? 51  ASN A CA  1 
ATOM   165 C  C   . ASN A 1 34  ? 2.478   -8.298  10.216  1.00 14.27 ? 51  ASN A C   1 
ATOM   166 O  O   . ASN A 1 34  ? 2.269   -9.029  9.233   1.00 15.40 ? 51  ASN A O   1 
ATOM   167 C  CB  . ASN A 1 34  ? 4.731   -9.404  10.575  1.00 15.84 ? 51  ASN A CB  1 
ATOM   168 C  CG  . ASN A 1 34  ? 6.207   -9.129  10.496  1.00 16.87 ? 51  ASN A CG  1 
ATOM   169 O  OD1 . ASN A 1 34  ? 6.602   -8.097  9.957   1.00 19.15 ? 51  ASN A OD1 1 
ATOM   170 N  ND2 . ASN A 1 34  ? 7.036   -10.042 10.998  1.00 18.65 ? 51  ASN A ND2 1 
ATOM   171 N  N   . ILE A 1 35  ? 1.520   -7.572  10.805  1.00 14.32 ? 52  ILE A N   1 
ATOM   172 C  CA  . ILE A 1 35  ? 0.182   -7.431  10.261  1.00 13.61 ? 52  ILE A CA  1 
ATOM   173 C  C   . ILE A 1 35  ? 0.128   -6.072  9.555   1.00 12.41 ? 52  ILE A C   1 
ATOM   174 O  O   . ILE A 1 35  ? 0.264   -5.050  10.210  1.00 13.48 ? 52  ILE A O   1 
ATOM   175 C  CB  . ILE A 1 35  ? -0.912  -7.518  11.349  1.00 14.88 ? 52  ILE A CB  1 
ATOM   176 C  CG1 . ILE A 1 35  ? -0.771  -8.803  12.154  1.00 17.98 ? 52  ILE A CG1 1 
ATOM   177 C  CG2 . ILE A 1 35  ? -2.311  -7.375  10.673  1.00 16.29 ? 52  ILE A CG2 1 
ATOM   178 C  CD1 . ILE A 1 35  ? -0.766  -10.095 11.322  1.00 19.54 ? 52  ILE A CD1 1 
ATOM   179 N  N   . LEU A 1 36  ? -0.041  -6.096  8.242   1.00 13.33 ? 53  LEU A N   1 
ATOM   180 C  CA  . LEU A 1 36  ? -0.100  -4.907  7.414   1.00 13.07 ? 53  LEU A CA  1 
ATOM   181 C  C   . LEU A 1 36  ? -1.568  -4.446  7.360   1.00 13.25 ? 53  LEU A C   1 
ATOM   182 O  O   . LEU A 1 36  ? -2.473  -5.251  7.122   1.00 14.97 ? 53  LEU A O   1 
ATOM   183 C  CB  . LEU A 1 36  ? 0.400   -5.269  6.012   1.00 12.79 ? 53  LEU A CB  1 
ATOM   184 C  CG  . LEU A 1 36  ? 0.399   -4.191  4.962   1.00 13.65 ? 53  LEU A CG  1 
ATOM   185 C  CD1 . LEU A 1 36  ? 1.365   -3.088  5.303   1.00 14.65 ? 53  LEU A CD1 1 
ATOM   186 C  CD2 . LEU A 1 36  ? 0.688   -4.775  3.572   1.00 15.73 ? 53  LEU A CD2 1 
ATOM   187 N  N   . ASN A 1 37  ? -1.770  -3.160  7.552   1.00 12.95 ? 54  ASN A N   1 
ATOM   188 C  CA  A ASN A 1 37  ? -3.083  -2.539  7.579   0.50 13.53 ? 54  ASN A CA  1 
ATOM   189 C  CA  B ASN A 1 37  ? -3.088  -2.533  7.578   0.50 13.17 ? 54  ASN A CA  1 
ATOM   190 C  C   . ASN A 1 37  ? -3.150  -1.459  6.512   1.00 13.09 ? 54  ASN A C   1 
ATOM   191 O  O   . ASN A 1 37  ? -2.248  -0.607  6.402   1.00 13.30 ? 54  ASN A O   1 
ATOM   192 C  CB  A ASN A 1 37  ? -3.343  -1.915  8.959   0.50 13.53 ? 54  ASN A CB  1 
ATOM   193 C  CB  B ASN A 1 37  ? -3.329  -1.904  8.957   0.50 12.97 ? 54  ASN A CB  1 
ATOM   194 C  CG  A ASN A 1 37  ? -3.173  -2.917  10.093  0.50 15.91 ? 54  ASN A CG  1 
ATOM   195 C  CG  B ASN A 1 37  ? -4.573  -1.024  9.013   0.50 13.41 ? 54  ASN A CG  1 
ATOM   196 O  OD1 A ASN A 1 37  ? -2.057  -3.264  10.483  0.50 19.51 ? 54  ASN A OD1 1 
ATOM   197 O  OD1 B ASN A 1 37  ? -4.875  -0.243  8.090   0.50 14.40 ? 54  ASN A OD1 1 
ATOM   198 N  ND2 A ASN A 1 37  ? -4.284  -3.437  10.581  0.50 14.76 ? 54  ASN A ND2 1 
ATOM   199 N  ND2 B ASN A 1 37  ? -5.270  -1.084  10.155  0.50 16.25 ? 54  ASN A ND2 1 
ATOM   200 N  N   . VAL A 1 38  ? -4.196  -1.523  5.698   1.00 13.57 ? 55  VAL A N   1 
ATOM   201 C  CA  . VAL A 1 38  ? -4.529  -0.431  4.784   1.00 13.67 ? 55  VAL A CA  1 
ATOM   202 C  C   . VAL A 1 38  ? -5.923  0.058   5.133   1.00 14.10 ? 55  VAL A C   1 
ATOM   203 O  O   . VAL A 1 38  ? -6.824  -0.782  5.294   1.00 16.11 ? 55  VAL A O   1 
ATOM   204 C  CB  . VAL A 1 38  ? -4.478  -0.864  3.324   1.00 15.38 ? 55  VAL A CB  1 
ATOM   205 C  CG1 . VAL A 1 38  ? -4.862  0.305   2.405   1.00 16.42 ? 55  VAL A CG1 1 
ATOM   206 C  CG2 . VAL A 1 38  ? -3.107  -1.415  2.993   1.00 18.18 ? 55  VAL A CG2 1 
ATOM   207 N  N   . SER A 1 39  ? -6.079  1.367   5.305   1.00 13.43 ? 56  SER A N   1 
ATOM   208 C  CA  A SER A 1 39  ? -7.356  2.045   5.649   0.30 14.35 ? 56  SER A CA  1 
ATOM   209 C  CA  B SER A 1 39  ? -7.350  1.947   5.616   0.70 15.04 ? 56  SER A CA  1 
ATOM   210 C  C   . SER A 1 39  ? -7.794  2.943   4.542   1.00 15.32 ? 56  SER A C   1 
ATOM   211 O  O   . SER A 1 39  ? -6.998  3.790   4.095   1.00 15.94 ? 56  SER A O   1 
ATOM   212 C  CB  A SER A 1 39  ? -7.242  2.984   6.860   0.30 14.18 ? 56  SER A CB  1 
ATOM   213 C  CB  B SER A 1 39  ? -7.280  2.514   7.038   0.70 16.00 ? 56  SER A CB  1 
ATOM   214 O  OG  A SER A 1 39  ? -8.443  3.783   7.010   0.30 13.64 ? 56  SER A OG  1 
ATOM   215 O  OG  B SER A 1 39  ? -7.072  1.438   8.004   0.70 18.04 ? 56  SER A OG  1 
ATOM   216 N  N   . PHE A 1 40  ? -9.045  2.783   4.124   1.00 17.03 ? 57  PHE A N   1 
ATOM   217 C  CA  . PHE A 1 40  ? -9.667  3.618   3.109   1.00 18.95 ? 57  PHE A CA  1 
ATOM   218 C  C   . PHE A 1 40  ? -10.694 4.473   3.803   1.00 22.77 ? 57  PHE A C   1 
ATOM   219 O  O   . PHE A 1 40  ? -11.710 3.959   4.266   1.00 23.16 ? 57  PHE A O   1 
ATOM   220 C  CB  . PHE A 1 40  ? -10.323 2.740   2.060   1.00 18.73 ? 57  PHE A CB  1 
ATOM   221 C  CG  . PHE A 1 40  ? -9.368  1.926   1.258   1.00 18.69 ? 57  PHE A CG  1 
ATOM   222 C  CD1 . PHE A 1 40  ? -8.727  2.477   0.157   1.00 17.71 ? 57  PHE A CD1 1 
ATOM   223 C  CD2 . PHE A 1 40  ? -9.101  0.618   1.597   1.00 21.45 ? 57  PHE A CD2 1 
ATOM   224 C  CE1 . PHE A 1 40  ? -7.871  1.729   -0.583  1.00 18.67 ? 57  PHE A CE1 1 
ATOM   225 C  CE2 . PHE A 1 40  ? -8.238  -0.129  0.855   1.00 22.02 ? 57  PHE A CE2 1 
ATOM   226 C  CZ  . PHE A 1 40  ? -7.614  0.441   -0.257  1.00 19.30 ? 57  PHE A CZ  1 
ATOM   227 N  N   . GLY A 1 41  ? -10.415 5.764   3.918   1.00 25.81 ? 58  GLY A N   1 
ATOM   228 C  CA  . GLY A 1 41  ? -11.215 6.615   4.794   1.00 28.93 ? 58  GLY A CA  1 
ATOM   229 C  C   . GLY A 1 41  ? -12.474 7.051   4.126   1.00 31.69 ? 58  GLY A C   1 
ATOM   230 O  O   . GLY A 1 41  ? -13.392 7.573   4.797   1.00 32.36 ? 58  GLY A O   1 
ATOM   231 N  N   . ARG A 1 42  ? -12.514 6.897   2.806   1.00 34.45 ? 59  ARG A N   1 
ATOM   232 C  CA  . ARG A 1 42  ? -13.723 7.075   2.038   1.00 37.35 ? 59  ARG A CA  1 
ATOM   233 C  C   . ARG A 1 42  ? -13.776 5.802   1.179   1.00 39.42 ? 59  ARG A C   1 
ATOM   234 O  O   . ARG A 1 42  ? -12.932 5.605   0.334   1.00 40.93 ? 59  ARG A O   1 
ATOM   235 C  CB  . ARG A 1 42  ? -13.654 8.386   1.216   1.00 37.65 ? 59  ARG A CB  1 
ATOM   236 C  CG  . ARG A 1 42  ? -13.133 8.296   -0.226  1.00 39.03 ? 59  ARG A CG  1 
ATOM   237 C  CD  . ARG A 1 42  ? -13.111 9.671   -0.915  1.00 42.14 ? 59  ARG A CD  1 
ATOM   238 N  N   . ALA A 1 43  ? -14.719 4.899   1.448   1.00 40.98 ? 60  ALA A N   1 
ATOM   239 C  CA  . ALA A 1 43  ? -14.686 3.554   0.856   1.00 41.59 ? 60  ALA A CA  1 
ATOM   240 C  C   . ALA A 1 43  ? -15.007 3.622   -0.631  1.00 42.68 ? 60  ALA A C   1 
ATOM   241 O  O   . ALA A 1 43  ? -16.171 3.767   -1.032  1.00 43.36 ? 60  ALA A O   1 
ATOM   242 C  CB  . ALA A 1 43  ? -15.640 2.593   1.598   1.00 41.65 ? 60  ALA A CB  1 
ATOM   243 N  N   . LYS A 1 44  ? -13.958 3.492   -1.442  1.00 42.70 ? 61  LYS A N   1 
ATOM   244 C  CA  . LYS A 1 44  ? -14.050 3.682   -2.894  1.00 42.60 ? 61  LYS A CA  1 
ATOM   245 C  C   . LYS A 1 44  ? -14.798 2.538   -3.538  1.00 42.24 ? 61  LYS A C   1 
ATOM   246 O  O   . LYS A 1 44  ? -14.812 1.405   -3.008  1.00 43.22 ? 61  LYS A O   1 
ATOM   247 C  CB  . LYS A 1 44  ? -12.635 3.748   -3.512  1.00 42.64 ? 61  LYS A CB  1 
ATOM   248 C  CG  . LYS A 1 44  ? -11.674 4.711   -2.801  1.00 43.03 ? 61  LYS A CG  1 
ATOM   249 C  CD  . LYS A 1 44  ? -11.399 6.001   -3.572  1.00 42.24 ? 61  LYS A CD  1 
ATOM   250 C  CE  . LYS A 1 44  ? -11.068 7.164   -2.604  1.00 41.26 ? 61  LYS A CE  1 
ATOM   251 N  NZ  . LYS A 1 44  ? -9.763  7.894   -2.829  1.00 36.96 ? 61  LYS A NZ  1 
ATOM   252 N  N   . ASP A 1 45  ? -15.364 2.812   -4.709  1.00 40.86 ? 62  ASP A N   1 
ATOM   253 C  CA  . ASP A 1 45  ? -15.895 1.747   -5.553  1.00 39.88 ? 62  ASP A CA  1 
ATOM   254 C  C   . ASP A 1 45  ? -14.852 0.674   -5.976  1.00 37.87 ? 62  ASP A C   1 
ATOM   255 O  O   . ASP A 1 45  ? -15.223 -0.497  -6.150  1.00 39.13 ? 62  ASP A O   1 
ATOM   256 C  CB  . ASP A 1 45  ? -16.569 2.326   -6.803  1.00 40.49 ? 62  ASP A CB  1 
ATOM   257 N  N   . TYR A 1 46  ? -13.580 1.053   -6.151  1.00 34.06 ? 63  TYR A N   1 
ATOM   258 C  CA  . TYR A 1 46  ? -12.547 0.055   -6.457  1.00 30.84 ? 63  TYR A CA  1 
ATOM   259 C  C   . TYR A 1 46  ? -11.152 0.482   -6.014  1.00 27.49 ? 63  TYR A C   1 
ATOM   260 O  O   . TYR A 1 46  ? -10.734 1.606   -6.233  1.00 28.03 ? 63  TYR A O   1 
ATOM   261 C  CB  . TYR A 1 46  ? -12.536 -0.236  -7.961  1.00 30.88 ? 63  TYR A CB  1 
ATOM   262 N  N   . ALA A 1 47  ? -10.420 -0.448  -5.408  1.00 22.64 ? 64  ALA A N   1 
ATOM   263 C  CA  . ALA A 1 47  ? -9.025  -0.214  -5.095  1.00 20.56 ? 64  ALA A CA  1 
ATOM   264 C  C   . ALA A 1 47  ? -8.288  -1.524  -5.233  1.00 18.26 ? 64  ALA A C   1 
ATOM   265 O  O   . ALA A 1 47  ? -8.710  -2.550  -4.700  1.00 19.91 ? 64  ALA A O   1 
ATOM   266 C  CB  . ALA A 1 47  ? -8.869  0.330   -3.652  1.00 21.72 ? 64  ALA A CB  1 
ATOM   267 N  N   . ILE A 1 48  ? -7.142  -1.453  -5.893  1.00 15.53 ? 65  ILE A N   1 
ATOM   268 C  CA  . ILE A 1 48  ? -6.246  -2.600  -5.976  1.00 15.07 ? 65  ILE A CA  1 
ATOM   269 C  C   . ILE A 1 48  ? -5.156  -2.461  -4.944  1.00 14.12 ? 65  ILE A C   1 
ATOM   270 O  O   . ILE A 1 48  ? -4.591  -1.370  -4.822  1.00 15.34 ? 65  ILE A O   1 
ATOM   271 C  CB  . ILE A 1 48  ? -5.553  -2.699  -7.359  1.00 15.63 ? 65  ILE A CB  1 
ATOM   272 C  CG1 . ILE A 1 48  ? -6.592  -2.789  -8.464  1.00 17.18 ? 65  ILE A CG1 1 
ATOM   273 C  CG2 . ILE A 1 48  ? -4.556  -3.889  -7.392  1.00 17.58 ? 65  ILE A CG2 1 
ATOM   274 C  CD1 . ILE A 1 48  ? -5.975  -2.629  -9.883  1.00 19.95 ? 65  ILE A CD1 1 
ATOM   275 N  N   . ILE A 1 49  ? -4.886  -3.527  -4.183  1.00 13.12 ? 66  ILE A N   1 
ATOM   276 C  CA  . ILE A 1 49  ? -3.688  -3.566  -3.312  1.00 13.04 ? 66  ILE A CA  1 
ATOM   277 C  C   . ILE A 1 49  ? -2.795  -4.702  -3.787  1.00 12.80 ? 66  ILE A C   1 
ATOM   278 O  O   . ILE A 1 49  ? -3.244  -5.848  -3.848  1.00 13.83 ? 66  ILE A O   1 
ATOM   279 C  CB  . ILE A 1 49  ? -4.015  -3.795  -1.832  1.00 12.83 ? 66  ILE A CB  1 
ATOM   280 C  CG1 . ILE A 1 49  ? -4.902  -2.673  -1.304  1.00 14.42 ? 66  ILE A CG1 1 
ATOM   281 C  CG2 . ILE A 1 49  ? -2.702  -3.908  -1.018  1.00 14.93 ? 66  ILE A CG2 1 
ATOM   282 C  CD1 . ILE A 1 49  ? -5.489  -2.943  0.083   1.00 16.78 ? 66  ILE A CD1 1 
ATOM   283 N  N   . THR A 1 50  ? -1.549  -4.362  -4.125  1.00 12.67 ? 67  THR A N   1 
ATOM   284 C  CA  . THR A 1 50  ? -0.556  -5.334  -4.532  1.00 13.06 ? 67  THR A CA  1 
ATOM   285 C  C   . THR A 1 50  ? 0.696   -5.159  -3.689  1.00 12.72 ? 67  THR A C   1 
ATOM   286 O  O   . THR A 1 50  ? 1.173   -4.038  -3.552  1.00 14.63 ? 67  THR A O   1 
ATOM   287 C  CB  . THR A 1 50  ? -0.246  -5.208  -6.034  1.00 14.08 ? 67  THR A CB  1 
ATOM   288 O  OG1 . THR A 1 50  ? -1.447  -5.336  -6.809  1.00 15.61 ? 67  THR A OG1 1 
ATOM   289 C  CG2 . THR A 1 50  ? 0.795   -6.211  -6.497  1.00 15.84 ? 67  THR A CG2 1 
ATOM   290 N  N   . VAL A 1 51  ? 1.192   -6.255  -3.116  1.00 12.44 ? 68  VAL A N   1 
ATOM   291 C  CA  . VAL A 1 51  ? 2.345   -6.247  -2.228  1.00 12.91 ? 68  VAL A CA  1 
ATOM   292 C  C   . VAL A 1 51  ? 3.412   -7.136  -2.865  1.00 13.52 ? 68  VAL A C   1 
ATOM   293 O  O   . VAL A 1 51  ? 3.115   -8.281  -3.211  1.00 13.82 ? 68  VAL A O   1 
ATOM   294 C  CB  . VAL A 1 51  ? 1.983   -6.742  -0.814  1.00 13.05 ? 68  VAL A CB  1 
ATOM   295 C  CG1 . VAL A 1 51  ? 3.237   -6.744  0.125   1.00 14.20 ? 68  VAL A CG1 1 
ATOM   296 C  CG2 . VAL A 1 51  ? 0.882   -5.879  -0.204  1.00 14.35 ? 68  VAL A CG2 1 
ATOM   297 N  N   . THR A 1 52  ? 4.616   -6.597  -3.032  1.00 13.36 ? 69  THR A N   1 
ATOM   298 C  CA  . THR A 1 52  ? 5.692   -7.235  -3.797  1.00 14.57 ? 69  THR A CA  1 
ATOM   299 C  C   . THR A 1 52  ? 6.983   -7.238  -3.001  1.00 14.35 ? 69  THR A C   1 
ATOM   300 O  O   . THR A 1 52  ? 7.366   -6.243  -2.400  1.00 15.01 ? 69  THR A O   1 
ATOM   301 C  CB  . THR A 1 52  ? 5.923   -6.481  -5.107  1.00 15.16 ? 69  THR A CB  1 
ATOM   302 O  OG1 . THR A 1 52  ? 4.676   -6.329  -5.799  1.00 16.42 ? 69  THR A OG1 1 
ATOM   303 C  CG2 . THR A 1 52  ? 6.924   -7.197  -6.011  1.00 17.91 ? 69  THR A CG2 1 
ATOM   304 N  N   . ASN A 1 53  ? 7.650   -8.386  -2.962  1.00 15.54 ? 70  ASN A N   1 
ATOM   305 C  CA  . ASN A 1 53  ? 8.971   -8.480  -2.348  1.00 16.30 ? 70  ASN A CA  1 
ATOM   306 C  C   . ASN A 1 53  ? 9.958   -7.674  -3.191  1.00 17.53 ? 70  ASN A C   1 
ATOM   307 O  O   . ASN A 1 53  ? 10.083  -7.892  -4.402  1.00 17.51 ? 70  ASN A O   1 
ATOM   308 C  CB  . ASN A 1 53  ? 9.398   -9.949  -2.309  1.00 16.63 ? 70  ASN A CB  1 
ATOM   309 C  CG  . ASN A 1 53  ? 10.735  -10.162 -1.624  1.00 18.25 ? 70  ASN A CG  1 
ATOM   310 O  OD1 . ASN A 1 53  ? 11.735  -9.651  -2.065  1.00 20.69 ? 70  ASN A OD1 1 
ATOM   311 N  ND2 . ASN A 1 53  ? 10.725  -10.881 -0.507  1.00 22.92 ? 70  ASN A ND2 1 
ATOM   312 N  N   . LYS A 1 54  ? 10.612  -6.711  -2.572  1.00 19.55 ? 71  LYS A N   1 
ATOM   313 C  CA  . LYS A 1 54  ? 11.440  -5.780  -3.298  1.00 22.81 ? 71  LYS A CA  1 
ATOM   314 C  C   . LYS A 1 54  ? 12.712  -6.458  -3.813  1.00 23.17 ? 71  LYS A C   1 
ATOM   315 O  O   . LYS A 1 54  ? 13.169  -6.119  -4.922  1.00 27.21 ? 71  LYS A O   1 
ATOM   316 C  CB  . LYS A 1 54  ? 11.715  -4.549  -2.420  1.00 23.47 ? 71  LYS A CB  1 
ATOM   317 C  CG  . LYS A 1 54  ? 12.134  -3.310  -3.170  1.00 28.60 ? 71  LYS A CG  1 
ATOM   318 C  CD  . LYS A 1 54  ? 12.286  -2.120  -2.206  1.00 31.19 ? 71  LYS A CD  1 
ATOM   319 C  CE  . LYS A 1 54  ? 12.516  -0.808  -2.971  1.00 35.51 ? 71  LYS A CE  1 
ATOM   320 N  NZ  . LYS A 1 54  ? 12.129  0.384   -2.164  1.00 39.05 ? 71  LYS A NZ  1 
ATOM   321 N  N   . ALA A 1 55  ? 13.245  -7.447  -3.102  1.00 22.93 ? 72  ALA A N   1 
ATOM   322 C  CA  . ALA A 1 55  ? 14.484  -8.134  -3.537  1.00 23.57 ? 72  ALA A CA  1 
ATOM   323 C  C   . ALA A 1 55  ? 14.234  -9.087  -4.705  1.00 24.07 ? 72  ALA A C   1 
ATOM   324 O  O   . ALA A 1 55  ? 15.059  -9.182  -5.629  1.00 26.61 ? 72  ALA A O   1 
ATOM   325 C  CB  . ALA A 1 55  ? 15.126  -8.905  -2.352  1.00 23.60 ? 72  ALA A CB  1 
ATOM   326 N  N   . THR A 1 56  ? 13.116  -9.808  -4.680  1.00 23.00 ? 73  THR A N   1 
ATOM   327 C  CA  . THR A 1 56  ? 12.861  -10.884 -5.624  1.00 21.97 ? 73  THR A CA  1 
ATOM   328 C  C   . THR A 1 56  ? 11.816  -10.566 -6.697  1.00 21.95 ? 73  THR A C   1 
ATOM   329 O  O   . THR A 1 56  ? 11.741  -11.274 -7.714  1.00 22.92 ? 73  THR A O   1 
ATOM   330 C  CB  . THR A 1 56  ? 12.396  -12.157 -4.905  1.00 21.72 ? 73  THR A CB  1 
ATOM   331 O  OG1 . THR A 1 56  ? 11.051  -11.974 -4.428  1.00 21.00 ? 73  THR A OG1 1 
ATOM   332 C  CG2 . THR A 1 56  ? 13.340  -12.514 -3.712  1.00 23.18 ? 73  THR A CG2 1 
ATOM   333 N  N   . GLY A 1 57  ? 10.963  -9.567  -6.458  1.00 20.57 ? 74  GLY A N   1 
ATOM   334 C  CA  . GLY A 1 57  ? 9.854   -9.285  -7.352  1.00 19.35 ? 74  GLY A CA  1 
ATOM   335 C  C   . GLY A 1 57  ? 8.647   -10.186 -7.176  1.00 18.85 ? 74  GLY A C   1 
ATOM   336 O  O   . GLY A 1 57  ? 7.652   -10.035 -7.918  1.00 19.38 ? 74  GLY A O   1 
ATOM   337 N  N   . GLU A 1 58  ? 8.672   -11.107 -6.208  1.00 18.43 ? 75  GLU A N   1 
ATOM   338 C  CA  . GLU A 1 58  ? 7.526   -11.985 -5.953  1.00 18.17 ? 75  GLU A CA  1 
ATOM   339 C  C   . GLU A 1 58  ? 6.335   -11.161 -5.419  1.00 16.80 ? 75  GLU A C   1 
ATOM   340 O  O   . GLU A 1 58  ? 6.450   -10.442 -4.435  1.00 16.82 ? 75  GLU A O   1 
ATOM   341 C  CB  . GLU A 1 58  ? 7.844   -13.079 -4.932  1.00 19.49 ? 75  GLU A CB  1 
ATOM   342 C  CG  . GLU A 1 58  ? 6.696   -14.048 -4.731  1.00 22.02 ? 75  GLU A CG  1 
ATOM   343 C  CD  . GLU A 1 58  ? 6.921   -15.116 -3.670  1.00 27.30 ? 75  GLU A CD  1 
ATOM   344 O  OE1 . GLU A 1 58  ? 7.927   -15.054 -2.918  1.00 28.85 ? 75  GLU A OE1 1 
ATOM   345 O  OE2 . GLU A 1 58  ? 6.038   -16.005 -3.575  1.00 32.71 ? 75  GLU A OE2 1 
ATOM   346 N  N   . ILE A 1 59  ? 5.191   -11.308 -6.082  1.00 16.60 ? 76  ILE A N   1 
ATOM   347 C  CA  . ILE A 1 59  ? 3.943   -10.708 -5.642  1.00 15.99 ? 76  ILE A CA  1 
ATOM   348 C  C   . ILE A 1 59  ? 3.348   -11.650 -4.606  1.00 16.60 ? 76  ILE A C   1 
ATOM   349 O  O   . ILE A 1 59  ? 3.091   -12.839 -4.896  1.00 18.39 ? 76  ILE A O   1 
ATOM   350 C  CB  . ILE A 1 59  ? 2.982   -10.472 -6.814  1.00 15.68 ? 76  ILE A CB  1 
ATOM   351 C  CG1 . ILE A 1 59  ? 3.542   -9.411  -7.760  1.00 17.28 ? 76  ILE A CG1 1 
ATOM   352 C  CG2 . ILE A 1 59  ? 1.604   -10.036 -6.280  1.00 16.41 ? 76  ILE A CG2 1 
ATOM   353 C  CD1 . ILE A 1 59  ? 2.770   -9.295  -9.078  1.00 20.16 ? 76  ILE A CD1 1 
ATOM   354 N  N   . VAL A 1 60  ? 3.219   -11.158 -3.377  1.00 15.09 ? 77  VAL A N   1 
ATOM   355 C  CA  . VAL A 1 60  ? 2.672   -11.949 -2.302  1.00 16.34 ? 77  VAL A CA  1 
ATOM   356 C  C   . VAL A 1 60  ? 1.230   -11.673 -1.947  1.00 15.43 ? 77  VAL A C   1 
ATOM   357 O  O   . VAL A 1 60  ? 0.621   -12.451 -1.216  1.00 18.20 ? 77  VAL A O   1 
ATOM   358 C  CB  . VAL A 1 60  ? 3.555   -11.876 -1.028  1.00 16.47 ? 77  VAL A CB  1 
ATOM   359 C  CG1 . VAL A 1 60  ? 4.992   -12.360 -1.309  1.00 18.90 ? 77  VAL A CG1 1 
ATOM   360 C  CG2 . VAL A 1 60  ? 3.600   -10.459 -0.421  1.00 17.09 ? 77  VAL A CG2 1 
ATOM   361 N  N   . HIS A 1 61  ? 0.671   -10.586 -2.493  1.00 14.74 ? 78  HIS A N   1 
ATOM   362 C  CA  . HIS A 1 61  ? -0.743  -10.258 -2.348  1.00 14.06 ? 78  HIS A CA  1 
ATOM   363 C  C   . HIS A 1 61  ? -1.136  -9.395  -3.532  1.00 13.66 ? 78  HIS A C   1 
ATOM   364 O  O   . HIS A 1 61  ? -0.414  -8.477  -3.883  1.00 13.55 ? 78  HIS A O   1 
ATOM   365 C  CB  . HIS A 1 61  ? -0.986  -9.471  -1.050  1.00 15.26 ? 78  HIS A CB  1 
ATOM   366 C  CG  . HIS A 1 61  ? -2.428  -9.216  -0.729  1.00 16.17 ? 78  HIS A CG  1 
ATOM   367 N  ND1 . HIS A 1 61  ? -3.165  -10.068 0.062   1.00 19.68 ? 78  HIS A ND1 1 
ATOM   368 C  CD2 . HIS A 1 61  ? -3.276  -8.223  -1.108  1.00 15.82 ? 78  HIS A CD2 1 
ATOM   369 C  CE1 . HIS A 1 61  ? -4.399  -9.597  0.177   1.00 20.45 ? 78  HIS A CE1 1 
ATOM   370 N  NE2 . HIS A 1 61  ? -4.499  -8.487  -0.531  1.00 17.99 ? 78  HIS A NE2 1 
ATOM   371 N  N   . SER A 1 62  ? -2.310  -9.653  -4.112  1.00 13.44 ? 79  SER A N   1 
ATOM   372 C  CA  . SER A 1 62  ? -2.838  -8.793  -5.176  1.00 13.22 ? 79  SER A CA  1 
ATOM   373 C  C   . SER A 1 62  ? -4.335  -9.010  -5.291  1.00 13.81 ? 79  SER A C   1 
ATOM   374 O  O   . SER A 1 62  ? -4.778  -10.086 -5.660  1.00 15.11 ? 79  SER A O   1 
ATOM   375 C  CB  . SER A 1 62  ? -2.118  -9.052  -6.491  1.00 14.92 ? 79  SER A CB  1 
ATOM   376 O  OG  . SER A 1 62  ? -2.426  -7.989  -7.375  1.00 14.90 ? 79  SER A OG  1 
ATOM   377 N  N   . LYS A 1 63  ? -5.105  -8.000  -4.914  1.00 13.53 ? 80  LYS A N   1 
ATOM   378 C  CA  . LYS A 1 63  ? -6.543  -8.135  -4.875  1.00 14.16 ? 80  LYS A CA  1 
ATOM   379 C  C   . LYS A 1 63  ? -7.201  -6.802  -5.138  1.00 13.86 ? 80  LYS A C   1 
ATOM   380 O  O   . LYS A 1 63  ? -6.738  -5.774  -4.661  1.00 13.92 ? 80  LYS A O   1 
ATOM   381 C  CB  . LYS A 1 63  ? -6.987  -8.708  -3.530  1.00 15.28 ? 80  LYS A CB  1 
ATOM   382 C  CG  . LYS A 1 63  ? -8.468  -9.025  -3.478  1.00 19.93 ? 80  LYS A CG  1 
ATOM   383 C  CD  . LYS A 1 63  ? -8.825  -9.751  -2.182  1.00 27.16 ? 80  LYS A CD  1 
ATOM   384 C  CE  . LYS A 1 63  ? -10.322 -9.728  -1.962  1.00 31.76 ? 80  LYS A CE  1 
ATOM   385 N  NZ  . LYS A 1 63  ? -11.004 -10.649 -2.887  1.00 36.03 ? 80  LYS A NZ  1 
ATOM   386 N  N   . THR A 1 64  ? -8.303  -6.836  -5.879  1.00 14.56 ? 81  THR A N   1 
ATOM   387 C  CA  . THR A 1 64  ? -9.203  -5.685  -6.019  1.00 15.48 ? 81  THR A CA  1 
ATOM   388 C  C   . THR A 1 64  ? -10.268 -5.729  -4.933  1.00 15.90 ? 81  THR A C   1 
ATOM   389 O  O   . THR A 1 64  ? -10.965 -6.727  -4.758  1.00 17.28 ? 81  THR A O   1 
ATOM   390 C  CB  . THR A 1 64  ? -9.885  -5.668  -7.402  1.00 15.20 ? 81  THR A CB  1 
ATOM   391 O  OG1 . THR A 1 64  ? -8.864  -5.618  -8.409  1.00 16.06 ? 81  THR A OG1 1 
ATOM   392 C  CG2 . THR A 1 64  ? -10.854 -4.480  -7.538  1.00 17.49 ? 81  THR A CG2 1 
ATOM   393 N  N   . TYR A 1 65  ? -10.409 -4.610  -4.217  1.00 17.44 ? 82  TYR A N   1 
ATOM   394 C  CA  . TYR A 1 65  ? -11.407 -4.433  -3.157  1.00 18.44 ? 82  TYR A CA  1 
ATOM   395 C  C   . TYR A 1 65  ? -12.487 -3.465  -3.608  1.00 20.20 ? 82  TYR A C   1 
ATOM   396 O  O   . TYR A 1 65  ? -12.233 -2.522  -4.352  1.00 20.83 ? 82  TYR A O   1 
ATOM   397 C  CB  . TYR A 1 65  ? -10.707 -3.878  -1.905  1.00 18.20 ? 82  TYR A CB  1 
ATOM   398 C  CG  . TYR A 1 65  ? -9.700  -4.850  -1.369  1.00 16.37 ? 82  TYR A CG  1 
ATOM   399 C  CD1 . TYR A 1 65  ? -8.361  -4.834  -1.802  1.00 16.83 ? 82  TYR A CD1 1 
ATOM   400 C  CD2 . TYR A 1 65  ? -10.071 -5.781  -0.420  1.00 18.29 ? 82  TYR A CD2 1 
ATOM   401 C  CE1 . TYR A 1 65  ? -7.461  -5.753  -1.293  1.00 17.70 ? 82  TYR A CE1 1 
ATOM   402 C  CE2 . TYR A 1 65  ? -9.181  -6.692  0.111   1.00 17.78 ? 82  TYR A CE2 1 
ATOM   403 C  CZ  . TYR A 1 65  ? -7.849  -6.683  -0.353  1.00 16.72 ? 82  TYR A CZ  1 
ATOM   404 O  OH  . TYR A 1 65  ? -6.962  -7.616  0.146   1.00 19.97 ? 82  TYR A OH  1 
ATOM   405 N  N   . HIS A 1 66  ? -13.665 -3.698  -3.036  1.00 22.84 ? 83  HIS A N   1 
ATOM   406 C  CA  A HIS A 1 66  ? -14.914 -3.000  -3.321  0.60 23.99 ? 83  HIS A CA  1 
ATOM   407 C  CA  B HIS A 1 66  ? -14.810 -2.846  -3.310  0.40 24.11 ? 83  HIS A CA  1 
ATOM   408 C  C   . HIS A 1 66  ? -15.549 -2.632  -1.999  1.00 23.96 ? 83  HIS A C   1 
ATOM   409 O  O   . HIS A 1 66  ? -15.736 -3.528  -1.201  1.00 25.11 ? 83  HIS A O   1 
ATOM   410 C  CB  A HIS A 1 66  ? -15.907 -3.986  -3.962  0.60 24.35 ? 83  HIS A CB  1 
ATOM   411 C  CB  B HIS A 1 66  ? -15.702 -3.474  -4.394  0.40 24.72 ? 83  HIS A CB  1 
ATOM   412 C  CG  A HIS A 1 66  ? -15.464 -4.535  -5.279  0.60 25.57 ? 83  HIS A CG  1 
ATOM   413 C  CG  B HIS A 1 66  ? -16.833 -2.605  -4.862  0.40 27.58 ? 83  HIS A CG  1 
ATOM   414 N  ND1 A HIS A 1 66  ? -15.334 -3.744  -6.399  0.60 28.27 ? 83  HIS A ND1 1 
ATOM   415 N  ND1 B HIS A 1 66  ? -16.868 -1.241  -4.670  0.40 30.27 ? 83  HIS A ND1 1 
ATOM   416 C  CD2 A HIS A 1 66  ? -15.109 -5.785  -5.650  0.60 27.98 ? 83  HIS A CD2 1 
ATOM   417 C  CD2 B HIS A 1 66  ? -17.948 -2.912  -5.564  0.40 29.35 ? 83  HIS A CD2 1 
ATOM   418 C  CE1 A HIS A 1 66  ? -14.928 -4.492  -7.412  0.60 28.48 ? 83  HIS A CE1 1 
ATOM   419 C  CE1 B HIS A 1 66  ? -17.976 -0.753  -5.203  0.40 30.81 ? 83  HIS A CE1 1 
ATOM   420 N  NE2 A HIS A 1 66  ? -14.795 -5.734  -6.986  0.60 27.35 ? 83  HIS A NE2 1 
ATOM   421 N  NE2 B HIS A 1 66  ? -18.640 -1.745  -5.762  0.40 30.95 ? 83  HIS A NE2 1 
ATOM   422 N  N   . ASN A 1 67  ? -15.901 -1.374  -1.767  1.00 25.59 ? 84  ASN A N   1 
ATOM   423 C  CA  . ASN A 1 67  ? -16.691 -1.035  -0.569  1.00 26.81 ? 84  ASN A CA  1 
ATOM   424 C  C   . ASN A 1 67  ? -16.036 -1.516  0.721   1.00 26.74 ? 84  ASN A C   1 
ATOM   425 O  O   . ASN A 1 67  ? -16.711 -1.994  1.657   1.00 28.05 ? 84  ASN A O   1 
ATOM   426 C  CB  . ASN A 1 67  ? -18.090 -1.667  -0.664  1.00 28.29 ? 84  ASN A CB  1 
ATOM   427 C  CG  . ASN A 1 67  ? -18.880 -1.189  -1.882  1.00 31.99 ? 84  ASN A CG  1 
ATOM   428 O  OD1 . ASN A 1 67  ? -18.827 -0.011  -2.252  1.00 38.13 ? 84  ASN A OD1 1 
ATOM   429 N  ND2 . ASN A 1 67  ? -19.625 -2.113  -2.507  1.00 37.12 ? 84  ASN A ND2 1 
ATOM   430 N  N   . THR A 1 68  ? -14.713 -1.422  0.771   1.00 25.16 ? 85  THR A N   1 
ATOM   431 C  CA  . THR A 1 68  ? -13.969 -1.964  1.901   1.00 24.82 ? 85  THR A CA  1 
ATOM   432 C  C   . THR A 1 68  ? -13.289 -0.800  2.599   1.00 23.54 ? 85  THR A C   1 
ATOM   433 O  O   . THR A 1 68  ? -12.753 0.100   1.931   1.00 25.34 ? 85  THR A O   1 
ATOM   434 C  CB  . THR A 1 68  ? -12.914 -2.991  1.415   1.00 25.75 ? 85  THR A CB  1 
ATOM   435 O  OG1 . THR A 1 68  ? -13.588 -4.113  0.828   1.00 27.27 ? 85  THR A OG1 1 
ATOM   436 C  CG2 . THR A 1 68  ? -12.051 -3.484  2.555   1.00 27.07 ? 85  THR A CG2 1 
ATOM   437 N  N   . SER A 1 69  ? -13.345 -0.797  3.930   1.00 19.10 ? 86  SER A N   1 
ATOM   438 C  CA  . SER A 1 69  ? -12.702 0.235   4.734   1.00 17.41 ? 86  SER A CA  1 
ATOM   439 C  C   . SER A 1 69  ? -11.340 -0.174  5.290   1.00 15.73 ? 86  SER A C   1 
ATOM   440 O  O   . SER A 1 69  ? -10.447 0.653   5.345   1.00 18.00 ? 86  SER A O   1 
ATOM   441 C  CB  . SER A 1 69  ? -13.599 0.643   5.904   1.00 17.42 ? 86  SER A CB  1 
ATOM   442 O  OG  . SER A 1 69  ? -14.763 1.286   5.416   1.00 21.04 ? 86  SER A OG  1 
ATOM   443 N  N   . ILE A 1 70  ? -11.219 -1.381  5.807   1.00 14.97 ? 87  ILE A N   1 
ATOM   444 C  CA  . ILE A 1 70  ? -9.985  -1.875  6.432   1.00 14.71 ? 87  ILE A CA  1 
ATOM   445 C  C   . ILE A 1 70  ? -9.586  -3.138  5.715   1.00 15.27 ? 87  ILE A C   1 
ATOM   446 O  O   . ILE A 1 70  ? -10.393 -4.078  5.582   1.00 17.04 ? 87  ILE A O   1 
ATOM   447 C  CB  . ILE A 1 70  ? -10.144 -2.178  7.955   1.00 14.94 ? 87  ILE A CB  1 
ATOM   448 C  CG1 . ILE A 1 70  ? -10.511 -0.912  8.737   1.00 15.09 ? 87  ILE A CG1 1 
ATOM   449 C  CG2 . ILE A 1 70  ? -8.865  -2.807  8.519   1.00 18.34 ? 87  ILE A CG2 1 
ATOM   450 C  CD1 . ILE A 1 70  ? -10.845 -1.170  10.211  1.00 17.40 ? 87  ILE A CD1 1 
ATOM   451 N  N   . VAL A 1 71  ? -8.331  -3.181  5.287   1.00 13.42 ? 88  VAL A N   1 
ATOM   452 C  CA  . VAL A 1 71  ? -7.726  -4.396  4.771   1.00 13.67 ? 88  VAL A CA  1 
ATOM   453 C  C   . VAL A 1 71  ? -6.572  -4.764  5.708   1.00 12.94 ? 88  VAL A C   1 
ATOM   454 O  O   . VAL A 1 71  ? -5.734  -3.924  6.039   1.00 14.19 ? 88  VAL A O   1 
ATOM   455 C  CB  . VAL A 1 71  ? -7.221  -4.213  3.321   1.00 14.66 ? 88  VAL A CB  1 
ATOM   456 C  CG1 . VAL A 1 71  ? -6.444  -5.477  2.852   1.00 16.18 ? 88  VAL A CG1 1 
ATOM   457 C  CG2 . VAL A 1 71  ? -8.406  -3.895  2.394   1.00 14.48 ? 88  VAL A CG2 1 
HETATM 458 N  N   . MSE A 1 72  ? -6.555  -5.996  6.186   1.00 13.58 ? 89  MSE A N   1 
HETATM 459 C  CA  . MSE A 1 72  ? -5.472  -6.490  7.044   1.00 12.91 ? 89  MSE A CA  1 
HETATM 460 C  C   . MSE A 1 72  ? -4.851  -7.710  6.374   1.00 14.44 ? 89  MSE A C   1 
HETATM 461 O  O   . MSE A 1 72  ? -5.548  -8.639  5.971   1.00 16.34 ? 89  MSE A O   1 
HETATM 462 C  CB  . MSE A 1 72  ? -5.982  -6.857  8.453   1.00 14.79 ? 89  MSE A CB  1 
HETATM 463 C  CG  . MSE A 1 72  ? -6.615  -5.647  9.202   1.00 15.94 ? 89  MSE A CG  1 
HETATM 464 SE SE  . MSE A 1 72  ? -7.421  -6.155  10.843  0.75 19.38 ? 89  MSE A SE  1 
HETATM 465 C  CE  . MSE A 1 72  ? -8.692  -7.465  10.058  1.00 30.04 ? 89  MSE A CE  1 
ATOM   466 N  N   . ILE A 1 73  ? -3.531  -7.692  6.253   1.00 14.84 ? 90  ILE A N   1 
ATOM   467 C  CA  . ILE A 1 73  ? -2.784  -8.713  5.526   1.00 16.22 ? 90  ILE A CA  1 
ATOM   468 C  C   . ILE A 1 73  ? -1.701  -9.248  6.457   1.00 16.18 ? 90  ILE A C   1 
ATOM   469 O  O   . ILE A 1 73  ? -0.853  -8.518  6.974   1.00 16.38 ? 90  ILE A O   1 
ATOM   470 C  CB  . ILE A 1 73  ? -2.167  -8.159  4.228   1.00 16.12 ? 90  ILE A CB  1 
ATOM   471 C  CG1 . ILE A 1 73  ? -3.235  -7.605  3.282   1.00 18.50 ? 90  ILE A CG1 1 
ATOM   472 C  CG2 . ILE A 1 73  ? -1.321  -9.226  3.515   1.00 19.91 ? 90  ILE A CG2 1 
ATOM   473 C  CD1 . ILE A 1 73  ? -2.704  -6.774  2.164   1.00 19.44 ? 90  ILE A CD1 1 
ATOM   474 N  N   . ASP A 1 74  ? -1.772  -10.533 6.709   1.00 17.85 ? 91  ASP A N   1 
ATOM   475 C  CA  . ASP A 1 74  ? -0.821  -11.196 7.580   1.00 18.61 ? 91  ASP A CA  1 
ATOM   476 C  C   . ASP A 1 74  ? 0.473   -11.497 6.817   1.00 18.36 ? 91  ASP A C   1 
ATOM   477 O  O   . ASP A 1 74  ? 0.475   -12.336 5.877   1.00 19.90 ? 91  ASP A O   1 
ATOM   478 C  CB  . ASP A 1 74  ? -1.422  -12.492 8.071   1.00 20.15 ? 91  ASP A CB  1 
ATOM   479 C  CG  . ASP A 1 74  ? -0.583  -13.171 9.116   1.00 22.61 ? 91  ASP A CG  1 
ATOM   480 O  OD1 . ASP A 1 74  ? 0.578   -12.807 9.379   1.00 21.76 ? 91  ASP A OD1 1 
ATOM   481 O  OD2 . ASP A 1 74  ? -1.115  -14.147 9.697   1.00 29.69 ? 91  ASP A OD2 1 
HETATM 482 N  N   . MSE A 1 75  ? 1.543   -10.807 7.191   1.00 17.44 ? 92  MSE A N   1 
HETATM 483 C  CA  A MSE A 1 75  ? 2.835   -10.968 6.541   0.60 17.25 ? 92  MSE A CA  1 
HETATM 484 C  CA  B MSE A 1 75  ? 2.872   -10.918 6.572   0.40 17.85 ? 92  MSE A CA  1 
HETATM 485 C  C   . MSE A 1 75  ? 3.783   -11.828 7.393   1.00 18.51 ? 92  MSE A C   1 
HETATM 486 O  O   . MSE A 1 75  ? 4.973   -11.928 7.085   1.00 18.58 ? 92  MSE A O   1 
HETATM 487 C  CB  A MSE A 1 75  ? 3.464   -9.599  6.276   0.60 16.87 ? 92  MSE A CB  1 
HETATM 488 C  CB  B MSE A 1 75  ? 3.620   -9.566  6.506   0.40 17.94 ? 92  MSE A CB  1 
HETATM 489 C  CG  A MSE A 1 75  ? 2.612   -8.616  5.464   0.60 16.50 ? 92  MSE A CG  1 
HETATM 490 C  CG  B MSE A 1 75  ? 2.900   -8.351  5.982   0.40 18.74 ? 92  MSE A CG  1 
HETATM 491 SE SE  A MSE A 1 75  ? 2.538   -8.960  3.600   0.45 13.87 ? 92  MSE A SE  1 
HETATM 492 SE SE  B MSE A 1 75  ? 2.864   -8.180  4.054   0.30 19.00 ? 92  MSE A SE  1 
HETATM 493 C  CE  A MSE A 1 75  ? 4.371   -8.909  3.027   0.60 11.64 ? 92  MSE A CE  1 
HETATM 494 C  CE  B MSE A 1 75  ? 4.699   -8.557  3.507   0.40 17.92 ? 92  MSE A CE  1 
ATOM   495 N  N   . SER A 1 76  ? 3.259   -12.464 8.440   1.00 19.99 ? 93  SER A N   1 
ATOM   496 C  CA  . SER A 1 76  ? 4.098   -13.157 9.411   1.00 22.02 ? 93  SER A CA  1 
ATOM   497 C  C   . SER A 1 76  ? 4.744   -14.426 8.875   1.00 21.89 ? 93  SER A C   1 
ATOM   498 O  O   . SER A 1 76  ? 5.677   -14.908 9.513   1.00 24.98 ? 93  SER A O   1 
ATOM   499 C  CB  . SER A 1 76  ? 3.322   -13.467 10.706  1.00 23.21 ? 93  SER A CB  1 
ATOM   500 O  OG  . SER A 1 76  ? 2.307   -14.391 10.458  1.00 25.37 ? 93  SER A OG  1 
ATOM   501 N  N   . SER A 1 77  ? 4.299   -14.968 7.745   1.00 21.59 ? 94  SER A N   1 
ATOM   502 C  CA  A SER A 1 77  ? 4.908   -16.151 7.118   0.50 22.30 ? 94  SER A CA  1 
ATOM   503 C  CA  B SER A 1 77  ? 4.998   -16.128 7.180   0.50 22.46 ? 94  SER A CA  1 
ATOM   504 C  C   . SER A 1 77  ? 5.740   -15.777 5.891   1.00 21.66 ? 94  SER A C   1 
ATOM   505 O  O   . SER A 1 77  ? 6.336   -16.646 5.235   1.00 23.89 ? 94  SER A O   1 
ATOM   506 C  CB  A SER A 1 77  ? 3.820   -17.157 6.701   0.50 22.80 ? 94  SER A CB  1 
ATOM   507 C  CB  B SER A 1 77  ? 4.036   -17.294 6.971   0.50 22.93 ? 94  SER A CB  1 
ATOM   508 O  OG  A SER A 1 77  ? 3.121   -16.754 5.527   0.50 23.99 ? 94  SER A OG  1 
ATOM   509 O  OG  B SER A 1 77  ? 3.543   -17.760 8.216   0.50 25.49 ? 94  SER A OG  1 
ATOM   510 N  N   . CYS A 1 78  ? 5.772   -14.492 5.544   1.00 18.46 ? 95  CYS A N   1 
ATOM   511 C  CA  . CYS A 1 78  ? 6.454   -14.073 4.345   1.00 17.44 ? 95  CYS A CA  1 
ATOM   512 C  C   . CYS A 1 78  ? 7.980   -14.015 4.564   1.00 16.64 ? 95  CYS A C   1 
ATOM   513 O  O   . CYS A 1 78  ? 8.473   -13.900 5.688   1.00 16.30 ? 95  CYS A O   1 
ATOM   514 C  CB  . CYS A 1 78  ? 5.950   -12.680 3.898   1.00 16.80 ? 95  CYS A CB  1 
ATOM   515 S  SG  . CYS A 1 78  ? 4.222   -12.636 3.419   1.00 22.22 ? 95  CYS A SG  1 
ATOM   516 N  N   . GLU A 1 79  ? 8.710   -13.996 3.456   1.00 15.82 ? 96  GLU A N   1 
ATOM   517 C  CA  . GLU A 1 79  ? 10.161  -13.814 3.510   1.00 15.43 ? 96  GLU A CA  1 
ATOM   518 C  C   . GLU A 1 79  ? 10.490  -12.509 4.222   1.00 14.54 ? 96  GLU A C   1 
ATOM   519 O  O   . GLU A 1 79  ? 9.761   -11.513 4.096   1.00 15.45 ? 96  GLU A O   1 
ATOM   520 C  CB  . GLU A 1 79  ? 10.762  -13.779 2.116   1.00 16.00 ? 96  GLU A CB  1 
ATOM   521 C  CG  . GLU A 1 79  ? 10.679  -15.103 1.403   1.00 19.11 ? 96  GLU A CG  1 
ATOM   522 C  CD  . GLU A 1 79  ? 11.471  -15.142 0.130   1.00 23.64 ? 96  GLU A CD  1 
ATOM   523 O  OE1 . GLU A 1 79  ? 12.137  -14.160 -0.226  1.00 28.83 ? 96  GLU A OE1 1 
ATOM   524 O  OE2 . GLU A 1 79  ? 11.479  -16.236 -0.456  1.00 32.56 ? 96  GLU A OE2 1 
ATOM   525 N  N   . LYS A 1 80  ? 11.591  -12.493 4.960   1.00 13.98 ? 97  LYS A N   1 
ATOM   526 C  CA  . LYS A 1 80  ? 12.035  -11.303 5.643   1.00 13.70 ? 97  LYS A CA  1 
ATOM   527 C  C   . LYS A 1 80  ? 12.703  -10.362 4.667   1.00 13.81 ? 97  LYS A C   1 
ATOM   528 O  O   . LYS A 1 80  ? 13.459  -10.792 3.785   1.00 14.94 ? 97  LYS A O   1 
ATOM   529 C  CB  . LYS A 1 80  ? 12.994  -11.649 6.770   1.00 13.95 ? 97  LYS A CB  1 
ATOM   530 C  CG  . LYS A 1 80  ? 12.451  -12.674 7.782   1.00 14.86 ? 97  LYS A CG  1 
ATOM   531 C  CD  . LYS A 1 80  ? 11.152  -12.265 8.437   1.00 15.56 ? 97  LYS A CD  1 
ATOM   532 C  CE  . LYS A 1 80  ? 10.778  -13.177 9.580   1.00 17.64 ? 97  LYS A CE  1 
ATOM   533 N  NZ  . LYS A 1 80  ? 9.510   -12.775 10.220  1.00 19.16 ? 97  LYS A NZ  1 
ATOM   534 N  N   . GLY A 1 81  ? 12.461  -9.072  4.831   1.00 13.61 ? 98  GLY A N   1 
ATOM   535 C  CA  . GLY A 1 81  ? 13.101  -8.052  4.048   1.00 14.28 ? 98  GLY A CA  1 
ATOM   536 C  C   . GLY A 1 81  ? 12.126  -6.941  3.705   1.00 14.48 ? 98  GLY A C   1 
ATOM   537 O  O   . GLY A 1 81  ? 11.074  -6.816  4.301   1.00 15.39 ? 98  GLY A O   1 
ATOM   538 N  N   . GLU A 1 82  ? 12.459  -6.204  2.666   1.00 14.94 ? 99  GLU A N   1 
ATOM   539 C  CA  A GLU A 1 82  ? 11.704  -5.056  2.203   0.50 15.73 ? 99  GLU A CA  1 
ATOM   540 C  CA  B GLU A 1 82  ? 11.666  -5.063  2.249   0.50 15.91 ? 99  GLU A CA  1 
ATOM   541 C  C   . GLU A 1 82  ? 10.635  -5.445  1.188   1.00 15.37 ? 99  GLU A C   1 
ATOM   542 O  O   . GLU A 1 82  ? 10.854  -6.315  0.338   1.00 15.00 ? 99  GLU A O   1 
ATOM   543 C  CB  A GLU A 1 82  ? 12.669  -4.079  1.533   0.50 16.75 ? 99  GLU A CB  1 
ATOM   544 C  CB  B GLU A 1 82  ? 12.563  -3.945  1.716   0.50 17.16 ? 99  GLU A CB  1 
ATOM   545 C  CG  A GLU A 1 82  ? 13.698  -3.510  2.476   0.50 19.41 ? 99  GLU A CG  1 
ATOM   546 C  CG  B GLU A 1 82  ? 13.412  -3.274  2.761   0.50 20.68 ? 99  GLU A CG  1 
ATOM   547 C  CD  A GLU A 1 82  ? 13.069  -2.566  3.502   0.50 22.97 ? 99  GLU A CD  1 
ATOM   548 C  CD  B GLU A 1 82  ? 13.990  -1.964  2.244   0.50 23.90 ? 99  GLU A CD  1 
ATOM   549 O  OE1 A GLU A 1 82  ? 12.718  -1.416  3.137   0.50 26.43 ? 99  GLU A OE1 1 
ATOM   550 O  OE1 B GLU A 1 82  ? 14.145  -1.854  1.016   0.50 25.10 ? 99  GLU A OE1 1 
ATOM   551 O  OE2 A GLU A 1 82  ? 12.934  -2.973  4.665   0.50 25.36 ? 99  GLU A OE2 1 
ATOM   552 O  OE2 B GLU A 1 82  ? 14.282  -1.062  3.065   0.50 29.10 ? 99  GLU A OE2 1 
ATOM   553 N  N   . TYR A 1 83  ? 9.489   -4.778  1.266   1.00 13.99 ? 100 TYR A N   1 
ATOM   554 C  CA  . TYR A 1 83  ? 8.362   -4.944  0.377   1.00 13.84 ? 100 TYR A CA  1 
ATOM   555 C  C   . TYR A 1 83  ? 7.900   -3.604  -0.099  1.00 14.39 ? 100 TYR A C   1 
ATOM   556 O  O   . TYR A 1 83  ? 8.041   -2.604  0.584   1.00 15.65 ? 100 TYR A O   1 
ATOM   557 C  CB  . TYR A 1 83  ? 7.199   -5.658  1.120   1.00 13.89 ? 100 TYR A CB  1 
ATOM   558 C  CG  . TYR A 1 83  ? 7.458   -7.118  1.362   1.00 13.14 ? 100 TYR A CG  1 
ATOM   559 C  CD1 . TYR A 1 83  ? 8.270   -7.540  2.402   1.00 14.02 ? 100 TYR A CD1 1 
ATOM   560 C  CD2 . TYR A 1 83  ? 6.960   -8.076  0.509   1.00 12.80 ? 100 TYR A CD2 1 
ATOM   561 C  CE1 . TYR A 1 83  ? 8.566   -8.885  2.588   1.00 14.40 ? 100 TYR A CE1 1 
ATOM   562 C  CE2 . TYR A 1 83  ? 7.230   -9.431  0.700   1.00 12.84 ? 100 TYR A CE2 1 
ATOM   563 C  CZ  . TYR A 1 83  ? 8.046   -9.820  1.735   1.00 13.08 ? 100 TYR A CZ  1 
ATOM   564 O  OH  . TYR A 1 83  ? 8.319   -11.141 1.888   1.00 14.99 ? 100 TYR A OH  1 
ATOM   565 N  N   . THR A 1 84  ? 7.304   -3.603  -1.284  1.00 14.55 ? 101 THR A N   1 
ATOM   566 C  CA  A THR A 1 84  ? 6.554   -2.440  -1.732  0.70 14.64 ? 101 THR A CA  1 
ATOM   567 C  CA  B THR A 1 84  ? 6.571   -2.458  -1.806  0.30 15.15 ? 101 THR A CA  1 
ATOM   568 C  C   . THR A 1 84  ? 5.066   -2.752  -1.686  1.00 14.51 ? 101 THR A C   1 
ATOM   569 O  O   . THR A 1 84  ? 4.624   -3.878  -1.929  1.00 15.83 ? 101 THR A O   1 
ATOM   570 C  CB  A THR A 1 84  ? 6.898   -2.032  -3.143  0.70 15.64 ? 101 THR A CB  1 
ATOM   571 C  CB  B THR A 1 84  ? 6.991   -2.168  -3.290  0.30 15.71 ? 101 THR A CB  1 
ATOM   572 O  OG1 A THR A 1 84  ? 6.400   -3.021  -4.020  0.70 18.16 ? 101 THR A OG1 1 
ATOM   573 O  OG1 B THR A 1 84  ? 6.271   -1.040  -3.814  0.30 18.34 ? 101 THR A OG1 1 
ATOM   574 C  CG2 A THR A 1 84  ? 8.409   -1.844  -3.315  0.70 14.21 ? 101 THR A CG2 1 
ATOM   575 C  CG2 B THR A 1 84  ? 6.755   -3.369  -4.162  0.30 17.45 ? 101 THR A CG2 1 
ATOM   576 N  N   . ILE A 1 85  ? 4.291   -1.749  -1.307  1.00 13.90 ? 102 ILE A N   1 
ATOM   577 C  CA  . ILE A 1 85  ? 2.857   -1.768  -1.417  1.00 13.53 ? 102 ILE A CA  1 
ATOM   578 C  C   . ILE A 1 85  ? 2.457   -0.784  -2.485  1.00 13.54 ? 102 ILE A C   1 
ATOM   579 O  O   . ILE A 1 85  ? 2.921   0.360   -2.481  1.00 14.38 ? 102 ILE A O   1 
ATOM   580 C  CB  . ILE A 1 85  ? 2.129   -1.501  -0.096  1.00 14.41 ? 102 ILE A CB  1 
ATOM   581 C  CG1 . ILE A 1 85  ? 0.621   -1.500  -0.327  1.00 15.43 ? 102 ILE A CG1 1 
ATOM   582 C  CG2 . ILE A 1 85  ? 2.601   -0.234  0.620   1.00 15.29 ? 102 ILE A CG2 1 
ATOM   583 C  CD1 . ILE A 1 85  ? -0.213  -1.648  0.907   1.00 18.36 ? 102 ILE A CD1 1 
ATOM   584 N  N   . HIS A 1 86  ? 1.598   -1.247  -3.393  1.00 12.99 ? 103 HIS A N   1 
ATOM   585 C  CA  A HIS A 1 86  ? 0.908   -0.401  -4.364  0.60 12.95 ? 103 HIS A CA  1 
ATOM   586 C  CA  B HIS A 1 86  ? 0.936   -0.397  -4.361  0.40 13.65 ? 103 HIS A CA  1 
ATOM   587 C  C   . HIS A 1 86  ? -0.564  -0.395  -4.090  1.00 13.36 ? 103 HIS A C   1 
ATOM   588 O  O   . HIS A 1 86  ? -1.153  -1.454  -3.877  1.00 14.05 ? 103 HIS A O   1 
ATOM   589 C  CB  A HIS A 1 86  ? 1.109   -0.893  -5.788  0.60 13.72 ? 103 HIS A CB  1 
ATOM   590 C  CB  B HIS A 1 86  ? 1.231   -0.879  -5.781  0.40 14.65 ? 103 HIS A CB  1 
ATOM   591 C  CG  A HIS A 1 86  ? 2.520   -0.806  -6.235  0.60 14.45 ? 103 HIS A CG  1 
ATOM   592 C  CG  B HIS A 1 86  ? 2.620   -0.570  -6.238  0.40 17.25 ? 103 HIS A CG  1 
ATOM   593 N  ND1 A HIS A 1 86  ? 2.986   -1.432  -7.373  0.60 17.44 ? 103 HIS A ND1 1 
ATOM   594 N  ND1 B HIS A 1 86  ? 3.610   -1.528  -6.332  0.40 21.15 ? 103 HIS A ND1 1 
ATOM   595 C  CD2 A HIS A 1 86  ? 3.593   -0.205  -5.666  0.60 14.09 ? 103 HIS A CD2 1 
ATOM   596 C  CD2 B HIS A 1 86  ? 3.188   0.594   -6.631  0.40 19.66 ? 103 HIS A CD2 1 
ATOM   597 C  CE1 A HIS A 1 86  ? 4.275   -1.177  -7.508  0.60 19.12 ? 103 HIS A CE1 1 
ATOM   598 C  CE1 B HIS A 1 86  ? 4.724   -0.967  -6.768  0.40 21.73 ? 103 HIS A CE1 1 
ATOM   599 N  NE2 A HIS A 1 86  ? 4.671   -0.446  -6.481  0.60 19.27 ? 103 HIS A NE2 1 
ATOM   600 N  NE2 B HIS A 1 86  ? 4.492   0.319   -6.966  0.40 20.86 ? 103 HIS A NE2 1 
ATOM   601 N  N   . ILE A 1 87  ? -1.154  0.805   -4.068  1.00 13.59 ? 104 ILE A N   1 
ATOM   602 C  CA  . ILE A 1 87  ? -2.595  0.969   -3.929  1.00 14.61 ? 104 ILE A CA  1 
ATOM   603 C  C   . ILE A 1 87  ? -3.008  1.732   -5.169  1.00 15.59 ? 104 ILE A C   1 
ATOM   604 O  O   . ILE A 1 87  ? -2.555  2.852   -5.393  1.00 16.95 ? 104 ILE A O   1 
ATOM   605 C  CB  . ILE A 1 87  ? -2.996  1.721   -2.670  1.00 15.11 ? 104 ILE A CB  1 
ATOM   606 C  CG1 . ILE A 1 87  ? -2.407  1.061   -1.429  1.00 15.62 ? 104 ILE A CG1 1 
ATOM   607 C  CG2 . ILE A 1 87  ? -4.524  1.883   -2.562  1.00 17.06 ? 104 ILE A CG2 1 
ATOM   608 C  CD1 . ILE A 1 87  ? -2.531  1.887   -0.142  1.00 19.05 ? 104 ILE A CD1 1 
ATOM   609 N  N   . ILE A 1 88  ? -3.866  1.123   -5.967  1.00 16.36 ? 105 ILE A N   1 
ATOM   610 C  CA  . ILE A 1 88  ? -4.221  1.689   -7.259  1.00 17.74 ? 105 ILE A CA  1 
ATOM   611 C  C   . ILE A 1 88  ? -5.675  2.059   -7.234  1.00 18.11 ? 105 ILE A C   1 
ATOM   612 O  O   . ILE A 1 88  ? -6.549  1.208   -7.000  1.00 17.49 ? 105 ILE A O   1 
ATOM   613 C  CB  . ILE A 1 88  ? -3.908  0.738   -8.434  1.00 18.30 ? 105 ILE A CB  1 
ATOM   614 C  CG1 . ILE A 1 88  ? -2.431  0.316   -8.352  1.00 22.15 ? 105 ILE A CG1 1 
ATOM   615 C  CG2 . ILE A 1 88  ? -4.261  1.389   -9.766  1.00 20.88 ? 105 ILE A CG2 1 
ATOM   616 C  CD1 . ILE A 1 88  ? -2.047  -0.847  -9.143  1.00 25.98 ? 105 ILE A CD1 1 
ATOM   617 N  N   A LEU A 1 89  ? -5.856  3.347   -7.551  0.50 18.68 ? 106 LEU A N   1 
ATOM   618 N  N   B LEU A 1 89  ? -5.980  3.351   -7.417  0.50 17.81 ? 106 LEU A N   1 
ATOM   619 C  CA  A LEU A 1 89  ? -7.106  4.052   -7.538  0.50 19.93 ? 106 LEU A CA  1 
ATOM   620 C  CA  B LEU A 1 89  ? -7.376  3.836   -7.410  0.50 18.10 ? 106 LEU A CA  1 
ATOM   621 C  C   A LEU A 1 89  ? -7.322  4.607   -8.938  0.50 21.38 ? 106 LEU A C   1 
ATOM   622 C  C   B LEU A 1 89  ? -7.653  4.490   -8.758  0.50 18.77 ? 106 LEU A C   1 
ATOM   623 O  O   A LEU A 1 89  ? -6.389  4.745   -9.744  0.50 20.62 ? 106 LEU A O   1 
ATOM   624 O  O   B LEU A 1 89  ? -7.378  5.684   -8.938  0.50 18.74 ? 106 LEU A O   1 
ATOM   625 C  CB  A LEU A 1 89  ? -7.008  5.235   -6.572  0.50 19.69 ? 106 LEU A CB  1 
ATOM   626 C  CB  B LEU A 1 89  ? -7.602  4.869   -6.301  0.50 18.48 ? 106 LEU A CB  1 
ATOM   627 C  CG  A LEU A 1 89  ? -6.539  4.929   -5.144  0.50 19.70 ? 106 LEU A CG  1 
ATOM   628 C  CG  B LEU A 1 89  ? -7.471  4.372   -4.861  0.50 18.75 ? 106 LEU A CG  1 
ATOM   629 C  CD1 A LEU A 1 89  ? -6.550  6.206   -4.324  0.50 22.36 ? 106 LEU A CD1 1 
ATOM   630 C  CD1 B LEU A 1 89  ? -7.388  5.520   -3.871  0.50 21.11 ? 106 LEU A CD1 1 
ATOM   631 C  CD2 A LEU A 1 89  ? -7.396  3.876   -4.501  0.50 20.13 ? 106 LEU A CD2 1 
ATOM   632 C  CD2 B LEU A 1 89  ? -8.654  3.490   -4.531  0.50 21.70 ? 106 LEU A CD2 1 
ATOM   633 N  N   A ASN A 1 90  ? -8.555  4.953   -9.249  0.50 23.73 ? 107 ASN A N   1 
ATOM   634 N  N   B ASN A 1 90  ? -8.184  3.687   -9.688  0.50 19.60 ? 107 ASN A N   1 
ATOM   635 C  CA  A ASN A 1 90  ? -8.832  5.302   -10.629 0.50 26.55 ? 107 ASN A CA  1 
ATOM   636 C  CA  B ASN A 1 90  ? -8.286  4.060   -11.087 0.50 20.83 ? 107 ASN A CA  1 
ATOM   637 C  C   A ASN A 1 90  ? -7.505  5.262   -11.458 0.50 28.05 ? 107 ASN A C   1 
ATOM   638 C  C   B ASN A 1 90  ? -6.905  4.538   -11.562 0.50 22.33 ? 107 ASN A C   1 
ATOM   639 O  O   A ASN A 1 90  ? -6.995  4.166   -11.706 0.50 29.85 ? 107 ASN A O   1 
ATOM   640 O  O   B ASN A 1 90  ? -5.977  3.737   -11.765 0.50 23.37 ? 107 ASN A O   1 
ATOM   641 C  CB  A ASN A 1 90  ? -9.586  6.618   -10.665 0.50 27.32 ? 107 ASN A CB  1 
ATOM   642 C  CB  B ASN A 1 90  ? -9.466  5.065   -11.330 0.50 21.45 ? 107 ASN A CB  1 
ATOM   643 C  CG  A ASN A 1 90  ? -8.738  7.836   -10.128 0.50 25.91 ? 107 ASN A CG  1 
ATOM   644 C  CG  B ASN A 1 90  ? -10.822 4.459   -10.962 0.50 23.24 ? 107 ASN A CG  1 
ATOM   645 O  OD1 A ASN A 1 90  ? -8.026  8.416   -10.941 0.50 24.24 ? 107 ASN A OD1 1 
ATOM   646 O  OD1 B ASN A 1 90  ? -10.916 3.245   -10.757 0.50 26.03 ? 107 ASN A OD1 1 
ATOM   647 N  ND2 A ASN A 1 90  ? -8.879  8.186   -8.903  0.50 20.43 ? 107 ASN A ND2 1 
ATOM   648 N  ND2 B ASN A 1 90  ? -11.865 5.276   -10.886 0.50 26.67 ? 107 ASN A ND2 1 
ATOM   649 N  N   A ASP A 1 91  ? -6.983  6.408   -11.916 0.70 28.75 ? 108 ASP A N   1 
ATOM   650 N  N   B ASP A 1 91  ? -6.744  5.848   -11.699 0.30 22.44 ? 108 ASP A N   1 
ATOM   651 C  CA  A ASP A 1 91  ? -5.546  6.606   -12.158 0.70 28.73 ? 108 ASP A CA  1 
ATOM   652 C  CA  B ASP A 1 91  ? -5.532  6.407   -12.273 0.30 23.07 ? 108 ASP A CA  1 
ATOM   653 C  C   A ASP A 1 91  ? -4.940  7.539   -11.077 0.70 26.72 ? 108 ASP A C   1 
ATOM   654 C  C   B ASP A 1 91  ? -4.457  6.888   -11.262 0.30 22.82 ? 108 ASP A C   1 
ATOM   655 O  O   A ASP A 1 91  ? -4.776  8.770   -11.199 0.70 26.27 ? 108 ASP A O   1 
ATOM   656 O  O   B ASP A 1 91  ? -3.343  7.191   -11.689 0.30 22.75 ? 108 ASP A O   1 
ATOM   657 C  CB  A ASP A 1 91  ? -5.276  7.076   -13.579 0.70 29.50 ? 108 ASP A CB  1 
ATOM   658 C  CB  B ASP A 1 91  ? -5.899  7.535   -13.251 0.30 23.20 ? 108 ASP A CB  1 
ATOM   659 C  CG  A ASP A 1 91  ? -6.180  8.180   -13.982 0.70 32.96 ? 108 ASP A CG  1 
ATOM   660 C  CG  B ASP A 1 91  ? -6.673  7.027   -14.458 0.30 24.27 ? 108 ASP A CG  1 
ATOM   661 O  OD1 A ASP A 1 91  ? -6.910  8.683   -13.097 0.70 38.51 ? 108 ASP A OD1 1 
ATOM   662 O  OD1 B ASP A 1 91  ? -6.454  5.866   -14.872 0.30 25.55 ? 108 ASP A OD1 1 
ATOM   663 O  OD2 A ASP A 1 91  ? -6.165  8.550   -15.160 0.70 36.46 ? 108 ASP A OD2 1 
ATOM   664 O  OD2 B ASP A 1 91  ? -7.505  7.784   -14.995 0.30 26.39 ? 108 ASP A OD2 1 
ATOM   665 N  N   . CYS A 1 92  ? -4.704  6.926   -9.943  1.00 22.76 ? 109 CYS A N   1 
ATOM   666 C  CA  A CYS A 1 92  ? -3.446  7.191   -9.287  0.50 22.10 ? 109 CYS A CA  1 
ATOM   667 C  CA  B CYS A 1 92  ? -3.548  7.240   -9.098  0.30 22.70 ? 109 CYS A CA  1 
ATOM   668 C  CA  C CYS A 1 92  ? -3.532  7.222   -9.151  0.20 22.46 ? 109 CYS A CA  1 
ATOM   669 C  C   . CYS A 1 92  ? -2.918  5.920   -8.692  1.00 20.86 ? 109 CYS A C   1 
ATOM   670 O  O   . CYS A 1 92  ? -3.650  5.035   -8.239  1.00 22.36 ? 109 CYS A O   1 
ATOM   671 C  CB  A CYS A 1 92  ? -3.426  8.390   -8.308  0.50 22.26 ? 109 CYS A CB  1 
ATOM   672 C  CB  B CYS A 1 92  ? -3.905  8.000   -7.831  0.30 23.53 ? 109 CYS A CB  1 
ATOM   673 C  CB  C CYS A 1 92  ? -3.891  8.056   -7.927  0.20 23.19 ? 109 CYS A CB  1 
ATOM   674 S  SG  A CYS A 1 92  ? -4.074  8.118   -6.628  0.50 19.48 ? 109 CYS A SG  1 
ATOM   675 S  SG  B CYS A 1 92  ? -5.539  8.575   -7.850  0.30 26.78 ? 109 CYS A SG  1 
ATOM   676 S  SG  C CYS A 1 92  ? -2.442  8.729   -7.110  0.20 25.34 ? 109 CYS A SG  1 
ATOM   677 N  N   . LEU A 1 93  ? -1.609  5.846   -8.803  1.00 19.24 ? 110 LEU A N   1 
ATOM   678 C  CA  A LEU A 1 93  ? -0.835  4.721   -8.342  0.50 18.61 ? 110 LEU A CA  1 
ATOM   679 C  CA  B LEU A 1 93  ? -0.821  4.707   -8.353  0.50 18.82 ? 110 LEU A CA  1 
ATOM   680 C  C   . LEU A 1 93  ? -0.072  5.164   -7.102  1.00 18.06 ? 110 LEU A C   1 
ATOM   681 O  O   . LEU A 1 93  ? 0.865   5.943   -7.176  1.00 21.53 ? 110 LEU A O   1 
ATOM   682 C  CB  A LEU A 1 93  ? 0.122   4.276   -9.438  0.50 18.40 ? 110 LEU A CB  1 
ATOM   683 C  CB  B LEU A 1 93  ? 0.167   4.271   -9.438  0.50 18.79 ? 110 LEU A CB  1 
ATOM   684 C  CG  A LEU A 1 93  ? 1.146   3.183   -9.119  0.50 20.45 ? 110 LEU A CG  1 
ATOM   685 C  CG  B LEU A 1 93  ? 0.943   2.933   -9.368  0.50 21.74 ? 110 LEU A CG  1 
ATOM   686 C  CD1 A LEU A 1 93  ? 0.568   2.047   -8.321  0.50 20.11 ? 110 LEU A CD1 1 
ATOM   687 C  CD1 B LEU A 1 93  ? 2.376   3.157   -9.942  0.50 20.82 ? 110 LEU A CD1 1 
ATOM   688 C  CD2 A LEU A 1 93  ? 1.677   2.628   -10.453 0.50 19.85 ? 110 LEU A CD2 1 
ATOM   689 C  CD2 B LEU A 1 93  ? 1.070   2.289   -7.992  0.50 21.10 ? 110 LEU A CD2 1 
ATOM   690 N  N   . LEU A 1 94  ? -0.488  4.684   -5.960  1.00 15.02 ? 111 LEU A N   1 
ATOM   691 C  CA  . LEU A 1 94  ? 0.112   5.038   -4.701  1.00 14.26 ? 111 LEU A CA  1 
ATOM   692 C  C   . LEU A 1 94  ? 1.105   3.964   -4.324  1.00 14.84 ? 111 LEU A C   1 
ATOM   693 O  O   . LEU A 1 94  ? 0.875   2.798   -4.597  1.00 15.94 ? 111 LEU A O   1 
ATOM   694 C  CB  . LEU A 1 94  ? -0.971  5.186   -3.610  1.00 14.30 ? 111 LEU A CB  1 
ATOM   695 C  CG  . LEU A 1 94  ? -2.113  6.146   -3.919  1.00 14.49 ? 111 LEU A CG  1 
ATOM   696 C  CD1 . LEU A 1 94  ? -3.267  5.945   -2.903  1.00 16.91 ? 111 LEU A CD1 1 
ATOM   697 C  CD2 . LEU A 1 94  ? -1.622  7.593   -3.904  1.00 17.50 ? 111 LEU A CD2 1 
ATOM   698 N  N   . GLU A 1 95  ? 2.212   4.359   -3.716  1.00 13.37 ? 112 GLU A N   1 
ATOM   699 C  CA  A GLU A 1 95  ? 3.282   3.449   -3.359  0.70 14.70 ? 112 GLU A CA  1 
ATOM   700 C  CA  B GLU A 1 95  ? 3.236   3.412   -3.326  0.30 14.46 ? 112 GLU A CA  1 
ATOM   701 C  C   . GLU A 1 95  ? 3.844   3.733   -1.977  1.00 14.81 ? 112 GLU A C   1 
ATOM   702 O  O   . GLU A 1 95  ? 3.903   4.884   -1.552  1.00 15.42 ? 112 GLU A O   1 
ATOM   703 C  CB  A GLU A 1 95  ? 4.425   3.497   -4.400  0.70 15.79 ? 112 GLU A CB  1 
ATOM   704 C  CB  B GLU A 1 95  ? 4.338   3.290   -4.398  0.30 14.91 ? 112 GLU A CB  1 
ATOM   705 C  CG  A GLU A 1 95  ? 5.182   4.816   -4.433  0.70 18.89 ? 112 GLU A CG  1 
ATOM   706 C  CG  B GLU A 1 95  ? 5.092   4.569   -4.717  0.30 15.98 ? 112 GLU A CG  1 
ATOM   707 C  CD  A GLU A 1 95  ? 6.217   4.924   -5.546  0.70 23.86 ? 112 GLU A CD  1 
ATOM   708 C  CD  B GLU A 1 95  ? 6.251   4.863   -3.763  0.30 18.75 ? 112 GLU A CD  1 
ATOM   709 O  OE1 A GLU A 1 95  ? 6.412   3.969   -6.306  0.70 28.49 ? 112 GLU A OE1 1 
ATOM   710 O  OE1 B GLU A 1 95  ? 6.763   3.944   -3.096  0.30 20.46 ? 112 GLU A OE1 1 
ATOM   711 O  OE2 A GLU A 1 95  ? 6.830   6.004   -5.639  0.70 29.00 ? 112 GLU A OE2 1 
ATOM   712 O  OE2 B GLU A 1 95  ? 6.671   6.030   -3.684  0.30 22.57 ? 112 GLU A OE2 1 
ATOM   713 N  N   . GLY A 1 96  ? 4.282   2.680   -1.307  1.00 14.29 ? 113 GLY A N   1 
ATOM   714 C  CA  . GLY A 1 96  ? 5.086   2.754   -0.108  1.00 14.87 ? 113 GLY A CA  1 
ATOM   715 C  C   . GLY A 1 96  ? 6.013   1.565   -0.005  1.00 14.25 ? 113 GLY A C   1 
ATOM   716 O  O   . GLY A 1 96  ? 5.873   0.592   -0.739  1.00 15.39 ? 113 GLY A O   1 
ATOM   717 N  N   . THR A 1 97  ? 6.960   1.678   0.907   1.00 14.78 ? 114 THR A N   1 
ATOM   718 C  CA  . THR A 1 97  ? 7.930   0.625   1.179   1.00 15.86 ? 114 THR A CA  1 
ATOM   719 C  C   . THR A 1 97  ? 7.868   0.351   2.664   1.00 14.83 ? 114 THR A C   1 
ATOM   720 O  O   . THR A 1 97  ? 7.735   1.264   3.489   1.00 16.26 ? 114 THR A O   1 
ATOM   721 C  CB  . THR A 1 97  ? 9.347   1.063   0.768   1.00 17.87 ? 114 THR A CB  1 
ATOM   722 O  OG1 . THR A 1 97  ? 9.325   1.347   -0.627  1.00 22.84 ? 114 THR A OG1 1 
ATOM   723 C  CG2 . THR A 1 97  ? 10.377  -0.018  1.035   1.00 19.46 ? 114 THR A CG2 1 
ATOM   724 N  N   . PHE A 1 98  ? 7.986   -0.926  3.004   1.00 14.05 ? 115 PHE A N   1 
ATOM   725 C  CA  . PHE A 1 98  ? 7.989   -1.357  4.395   1.00 13.94 ? 115 PHE A CA  1 
ATOM   726 C  C   . PHE A 1 98  ? 8.848   -2.577  4.612   1.00 14.45 ? 115 PHE A C   1 
ATOM   727 O  O   . PHE A 1 98  ? 9.217   -3.258  3.667   1.00 14.81 ? 115 PHE A O   1 
ATOM   728 C  CB  . PHE A 1 98  ? 6.555   -1.551  4.946   1.00 14.36 ? 115 PHE A CB  1 
ATOM   729 C  CG  . PHE A 1 98  ? 5.815   -2.697  4.345   1.00 13.66 ? 115 PHE A CG  1 
ATOM   730 C  CD1 . PHE A 1 98  ? 5.117   -2.552  3.143   1.00 14.57 ? 115 PHE A CD1 1 
ATOM   731 C  CD2 . PHE A 1 98  ? 5.807   -3.936  4.955   1.00 14.36 ? 115 PHE A CD2 1 
ATOM   732 C  CE1 . PHE A 1 98  ? 4.452   -3.601  2.580   1.00 14.46 ? 115 PHE A CE1 1 
ATOM   733 C  CE2 . PHE A 1 98  ? 5.115   -4.981  4.410   1.00 14.17 ? 115 PHE A CE2 1 
ATOM   734 C  CZ  . PHE A 1 98  ? 4.440   -4.822  3.204   1.00 14.25 ? 115 PHE A CZ  1 
ATOM   735 N  N   . THR A 1 99  ? 9.150   -2.842  5.879   1.00 16.69 ? 116 THR A N   1 
ATOM   736 C  CA  . THR A 1 99  ? 10.030  -3.921  6.282   1.00 18.35 ? 116 THR A CA  1 
ATOM   737 C  C   . THR A 1 99  ? 9.251   -5.010  7.026   1.00 17.78 ? 116 THR A C   1 
ATOM   738 O  O   . THR A 1 99  ? 8.473   -4.693  7.933   1.00 18.57 ? 116 THR A O   1 
ATOM   739 C  CB  . THR A 1 99  ? 11.079  -3.306  7.249   1.00 19.53 ? 116 THR A CB  1 
ATOM   740 O  OG1 . THR A 1 99  ? 11.800  -2.247  6.578   1.00 22.94 ? 116 THR A OG1 1 
ATOM   741 C  CG2 . THR A 1 99  ? 12.070  -4.323  7.709   1.00 23.11 ? 116 THR A CG2 1 
ATOM   742 N  N   . VAL A 1 100 ? 9.442   -6.273  6.632   1.00 17.06 ? 117 VAL A N   1 
ATOM   743 C  CA  . VAL A 1 100 ? 9.005   -7.458  7.370   1.00 16.31 ? 117 VAL A CA  1 
ATOM   744 C  C   . VAL A 1 100 ? 10.226  -8.008  8.103   1.00 16.27 ? 117 VAL A C   1 
ATOM   745 O  O   . VAL A 1 100 ? 11.178  -8.445  7.487   1.00 16.22 ? 117 VAL A O   1 
ATOM   746 C  CB  . VAL A 1 100 ? 8.417   -8.496  6.417   1.00 16.49 ? 117 VAL A CB  1 
ATOM   747 C  CG1 . VAL A 1 100 ? 8.113   -9.820  7.141   1.00 18.37 ? 117 VAL A CG1 1 
ATOM   748 C  CG2 . VAL A 1 100 ? 7.150   -7.913  5.751   1.00 18.61 ? 117 VAL A CG2 1 
ATOM   749 N  N   . GLN A 1 101 ? 10.203  -7.943  9.420   1.00 17.47 ? 118 GLN A N   1 
ATOM   750 C  CA  . GLN A 1 101 ? 11.340  -8.375  10.242  1.00 17.77 ? 118 GLN A CA  1 
ATOM   751 C  C   . GLN A 1 101 ? 11.091  -9.724  10.881  1.00 17.52 ? 118 GLN A C   1 
ATOM   752 O  O   . GLN A 1 101 ? 9.938   -10.187 11.014  1.00 18.16 ? 118 GLN A O   1 
ATOM   753 C  CB  . GLN A 1 101 ? 11.695  -7.378  11.345  1.00 19.43 ? 118 GLN A CB  1 
ATOM   754 C  CG  . GLN A 1 101 ? 12.089  -5.973  10.895  1.00 23.68 ? 118 GLN A CG  1 
ATOM   755 C  CD  . GLN A 1 101 ? 12.636  -5.133  12.064  1.00 23.36 ? 118 GLN A CD  1 
ATOM   756 O  OE1 . GLN A 1 101 ? 11.957  -4.970  13.084  1.00 27.66 ? 118 GLN A OE1 1 
ATOM   757 N  NE2 . GLN A 1 101 ? 13.884  -4.650  11.932  1.00 26.06 ? 118 GLN A NE2 1 
ATOM   758 O  OXT . GLN A 1 101 ? 12.100  -10.335 11.272  1.00 17.71 ? 118 GLN A OXT 1 
HETATM 759 O  O   . HOH B 2 .   ? 0.205   8.349   -9.455  1.00 16.53 ? 200 HOH A O   1 
HETATM 760 O  O   . HOH B 2 .   ? 0.220   5.907   5.509   1.00 15.98 ? 201 HOH A O   1 
HETATM 761 O  O   . HOH B 2 .   ? 6.940   4.161   2.431   1.00 20.60 ? 202 HOH A O   1 
HETATM 762 O  O   . HOH B 2 .   ? 3.716   -3.940  -4.968  1.00 17.38 ? 203 HOH A O   1 
HETATM 763 O  O   . HOH B 2 .   ? 5.807   13.219  -2.860  1.00 17.91 ? 204 HOH A O   1 
HETATM 764 O  O   . HOH B 2 .   ? -1.667  9.154   3.242   1.00 21.07 ? 205 HOH A O   1 
HETATM 765 O  O   . HOH B 2 .   ? -3.686  -11.957 -2.982  1.00 24.51 ? 206 HOH A O   1 
HETATM 766 O  O   . HOH B 2 .   ? 7.181   -14.554 1.004   1.00 22.13 ? 207 HOH A O   1 
HETATM 767 O  O   . HOH B 2 .   ? 11.938  -12.278 13.209  1.00 20.99 ? 208 HOH A O   1 
HETATM 768 O  O   . HOH B 2 .   ? -14.234 -2.874  5.586   1.00 33.79 ? 209 HOH A O   1 
HETATM 769 O  O   . HOH B 2 .   ? -9.252  -3.892  -10.562 1.00 19.45 ? 210 HOH A O   1 
HETATM 770 O  O   . HOH B 2 .   ? 5.767   -5.348  12.226  1.00 21.92 ? 211 HOH A O   1 
HETATM 771 O  O   . HOH B 2 .   ? 7.611   -12.916 8.155   1.00 21.51 ? 212 HOH A O   1 
HETATM 772 O  O   . HOH B 2 .   ? 13.400  -10.577 1.006   1.00 22.60 ? 213 HOH A O   1 
HETATM 773 O  O   . HOH B 2 .   ? 1.387   -2.937  -8.966  1.00 27.04 ? 214 HOH A O   1 
HETATM 774 O  O   . HOH B 2 .   ? 4.846   -6.160  -8.580  1.00 24.62 ? 215 HOH A O   1 
HETATM 775 O  O   . HOH B 2 .   ? 15.336  -6.676  1.432   1.00 28.80 ? 216 HOH A O   1 
HETATM 776 O  O   . HOH B 2 .   ? 13.097  -7.910  0.007   1.00 21.98 ? 217 HOH A O   1 
HETATM 777 O  O   . HOH B 2 .   ? 13.780  -6.881  7.505   1.00 21.66 ? 218 HOH A O   1 
HETATM 778 O  O   . HOH B 2 .   ? 1.406   -11.404 14.117  1.00 28.74 ? 219 HOH A O   1 
HETATM 779 O  O   . HOH B 2 .   ? -3.687  -12.293 5.542   1.00 31.90 ? 220 HOH A O   1 
HETATM 780 O  O   . HOH B 2 .   ? 15.090  -5.187  5.608   1.00 29.68 ? 221 HOH A O   1 
HETATM 781 O  O   A HOH B 2 .   ? -12.659 -0.756  -1.182  0.50 21.91 ? 222 HOH A O   1 
HETATM 782 O  O   B HOH B 2 .   ? -12.061 1.196   -0.590  0.50 30.87 ? 222 HOH A O   1 
HETATM 783 O  O   . HOH B 2 .   ? 4.983   -13.031 -8.500  1.00 27.47 ? 223 HOH A O   1 
HETATM 784 O  O   . HOH B 2 .   ? 2.089   -14.484 6.046   1.00 28.99 ? 224 HOH A O   1 
HETATM 785 O  O   . HOH B 2 .   ? -1.110  -4.243  -9.258  1.00 21.61 ? 225 HOH A O   1 
HETATM 786 O  O   . HOH B 2 .   ? 8.401   -12.929 -0.857  1.00 25.64 ? 226 HOH A O   1 
HETATM 787 O  O   . HOH B 2 .   ? 7.946   -5.853  10.419  1.00 26.67 ? 227 HOH A O   1 
HETATM 788 O  O   A HOH B 2 .   ? 7.616   -3.044  -6.573  0.50 22.21 ? 228 HOH A O   1 
HETATM 789 O  O   B HOH B 2 .   ? 8.552   -3.773  -6.021  0.50 33.62 ? 228 HOH A O   1 
HETATM 790 O  O   . HOH B 2 .   ? 6.385   -12.528 12.296  1.00 34.75 ? 229 HOH A O   1 
HETATM 791 O  O   . HOH B 2 .   ? -13.901 -6.535  -1.628  1.00 31.98 ? 230 HOH A O   1 
HETATM 792 O  O   . HOH B 2 .   ? -7.495  6.261   5.896   1.00 32.01 ? 231 HOH A O   1 
HETATM 793 O  O   . HOH B 2 .   ? 2.693   -5.554  -10.096 1.00 28.89 ? 232 HOH A O   1 
HETATM 794 O  O   . HOH B 2 .   ? 11.117  0.001   4.804   1.00 37.15 ? 233 HOH A O   1 
HETATM 795 O  O   . HOH B 2 .   ? 10.598  -14.402 -3.253  1.00 31.06 ? 234 HOH A O   1 
HETATM 796 O  O   . HOH B 2 .   ? 10.225  -15.684 6.876   1.00 26.68 ? 235 HOH A O   1 
HETATM 797 O  O   A HOH B 2 .   ? -7.725  -9.220  1.915   0.50 24.02 ? 236 HOH A O   1 
HETATM 798 O  O   B HOH B 2 .   ? -8.451  -10.366 1.077   0.50 42.87 ? 236 HOH A O   1 
HETATM 799 O  O   . HOH B 2 .   ? -10.638 4.114   -7.252  1.00 36.41 ? 237 HOH A O   1 
HETATM 800 O  O   . HOH B 2 .   ? -8.489  0.850   -9.193  1.00 32.55 ? 238 HOH A O   1 
HETATM 801 O  O   . HOH B 2 .   ? 5.807   -2.606  13.204  1.00 33.42 ? 239 HOH A O   1 
HETATM 802 O  O   . HOH B 2 .   ? 13.878  18.963  0.003   1.00 38.84 ? 240 HOH A O   1 
HETATM 803 O  O   . HOH B 2 .   ? 5.829   -4.810  15.423  1.00 32.83 ? 241 HOH A O   1 
HETATM 804 O  O   . HOH B 2 .   ? 11.245  0.099   8.016   1.00 43.05 ? 242 HOH A O   1 
HETATM 805 O  O   . HOH B 2 .   ? 6.755   -8.125  -9.573  1.00 31.60 ? 243 HOH A O   1 
HETATM 806 O  O   . HOH B 2 .   ? 6.241   6.359   0.045   1.00 34.80 ? 244 HOH A O   1 
HETATM 807 O  O   . HOH B 2 .   ? -0.132  9.843   8.001   1.00 42.40 ? 245 HOH A O   1 
HETATM 808 O  O   . HOH B 2 .   ? 9.841   -14.206 12.669  1.00 32.72 ? 246 HOH A O   1 
HETATM 809 O  O   A HOH B 2 .   ? 7.181   11.923  -0.950  0.50 27.42 ? 247 HOH A O   1 
HETATM 810 O  O   B HOH B 2 .   ? 8.364   13.083  -1.186  0.50 37.21 ? 247 HOH A O   1 
HETATM 811 O  O   . HOH B 2 .   ? 1.698   -9.953  18.222  1.00 37.37 ? 248 HOH A O   1 
HETATM 812 O  O   . HOH B 2 .   ? -16.903 0.173   4.133   1.00 40.86 ? 249 HOH A O   1 
HETATM 813 O  O   . HOH B 2 .   ? 5.200   -9.244  -12.047 1.00 36.23 ? 250 HOH A O   1 
HETATM 814 O  O   . HOH B 2 .   ? -11.122 3.386   6.966   1.00 32.45 ? 251 HOH A O   1 
HETATM 815 O  O   . HOH B 2 .   ? 4.869   11.944  0.711   1.00 30.79 ? 252 HOH A O   1 
HETATM 816 O  O   . HOH B 2 .   ? 6.302   -3.779  -8.640  1.00 34.51 ? 253 HOH A O   1 
HETATM 817 O  O   . HOH B 2 .   ? -5.979  -11.459 4.718   1.00 44.47 ? 254 HOH A O   1 
HETATM 818 O  O   . HOH B 2 .   ? 8.494   -16.749 -1.036  1.00 40.46 ? 255 HOH A O   1 
HETATM 819 O  O   . HOH B 2 .   ? -9.572  -1.159  -10.240 1.00 35.09 ? 256 HOH A O   1 
HETATM 820 O  O   . HOH B 2 .   ? -10.867 -6.318  4.100   1.00 34.35 ? 257 HOH A O   1 
HETATM 821 O  O   . HOH B 2 .   ? 13.793  -13.027 -8.529  1.00 41.63 ? 258 HOH A O   1 
HETATM 822 O  O   . HOH B 2 .   ? -6.415  -12.003 -1.469  1.00 37.47 ? 259 HOH A O   1 
HETATM 823 O  O   . HOH B 2 .   ? 4.929   2.646   -8.102  1.00 36.91 ? 260 HOH A O   1 
HETATM 824 O  O   . HOH B 2 .   ? 10.149  -5.573  -6.843  1.00 47.14 ? 261 HOH A O   1 
HETATM 825 O  O   . HOH B 2 .   ? 15.242  -4.341  -0.818  1.00 45.70 ? 262 HOH A O   1 
HETATM 826 O  O   . HOH B 2 .   ? 9.222   -6.183  -9.295  1.00 54.39 ? 263 HOH A O   1 
HETATM 827 O  O   . HOH B 2 .   ? -2.325  -3.018  -11.471 1.00 30.56 ? 264 HOH A O   1 
HETATM 828 O  O   . HOH B 2 .   ? -0.215  -0.738  -11.836 1.00 46.88 ? 265 HOH A O   1 
HETATM 829 O  O   . HOH B 2 .   ? 11.769  -1.664  10.686  1.00 54.91 ? 266 HOH A O   1 
HETATM 830 O  O   . HOH B 2 .   ? 15.255  -5.353  9.632   1.00 31.67 ? 267 HOH A O   1 
HETATM 831 O  O   . HOH B 2 .   ? 16.214  -6.117  3.496   1.00 46.71 ? 268 HOH A O   1 
HETATM 832 O  O   . HOH B 2 .   ? 14.188  -12.584 -0.256  1.00 40.76 ? 269 HOH A O   1 
HETATM 833 O  O   . HOH B 2 .   ? -10.440 5.768   0.554   1.00 28.95 ? 270 HOH A O   1 
HETATM 834 O  O   . HOH B 2 .   ? -3.179  3.858   -11.830 1.00 55.79 ? 271 HOH A O   1 
HETATM 835 O  O   . HOH B 2 .   ? 13.063  15.946  -2.851  1.00 46.88 ? 272 HOH A O   1 
HETATM 836 O  O   . HOH B 2 .   ? -16.113 5.433   3.482   1.00 45.77 ? 273 HOH A O   1 
HETATM 837 O  O   . HOH B 2 .   ? -16.985 8.147   1.797   1.00 49.39 ? 274 HOH A O   1 
HETATM 838 O  O   . HOH B 2 .   ? 6.271   -11.556 -10.234 1.00 43.78 ? 275 HOH A O   1 
HETATM 839 O  O   . HOH B 2 .   ? 7.315   -11.537 -12.356 1.00 43.48 ? 276 HOH A O   1 
HETATM 840 O  O   . HOH B 2 .   ? 8.235   4.389   -0.893  1.00 44.57 ? 277 HOH A O   1 
HETATM 841 O  O   . HOH B 2 .   ? -8.556  -7.701  4.875   1.00 32.02 ? 278 HOH A O   1 
HETATM 842 O  O   . HOH B 2 .   ? -2.453  -13.538 -1.093  1.00 45.74 ? 279 HOH A O   1 
HETATM 843 O  O   . HOH B 2 .   ? 14.486  -0.932  8.310   1.00 56.26 ? 280 HOH A O   1 
HETATM 844 O  O   . HOH B 2 .   ? 0.669   -18.919 5.541   1.00 52.06 ? 281 HOH A O   1 
HETATM 845 O  O   . HOH B 2 .   ? 2.669   -16.891 10.321  1.00 51.42 ? 282 HOH A O   1 
HETATM 846 O  O   . HOH B 2 .   ? 2.136   -1.238  -10.857 1.00 54.48 ? 283 HOH A O   1 
HETATM 847 O  O   A HOH B 2 .   ? 7.601   7.818   -7.431  0.50 27.94 ? 284 HOH A O   1 
HETATM 848 O  O   B HOH B 2 .   ? 6.697   8.161   -5.654  0.50 30.78 ? 284 HOH A O   1 
HETATM 849 O  O   . HOH B 2 .   ? 0.502   -16.488 8.711   1.00 58.74 ? 285 HOH A O   1 
HETATM 850 O  O   . HOH B 2 .   ? 8.085   -17.673 3.276   1.00 50.43 ? 286 HOH A O   1 
HETATM 851 O  O   . HOH B 2 .   ? 8.518   -0.132  -7.935  1.00 55.85 ? 287 HOH A O   1 
HETATM 852 O  O   . HOH B 2 .   ? -14.371 -8.552  -3.543  1.00 40.86 ? 288 HOH A O   1 
HETATM 853 O  O   A HOH B 2 .   ? -6.758  0.013   8.372   0.50 17.12 ? 289 HOH A O   1 
HETATM 854 O  O   . HOH B 2 .   ? 4.389   -15.144 1.094   1.00 35.44 ? 290 HOH A O   1 
HETATM 855 O  O   . HOH B 2 .   ? -4.274  -14.688 7.935   1.00 42.78 ? 291 HOH A O   1 
HETATM 856 O  O   . HOH B 2 .   ? -13.260 4.321   -7.869  1.00 50.54 ? 292 HOH A O   1 
HETATM 857 O  O   . HOH B 2 .   ? 15.439  19.392  -3.649  1.00 65.97 ? 293 HOH A O   1 
HETATM 858 O  O   . HOH B 2 .   ? 13.445  18.437  -5.070  1.00 58.47 ? 294 HOH A O   1 
HETATM 859 O  O   . HOH B 2 .   ? 11.083  16.913  -5.471  1.00 47.05 ? 295 HOH A O   1 
HETATM 860 O  O   . HOH B 2 .   ? 9.523   15.268  -3.855  1.00 44.71 ? 296 HOH A O   1 
HETATM 861 O  O   . HOH B 2 .   ? 9.687   15.458  -1.251  1.00 35.56 ? 297 HOH A O   1 
HETATM 862 O  O   . HOH B 2 .   ? 11.419  16.208  0.361   1.00 57.04 ? 298 HOH A O   1 
# 
loop_
_atom_site_anisotrop.id 
_atom_site_anisotrop.type_symbol 
_atom_site_anisotrop.pdbx_label_atom_id 
_atom_site_anisotrop.pdbx_label_alt_id 
_atom_site_anisotrop.pdbx_label_comp_id 
_atom_site_anisotrop.pdbx_label_asym_id 
_atom_site_anisotrop.pdbx_label_seq_id 
_atom_site_anisotrop.pdbx_PDB_ins_code 
_atom_site_anisotrop.U[1][1] 
_atom_site_anisotrop.U[2][2] 
_atom_site_anisotrop.U[3][3] 
_atom_site_anisotrop.U[1][2] 
_atom_site_anisotrop.U[1][3] 
_atom_site_anisotrop.U[2][3] 
_atom_site_anisotrop.pdbx_auth_seq_id 
_atom_site_anisotrop.pdbx_auth_comp_id 
_atom_site_anisotrop.pdbx_auth_asym_id 
_atom_site_anisotrop.pdbx_auth_atom_id 
1   N  N   . ASN A 16  ? 0.4241 0.4448 0.4417 -0.0057 -0.0079 0.0000  33  ASN A N   
2   C  CA  . ASN A 16  ? 0.4268 0.4440 0.4366 -0.0064 -0.0104 0.0051  33  ASN A CA  
3   C  C   . ASN A 16  ? 0.4098 0.4279 0.4229 -0.0033 -0.0075 0.0052  33  ASN A C   
4   O  O   . ASN A 16  ? 0.4231 0.4523 0.4346 -0.0034 -0.0038 0.0062  33  ASN A O   
5   C  CB  . ASN A 16  ? 0.4395 0.4551 0.4404 -0.0046 -0.0070 0.0079  33  ASN A CB  
6   N  N   A PRO A 17  ? 0.4002 0.4166 0.4153 -0.0051 -0.0075 0.0078  34  PRO A N   
7   N  N   B PRO A 17  ? 0.4023 0.4149 0.4125 -0.0034 -0.0067 0.0097  34  PRO A N   
8   C  CA  A PRO A 17  ? 0.3914 0.3970 0.4017 -0.0051 -0.0057 0.0103  34  PRO A CA  
9   C  CA  B PRO A 17  ? 0.3945 0.3958 0.4005 -0.0022 -0.0029 0.0114  34  PRO A CA  
10  C  C   A PRO A 17  ? 0.3630 0.3790 0.3812 -0.0062 -0.0077 0.0140  34  PRO A C   
11  C  C   B PRO A 17  ? 0.3689 0.3794 0.3780 0.0007  -0.0007 0.0159  34  PRO A C   
12  O  O   A PRO A 17  ? 0.3543 0.3761 0.3764 -0.0167 -0.0124 0.0099  34  PRO A O   
13  O  O   B PRO A 17  ? 0.3666 0.3763 0.3670 0.0066  0.0071  0.0133  34  PRO A O   
14  C  CB  A PRO A 17  ? 0.3940 0.4007 0.4034 -0.0018 -0.0039 0.0107  34  PRO A CB  
15  C  CB  B PRO A 17  ? 0.3960 0.4011 0.4042 -0.0007 -0.0015 0.0119  34  PRO A CB  
16  C  CG  A PRO A 17  ? 0.4061 0.4082 0.4121 -0.0027 -0.0039 0.0071  34  PRO A CG  
17  C  CG  B PRO A 17  ? 0.4092 0.4035 0.4135 -0.0026 -0.0092 0.0075  34  PRO A CG  
18  C  CD  A PRO A 17  ? 0.4127 0.4167 0.4181 0.0005  -0.0064 0.0059  34  PRO A CD  
19  C  CD  B PRO A 17  ? 0.4151 0.4146 0.4118 0.0007  -0.0010 0.0103  34  PRO A CD  
20  N  N   . MSE A 18  ? 0.3338 0.3483 0.3488 -0.0097 -0.0117 0.0208  35  MSE A N   
21  C  CA  A MSE A 18  ? 0.3149 0.3374 0.3318 -0.0131 -0.0163 0.0143  35  MSE A CA  
22  C  CA  B MSE A 18  ? 0.3199 0.3367 0.3353 -0.0091 -0.0132 0.0147  35  MSE A CA  
23  C  C   . MSE A 18  ? 0.2904 0.3085 0.3116 -0.0105 -0.0153 0.0199  35  MSE A C   
24  O  O   . MSE A 18  ? 0.2532 0.2776 0.2757 -0.0088 -0.0368 0.0450  35  MSE A O   
25  C  CB  A MSE A 18  ? 0.3292 0.3496 0.3442 -0.0138 -0.0143 0.0117  35  MSE A CB  
26  C  CB  B MSE A 18  ? 0.3361 0.3493 0.3472 -0.0069 -0.0085 0.0117  35  MSE A CB  
27  C  CG  A MSE A 18  ? 0.3898 0.4086 0.3927 -0.0159 -0.0242 0.0019  35  MSE A CG  
28  C  CG  B MSE A 18  ? 0.3887 0.3966 0.3998 -0.0129 -0.0178 0.0095  35  MSE A CG  
29  SE SE  A MSE A 18  ? 0.5003 0.5625 0.4975 -0.0261 -0.0917 0.0222  35  MSE A SE  
30  SE SE  B MSE A 18  ? 0.5117 0.5138 0.4925 -0.0015 -0.0013 -0.0105 35  MSE A SE  
31  C  CE  A MSE A 18  ? 0.5021 0.5071 0.4869 -0.0100 -0.0196 0.0087  35  MSE A CE  
32  C  CE  B MSE A 18  ? 0.4861 0.4717 0.4667 -0.0013 0.0036  -0.0043 35  MSE A CE  
33  N  N   . GLY A 19  ? 0.2490 0.2896 0.2812 -0.0001 -0.0130 0.0225  36  GLY A N   
34  C  CA  . GLY A 19  ? 0.2449 0.2686 0.2580 -0.0022 -0.0062 0.0250  36  GLY A CA  
35  C  C   . GLY A 19  ? 0.2183 0.2605 0.2219 -0.0049 -0.0134 0.0141  36  GLY A C   
36  O  O   . GLY A 19  ? 0.2201 0.3097 0.2527 -0.0148 -0.0286 0.0160  36  GLY A O   
37  N  N   . ILE A 20  ? 0.1765 0.2124 0.1911 0.0010  -0.0090 0.0141  37  ILE A N   
38  C  CA  . ILE A 20  ? 0.1799 0.2052 0.1576 -0.0106 -0.0044 0.0122  37  ILE A CA  
39  C  C   . ILE A 20  ? 0.1719 0.1959 0.1580 -0.0071 -0.0049 0.0211  37  ILE A C   
40  O  O   . ILE A 20  ? 0.1784 0.1969 0.1735 -0.0166 0.0020  0.0104  37  ILE A O   
41  C  CB  . ILE A 20  ? 0.1722 0.1863 0.1424 -0.0119 0.0003  0.0137  37  ILE A CB  
42  C  CG1 . ILE A 20  ? 0.1764 0.1958 0.1640 -0.0083 0.0073  0.0117  37  ILE A CG1 
43  C  CG2 . ILE A 20  ? 0.1684 0.1973 0.1608 -0.0161 0.0398  0.0115  37  ILE A CG2 
44  C  CD1 . ILE A 20  ? 0.2092 0.1962 0.1805 -0.0004 0.0144  0.0322  37  ILE A CD1 
45  N  N   . PRO A 21  ? 0.1918 0.2029 0.1867 -0.0108 -0.0158 0.0234  38  PRO A N   
46  C  CA  . PRO A 21  ? 0.2070 0.2032 0.1895 -0.0016 -0.0073 0.0248  38  PRO A CA  
47  C  C   . PRO A 21  ? 0.2094 0.1927 0.1872 -0.0041 0.0024  0.0236  38  PRO A C   
48  O  O   . PRO A 21  ? 0.2079 0.2035 0.1907 -0.0062 0.0098  0.0096  38  PRO A O   
49  C  CB  . PRO A 21  ? 0.2316 0.2114 0.2102 -0.0039 -0.0104 0.0374  38  PRO A CB  
50  C  CG  . PRO A 21  ? 0.2467 0.2407 0.2216 -0.0049 -0.0214 0.0373  38  PRO A CG  
51  C  CD  . PRO A 21  ? 0.2042 0.2138 0.1882 -0.0076 -0.0049 0.0283  38  PRO A CD  
52  N  N   . ILE A 22  ? 0.1826 0.1744 0.1767 -0.0070 0.0081  0.0260  39  ILE A N   
53  C  CA  A ILE A 22  ? 0.1729 0.1667 0.1766 -0.0073 0.0138  0.0166  39  ILE A CA  
54  C  CA  B ILE A 22  ? 0.1809 0.1741 0.1820 -0.0064 0.0118  0.0171  39  ILE A CA  
55  C  C   . ILE A 22  ? 0.1820 0.1681 0.1882 -0.0002 0.0164  0.0120  39  ILE A C   
56  O  O   . ILE A 22  ? 0.2019 0.1894 0.1991 -0.0008 0.0212  0.0122  39  ILE A O   
57  C  CB  A ILE A 22  ? 0.1703 0.1635 0.1770 0.0004  0.0169  0.0105  39  ILE A CB  
58  C  CB  B ILE A 22  ? 0.1807 0.1698 0.1841 -0.0092 0.0048  0.0153  39  ILE A CB  
59  C  CG1 A ILE A 22  ? 0.1700 0.1691 0.1703 -0.0111 0.0236  0.0118  39  ILE A CG1 
60  C  CG1 B ILE A 22  ? 0.1889 0.1847 0.1869 0.0035  0.0063  0.0103  39  ILE A CG1 
61  C  CG2 A ILE A 22  ? 0.1728 0.1529 0.1704 0.0015  0.0006  0.0004  39  ILE A CG2 
62  C  CG2 B ILE A 22  ? 0.2022 0.1747 0.1941 -0.0001 0.0120  0.0096  39  ILE A CG2 
63  C  CD1 A ILE A 22  ? 0.2069 0.1478 0.1700 0.0013  0.0066  0.0092  39  ILE A CD1 
64  C  CD1 B ILE A 22  ? 0.2214 0.2030 0.2018 0.0137  -0.0114 -0.0027 39  ILE A CD1 
65  N  N   . GLN A 23  ? 0.1788 0.1687 0.1876 0.0011  0.0233  0.0074  40  GLN A N   
66  C  CA  . GLN A 23  ? 0.1966 0.1624 0.1941 0.0019  0.0150  0.0057  40  GLN A CA  
67  C  C   . GLN A 23  ? 0.1879 0.1554 0.1892 -0.0018 0.0235  0.0076  40  GLN A C   
68  O  O   . GLN A 23  ? 0.1958 0.1390 0.2182 -0.0034 0.0152  0.0035  40  GLN A O   
69  C  CB  . GLN A 23  ? 0.2156 0.1708 0.2101 -0.0070 0.0140  0.0197  40  GLN A CB  
70  C  CG  . GLN A 23  ? 0.2860 0.2617 0.2508 -0.0011 0.0144  0.0000  40  GLN A CG  
71  C  CD  . GLN A 23  ? 0.3709 0.3665 0.2996 0.0131  0.0052  -0.0046 40  GLN A CD  
72  O  OE1 . GLN A 23  ? 0.4440 0.4806 0.3674 0.0336  -0.0206 -0.0085 40  GLN A OE1 
73  N  NE2 . GLN A 23  ? 0.4418 0.4440 0.3919 0.0118  0.0320  -0.0161 40  GLN A NE2 
74  N  N   . PRO A 24  ? 0.1765 0.1384 0.1900 0.0048  0.0188  0.0095  41  PRO A N   
75  C  CA  . PRO A 24  ? 0.1902 0.1503 0.1917 0.0012  0.0159  0.0125  41  PRO A CA  
76  C  C   . PRO A 24  ? 0.2008 0.1771 0.2207 -0.0006 0.0209  0.0163  41  PRO A C   
77  O  O   . PRO A 24  ? 0.2231 0.2226 0.2156 0.0134  0.0353  0.0127  41  PRO A O   
78  C  CB  . PRO A 24  ? 0.1921 0.1567 0.2024 -0.0027 0.0200  0.0104  41  PRO A CB  
79  C  CG  . PRO A 24  ? 0.1876 0.1749 0.1909 0.0008  0.0127  0.0065  41  PRO A CG  
80  C  CD  . PRO A 24  ? 0.1921 0.1621 0.1901 0.0085  0.0250  0.0047  41  PRO A CD  
81  N  N   . THR A 25  ? 0.2230 0.1957 0.2326 0.0177  0.0327  0.0174  42  THR A N   
82  C  CA  . THR A 25  ? 0.2447 0.2119 0.2541 0.0183  0.0433  0.0175  42  THR A CA  
83  C  C   . THR A 25  ? 0.2485 0.2247 0.2535 0.0198  0.0364  0.0154  42  THR A C   
84  O  O   . THR A 25  ? 0.3081 0.2680 0.2813 0.0263  0.0555  0.0215  42  THR A O   
85  C  CB  . THR A 25  ? 0.2419 0.2153 0.2642 0.0137  0.0458  0.0088  42  THR A CB  
86  O  OG1 . THR A 25  ? 0.2641 0.2056 0.3039 0.0326  0.0708  0.0210  42  THR A OG1 
87  C  CG2 . THR A 25  ? 0.2774 0.2350 0.2937 0.0279  0.0684  0.0060  42  THR A CG2 
88  N  N   A TYR A 26  ? 0.2349 0.2224 0.2588 0.0148  0.0422  0.0203  43  TYR A N   
89  N  N   B TYR A 26  ? 0.2310 0.2171 0.2530 0.0140  0.0418  0.0192  43  TYR A N   
90  C  CA  A TYR A 26  ? 0.2408 0.2163 0.2618 0.0091  0.0312  0.0194  43  TYR A CA  
91  C  CA  B TYR A 26  ? 0.2367 0.2098 0.2501 0.0052  0.0325  0.0147  43  TYR A CA  
92  C  C   A TYR A 26  ? 0.2259 0.2067 0.2505 0.0101  0.0383  0.0246  43  TYR A C   
93  C  C   B TYR A 26  ? 0.2188 0.2013 0.2461 0.0052  0.0292  0.0190  43  TYR A C   
94  O  O   A TYR A 26  ? 0.2347 0.2160 0.2301 0.0144  0.0514  0.0403  43  TYR A O   
95  O  O   B TYR A 26  ? 0.2044 0.2042 0.2416 -0.0008 0.0048  0.0159  43  TYR A O   
96  C  CB  A TYR A 26  ? 0.2522 0.2311 0.2716 0.0111  0.0318  0.0171  43  TYR A CB  
97  C  CB  B TYR A 26  ? 0.2415 0.2153 0.2359 0.0079  0.0317  0.0133  43  TYR A CB  
98  C  CG  A TYR A 26  ? 0.2483 0.2423 0.2858 0.0127  0.0123  0.0106  43  TYR A CG  
99  C  CG  B TYR A 26  ? 0.2469 0.2257 0.2411 0.0112  0.0271  0.0128  43  TYR A CG  
100 C  CD1 A TYR A 26  ? 0.2799 0.2749 0.2972 0.0210  0.0084  0.0097  43  TYR A CD1 
101 C  CD1 B TYR A 26  ? 0.2677 0.2332 0.2515 0.0032  0.0238  -0.0040 43  TYR A CD1 
102 C  CD2 A TYR A 26  ? 0.2468 0.2655 0.2914 0.0215  0.0084  0.0052  43  TYR A CD2 
103 C  CD2 B TYR A 26  ? 0.2335 0.2296 0.2256 0.0173  0.0228  0.0072  43  TYR A CD2 
104 C  CE1 A TYR A 26  ? 0.2848 0.2788 0.3089 0.0211  0.0122  0.0048  43  TYR A CE1 
105 C  CE1 B TYR A 26  ? 0.2701 0.2451 0.2784 0.0158  0.0264  0.0033  43  TYR A CE1 
106 C  CE2 A TYR A 26  ? 0.2757 0.2606 0.3025 0.0217  -0.0019 0.0088  43  TYR A CE2 
107 C  CE2 B TYR A 26  ? 0.2609 0.2301 0.2791 0.0128  0.0110  0.0102  43  TYR A CE2 
108 C  CZ  A TYR A 26  ? 0.2793 0.2756 0.3195 0.0232  0.0072  0.0077  43  TYR A CZ  
109 C  CZ  B TYR A 26  ? 0.2743 0.2451 0.2792 0.0124  0.0157  0.0009  43  TYR A CZ  
110 O  OH  A TYR A 26  ? 0.3187 0.2913 0.3875 0.0389  -0.0015 0.0145  43  TYR A OH  
111 O  OH  B TYR A 26  ? 0.3246 0.2774 0.3380 0.0413  0.0330  -0.0090 43  TYR A OH  
112 N  N   . GLU A 27  ? 0.1879 0.1841 0.2169 0.0078  0.0376  0.0238  44  GLU A N   
113 C  CA  . GLU A 27  ? 0.1967 0.1784 0.2053 -0.0030 0.0302  0.0207  44  GLU A CA  
114 C  C   . GLU A 27  ? 0.1883 0.1627 0.1928 -0.0022 0.0288  0.0254  44  GLU A C   
115 O  O   . GLU A 27  ? 0.2158 0.1875 0.1955 -0.0266 0.0250  0.0445  44  GLU A O   
116 C  CB  . GLU A 27  ? 0.1952 0.1882 0.1986 0.0046  0.0270  0.0183  44  GLU A CB  
117 C  CG  . GLU A 27  ? 0.2433 0.2111 0.2353 -0.0202 0.0124  0.0161  44  GLU A CG  
118 C  CD  . GLU A 27  ? 0.2313 0.2489 0.2609 -0.0066 -0.0041 0.0205  44  GLU A CD  
119 O  OE1 . GLU A 27  ? 0.2085 0.2695 0.2477 -0.0126 -0.0057 0.0367  44  GLU A OE1 
120 O  OE2 . GLU A 27  ? 0.2344 0.3115 0.3102 -0.0115 -0.0013 0.0482  44  GLU A OE2 
121 N  N   . LYS A 28  ? 0.1903 0.1753 0.1623 0.0018  0.0413  0.0208  45  LYS A N   
122 C  CA  . LYS A 28  ? 0.1984 0.1709 0.1574 0.0032  0.0295  0.0090  45  LYS A CA  
123 C  C   . LYS A 28  ? 0.1855 0.1662 0.1581 -0.0027 0.0287  0.0044  45  LYS A C   
124 O  O   . LYS A 28  ? 0.1725 0.1756 0.1504 -0.0095 0.0264  0.0014  45  LYS A O   
125 C  CB  . LYS A 28  ? 0.2164 0.1967 0.1600 0.0081  0.0259  0.0088  45  LYS A CB  
126 C  CG  . LYS A 28  ? 0.2758 0.2356 0.2037 0.0196  0.0236  0.0036  45  LYS A CG  
127 C  CD  . LYS A 28  ? 0.3126 0.2402 0.2514 0.0137  0.0198  0.0050  45  LYS A CD  
128 C  CE  . LYS A 28  ? 0.3577 0.2719 0.3093 0.0155  0.0099  -0.0035 45  LYS A CE  
129 N  NZ  . LYS A 28  ? 0.4135 0.3311 0.3765 -0.0113 0.0183  0.0001  45  LYS A NZ  
130 N  N   . CYS A 29  ? 0.1745 0.1536 0.1503 -0.0094 0.0216  0.0087  46  CYS A N   
131 C  CA  . CYS A 29  ? 0.1683 0.1682 0.1660 -0.0043 0.0116  0.0185  46  CYS A CA  
132 C  C   . CYS A 29  ? 0.1695 0.1565 0.1538 -0.0072 0.0154  0.0076  46  CYS A C   
133 O  O   . CYS A 29  ? 0.2036 0.1697 0.1773 -0.0213 0.0132  0.0119  46  CYS A O   
134 C  CB  . CYS A 29  ? 0.1742 0.1772 0.1823 -0.0001 0.0048  0.0146  46  CYS A CB  
135 S  SG  . CYS A 29  ? 0.1903 0.2090 0.1808 -0.0080 0.0201  0.0011  46  CYS A SG  
136 N  N   . ALA A 30  ? 0.1733 0.1648 0.1528 -0.0113 0.0181  0.0146  47  ALA A N   
137 C  CA  . ALA A 30  ? 0.1799 0.1699 0.1557 -0.0065 0.0136  0.0126  47  ALA A CA  
138 C  C   . ALA A 30  ? 0.1709 0.1668 0.1635 -0.0069 -0.0014 0.0099  47  ALA A C   
139 O  O   . ALA A 30  ? 0.1769 0.1797 0.1705 -0.0204 -0.0010 0.0187  47  ALA A O   
140 C  CB  . ALA A 30  ? 0.2052 0.1795 0.1517 0.0075  0.0242  0.0014  47  ALA A CB  
141 N  N   . ILE A 31  ? 0.1776 0.1787 0.1634 -0.0135 -0.0063 0.0202  48  ILE A N   
142 C  CA  . ILE A 31  ? 0.1721 0.1872 0.1713 -0.0094 -0.0003 0.0147  48  ILE A CA  
143 C  C   . ILE A 31  ? 0.1790 0.1846 0.1654 -0.0155 -0.0001 0.0133  48  ILE A C   
144 O  O   . ILE A 31  ? 0.2157 0.2241 0.1697 -0.0329 0.0024  0.0212  48  ILE A O   
145 C  CB  . ILE A 31  ? 0.1697 0.1955 0.1719 -0.0119 0.0148  0.0174  48  ILE A CB  
146 C  CG1 . ILE A 31  ? 0.1735 0.2115 0.1915 0.0039  0.0315  0.0184  48  ILE A CG1 
147 C  CG2 . ILE A 31  ? 0.1601 0.2440 0.1883 -0.0320 0.0023  0.0100  48  ILE A CG2 
148 C  CD1 . ILE A 31  ? 0.2181 0.2509 0.1890 0.0295  0.0580  0.0117  48  ILE A CD1 
149 N  N   . LEU A 32  ? 0.1733 0.2020 0.1663 -0.0208 0.0046  0.0199  49  LEU A N   
150 C  CA  . LEU A 32  ? 0.1703 0.2100 0.1647 -0.0141 0.0043  0.0109  49  LEU A CA  
151 C  C   . LEU A 32  ? 0.1742 0.2193 0.1693 -0.0075 0.0098  0.0255  49  LEU A C   
152 O  O   . LEU A 32  ? 0.1807 0.2051 0.1660 -0.0113 0.0185  0.0196  49  LEU A O   
153 C  CB  . LEU A 32  ? 0.1825 0.2116 0.1610 -0.0106 0.0114  0.0152  49  LEU A CB  
154 C  CG  . LEU A 32  ? 0.1949 0.2456 0.1675 -0.0099 0.0042  0.0104  49  LEU A CG  
155 C  CD1 . LEU A 32  ? 0.2241 0.3128 0.2033 -0.0108 -0.0290 -0.0063 49  LEU A CD1 
156 C  CD2 . LEU A 32  ? 0.1919 0.2390 0.1607 0.0256  0.0012  -0.0068 49  LEU A CD2 
157 N  N   . SER A 33  ? 0.1904 0.2245 0.1862 0.0028  0.0116  0.0304  50  SER A N   
158 C  CA  . SER A 33  ? 0.2064 0.2283 0.2030 0.0041  0.0131  0.0241  50  SER A CA  
159 C  C   . SER A 33  ? 0.2064 0.2033 0.1991 0.0131  0.0132  0.0268  50  SER A C   
160 O  O   . SER A 33  ? 0.1996 0.2252 0.2045 0.0182  0.0106  0.0310  50  SER A O   
161 C  CB  . SER A 33  ? 0.2344 0.2554 0.2108 -0.0080 0.0077  0.0196  50  SER A CB  
162 O  OG  . SER A 33  ? 0.3348 0.3212 0.2396 -0.0099 0.0074  0.0152  50  SER A OG  
163 N  N   . ASN A 34  ? 0.1689 0.1929 0.1854 0.0197  0.0152  0.0258  51  ASN A N   
164 C  CA  . ASN A 34  ? 0.1957 0.1855 0.1910 0.0120  0.0160  0.0199  51  ASN A CA  
165 C  C   . ASN A 34  ? 0.1825 0.1788 0.1806 0.0089  0.0208  0.0158  51  ASN A C   
166 O  O   . ASN A 34  ? 0.1908 0.1932 0.2012 0.0245  0.0257  -0.0080 51  ASN A O   
167 C  CB  . ASN A 34  ? 0.2083 0.1926 0.2010 0.0163  0.0145  0.0133  51  ASN A CB  
168 C  CG  . ASN A 34  ? 0.2244 0.1973 0.2191 0.0080  0.0241  0.0292  51  ASN A CG  
169 O  OD1 . ASN A 34  ? 0.2202 0.2370 0.2701 0.0165  0.0665  0.0311  51  ASN A OD1 
170 N  ND2 . ASN A 34  ? 0.2174 0.2593 0.2318 0.0420  0.0039  0.0118  51  ASN A ND2 
171 N  N   . ILE A 35  ? 0.1792 0.1933 0.1715 0.0093  0.0163  0.0109  52  ILE A N   
172 C  CA  . ILE A 35  ? 0.1654 0.1791 0.1725 -0.0015 0.0207  0.0128  52  ILE A CA  
173 C  C   . ILE A 35  ? 0.1340 0.1604 0.1772 0.0017  0.0097  0.0031  52  ILE A C   
174 O  O   . ILE A 35  ? 0.1527 0.1772 0.1820 0.0066  0.0166  0.0097  52  ILE A O   
175 C  CB  . ILE A 35  ? 0.1827 0.1816 0.2008 -0.0054 0.0256  0.0052  52  ILE A CB  
176 C  CG1 . ILE A 35  ? 0.2293 0.2279 0.2259 -0.0008 0.0465  0.0143  52  ILE A CG1 
177 C  CG2 . ILE A 35  ? 0.1761 0.2251 0.2177 -0.0105 0.0178  0.0208  52  ILE A CG2 
178 C  CD1 . ILE A 35  ? 0.2768 0.2100 0.2554 -0.0111 0.0528  0.0038  52  ILE A CD1 
179 N  N   . LEU A 36  ? 0.1649 0.1522 0.1892 0.0052  0.0129  0.0118  53  LEU A N   
180 C  CA  . LEU A 36  ? 0.1520 0.1674 0.1771 -0.0076 0.0084  0.0044  53  LEU A CA  
181 C  C   . LEU A 36  ? 0.1576 0.1659 0.1798 -0.0015 0.0132  0.0044  53  LEU A C   
182 O  O   . LEU A 36  ? 0.1521 0.1827 0.2337 0.0013  -0.0052 -0.0084 53  LEU A O   
183 C  CB  . LEU A 36  ? 0.1540 0.1600 0.1719 0.0058  0.0115  -0.0041 53  LEU A CB  
184 C  CG  . LEU A 36  ? 0.1695 0.1775 0.1714 0.0149  -0.0002 0.0068  53  LEU A CG  
185 C  CD1 . LEU A 36  ? 0.2095 0.1578 0.1889 -0.0017 0.0145  -0.0020 53  LEU A CD1 
186 C  CD2 . LEU A 36  ? 0.1863 0.2338 0.1772 0.0174  0.0086  -0.0111 53  LEU A CD2 
187 N  N   . ASN A 37  ? 0.1501 0.1606 0.1813 -0.0039 0.0094  0.0060  54  ASN A N   
188 C  CA  A ASN A 37  ? 0.1601 0.1720 0.1820 -0.0029 0.0099  0.0105  54  ASN A CA  
189 C  CA  B ASN A 37  ? 0.1593 0.1657 0.1752 -0.0035 0.0112  0.0097  54  ASN A CA  
190 C  C   . ASN A 37  ? 0.1546 0.1582 0.1846 -0.0080 0.0131  0.0143  54  ASN A C   
191 O  O   . ASN A 37  ? 0.1411 0.1580 0.2061 -0.0108 0.0144  0.0154  54  ASN A O   
192 C  CB  A ASN A 37  ? 0.1589 0.1710 0.1842 -0.0078 0.0222  0.0092  54  ASN A CB  
193 C  CB  B ASN A 37  ? 0.1587 0.1603 0.1735 -0.0096 0.0252  0.0089  54  ASN A CB  
194 C  CG  A ASN A 37  ? 0.1806 0.2129 0.2109 0.0100  0.0091  0.0237  54  ASN A CG  
195 C  CG  B ASN A 37  ? 0.1811 0.1652 0.1631 0.0047  0.0180  0.0149  54  ASN A CG  
196 O  OD1 A ASN A 37  ? 0.2124 0.2865 0.2421 0.0143  0.0070  -0.0011 54  ASN A OD1 
197 O  OD1 B ASN A 37  ? 0.1902 0.2011 0.1559 0.0228  0.0368  0.0051  54  ASN A OD1 
198 N  ND2 A ASN A 37  ? 0.1462 0.2004 0.2138 0.0244  0.0008  0.0449  54  ASN A ND2 
199 N  ND2 B ASN A 37  ? 0.2268 0.1981 0.1924 -0.0212 0.0468  0.0104  54  ASN A ND2 
200 N  N   . VAL A 38  ? 0.1543 0.1643 0.1970 -0.0163 0.0040  0.0094  55  VAL A N   
201 C  CA  . VAL A 38  ? 0.1682 0.1684 0.1828 -0.0107 0.0074  0.0115  55  VAL A CA  
202 C  C   . VAL A 38  ? 0.1609 0.1816 0.1934 -0.0133 0.0062  0.0135  55  VAL A C   
203 O  O   . VAL A 38  ? 0.1741 0.1750 0.2628 -0.0146 0.0009  0.0378  55  VAL A O   
204 C  CB  . VAL A 38  ? 0.1947 0.1898 0.1998 -0.0055 -0.0078 -0.0060 55  VAL A CB  
205 C  CG1 . VAL A 38  ? 0.2202 0.2241 0.1793 -0.0205 -0.0142 0.0194  55  VAL A CG1 
206 C  CG2 . VAL A 38  ? 0.1944 0.2641 0.2320 -0.0022 0.0046  -0.0330 55  VAL A CG2 
207 N  N   . SER A 39  ? 0.1514 0.1774 0.1814 -0.0108 0.0270  0.0256  56  SER A N   
208 C  CA  A SER A 39  ? 0.1683 0.1835 0.1935 -0.0017 0.0201  0.0144  56  SER A CA  
209 C  CA  B SER A 39  ? 0.1758 0.1934 0.2019 -0.0003 0.0208  0.0171  56  SER A CA  
210 C  C   . SER A 39  ? 0.1789 0.1872 0.2156 0.0014  0.0278  0.0160  56  SER A C   
211 O  O   . SER A 39  ? 0.1749 0.1894 0.2410 -0.0015 0.0404  0.0191  56  SER A O   
212 C  CB  A SER A 39  ? 0.1613 0.1857 0.1915 0.0026  0.0208  0.0106  56  SER A CB  
213 C  CB  B SER A 39  ? 0.1891 0.2023 0.2165 0.0054  0.0171  0.0118  56  SER A CB  
214 O  OG  A SER A 39  ? 0.1789 0.1653 0.1739 0.0175  0.0148  0.0113  56  SER A OG  
215 O  OG  B SER A 39  ? 0.2227 0.2307 0.2319 0.0139  0.0434  0.0159  56  SER A OG  
216 N  N   . PHE A 40  ? 0.1952 0.2267 0.2252 -0.0028 0.0361  0.0284  57  PHE A N   
217 C  CA  . PHE A 40  ? 0.2165 0.2421 0.2613 0.0145  0.0374  0.0303  57  PHE A CA  
218 C  C   . PHE A 40  ? 0.2577 0.2839 0.3233 0.0103  0.0406  0.0216  57  PHE A C   
219 O  O   . PHE A 40  ? 0.2478 0.2827 0.3493 0.0168  0.0421  0.0450  57  PHE A O   
220 C  CB  . PHE A 40  ? 0.2108 0.2555 0.2452 0.0129  0.0393  0.0424  57  PHE A CB  
221 C  CG  . PHE A 40  ? 0.2160 0.2516 0.2423 0.0160  0.0277  0.0467  57  PHE A CG  
222 C  CD1 . PHE A 40  ? 0.2128 0.2544 0.2055 -0.0053 0.0327  0.0276  57  PHE A CD1 
223 C  CD2 . PHE A 40  ? 0.2644 0.2752 0.2754 0.0063  0.0520  0.0387  57  PHE A CD2 
224 C  CE1 . PHE A 40  ? 0.2392 0.2401 0.2301 0.0009  0.0186  0.0173  57  PHE A CE1 
225 C  CE2 . PHE A 40  ? 0.2903 0.2730 0.2731 0.0257  0.0420  0.0408  57  PHE A CE2 
226 C  CZ  . PHE A 40  ? 0.2497 0.2517 0.2318 -0.0029 0.0287  0.0261  57  PHE A CZ  
227 N  N   . GLY A 41  ? 0.3023 0.3062 0.3721 0.0153  0.0471  0.0166  58  GLY A N   
228 C  CA  . GLY A 41  ? 0.3554 0.3525 0.3912 0.0087  0.0370  0.0109  58  GLY A CA  
229 C  C   . GLY A 41  ? 0.3908 0.3911 0.4219 0.0089  0.0256  0.0088  58  GLY A C   
230 O  O   . GLY A 41  ? 0.3891 0.4046 0.4357 0.0177  0.0393  0.0033  58  GLY A O   
231 N  N   . ARG A 42  ? 0.4338 0.4256 0.4492 0.0069  0.0275  0.0044  59  ARG A N   
232 C  CA  . ARG A 42  ? 0.4677 0.4681 0.4833 0.0025  0.0126  0.0079  59  ARG A CA  
233 C  C   . ARG A 42  ? 0.4979 0.4981 0.5017 0.0027  0.0170  0.0034  59  ARG A C   
234 O  O   . ARG A 42  ? 0.5111 0.5169 0.5272 0.0072  0.0283  0.0163  59  ARG A O   
235 C  CB  . ARG A 42  ? 0.4711 0.4740 0.4855 0.0049  0.0102  0.0049  59  ARG A CB  
236 C  CG  . ARG A 42  ? 0.4823 0.4999 0.5009 0.0004  0.0069  0.0092  59  ARG A CG  
237 C  CD  . ARG A 42  ? 0.5319 0.5252 0.5439 0.0003  -0.0052 0.0123  59  ARG A CD  
238 N  N   . ALA A 43  ? 0.5119 0.5227 0.5223 -0.0018 0.0114  0.0034  60  ALA A N   
239 C  CA  . ALA A 43  ? 0.5185 0.5392 0.5223 -0.0005 0.0066  0.0011  60  ALA A CA  
240 C  C   . ALA A 43  ? 0.5310 0.5555 0.5349 0.0023  0.0053  0.0020  60  ALA A C   
241 O  O   . ALA A 43  ? 0.5289 0.5740 0.5446 0.0095  0.0033  0.0067  60  ALA A O   
242 C  CB  . ALA A 43  ? 0.5222 0.5346 0.5256 -0.0028 0.0054  -0.0001 60  ALA A CB  
243 N  N   . LYS A 44  ? 0.5338 0.5532 0.5352 0.0012  0.0054  0.0046  61  LYS A N   
244 C  CA  . LYS A 44  ? 0.5381 0.5419 0.5386 -0.0021 0.0017  -0.0003 61  LYS A CA  
245 C  C   . LYS A 44  ? 0.5332 0.5375 0.5342 -0.0014 -0.0043 0.0011  61  LYS A C   
246 O  O   . LYS A 44  ? 0.5436 0.5433 0.5550 -0.0081 -0.0121 0.0031  61  LYS A O   
247 C  CB  . LYS A 44  ? 0.5368 0.5429 0.5404 0.0004  0.0052  -0.0015 61  LYS A CB  
248 C  CG  . LYS A 44  ? 0.5380 0.5499 0.5470 -0.0034 0.0062  0.0003  61  LYS A CG  
249 C  CD  . LYS A 44  ? 0.5401 0.5270 0.5379 -0.0007 0.0028  -0.0004 61  LYS A CD  
250 C  CE  . LYS A 44  ? 0.5148 0.5328 0.5200 -0.0113 0.0001  0.0048  61  LYS A CE  
251 N  NZ  . LYS A 44  ? 0.4647 0.4751 0.4645 -0.0073 -0.0092 0.0306  61  LYS A NZ  
252 N  N   . ASP A 45  ? 0.5151 0.5121 0.5253 0.0062  -0.0111 -0.0023 62  ASP A N   
253 C  CA  . ASP A 45  ? 0.4974 0.5027 0.5151 0.0107  -0.0103 -0.0033 62  ASP A CA  
254 C  C   . ASP A 45  ? 0.4706 0.4740 0.4943 0.0099  -0.0128 -0.0050 62  ASP A C   
255 O  O   . ASP A 45  ? 0.4836 0.4874 0.5155 0.0162  -0.0133 -0.0113 62  ASP A O   
256 C  CB  . ASP A 45  ? 0.5082 0.5125 0.5177 0.0082  -0.0144 0.0003  62  ASP A CB  
257 N  N   . TYR A 46  ? 0.4225 0.4284 0.4430 0.0260  -0.0127 -0.0056 63  TYR A N   
258 C  CA  . TYR A 46  ? 0.3797 0.3923 0.3997 0.0184  -0.0165 -0.0099 63  TYR A CA  
259 C  C   . TYR A 46  ? 0.3467 0.3400 0.3578 0.0250  -0.0208 -0.0096 63  TYR A C   
260 O  O   . TYR A 46  ? 0.3311 0.3460 0.3879 0.0368  -0.0391 -0.0130 63  TYR A O   
261 C  CB  . TYR A 46  ? 0.3860 0.3955 0.3917 0.0097  -0.0196 -0.0158 63  TYR A CB  
262 N  N   . ALA A 47  ? 0.2831 0.2810 0.2959 0.0367  -0.0159 -0.0248 64  ALA A N   
263 C  CA  . ALA A 47  ? 0.2684 0.2444 0.2683 0.0273  -0.0126 -0.0316 64  ALA A CA  
264 C  C   . ALA A 47  ? 0.2341 0.2113 0.2481 0.0190  -0.0081 -0.0253 64  ALA A C   
265 O  O   . ALA A 47  ? 0.2248 0.2433 0.2883 0.0280  0.0225  -0.0443 64  ALA A O   
266 C  CB  . ALA A 47  ? 0.2934 0.2624 0.2691 0.0312  -0.0194 -0.0381 64  ALA A CB  
267 N  N   . ILE A 48  ? 0.2070 0.1755 0.2077 0.0038  -0.0152 -0.0141 65  ILE A N   
268 C  CA  . ILE A 48  ? 0.1905 0.1770 0.2051 0.0065  -0.0169 -0.0107 65  ILE A CA  
269 C  C   . ILE A 48  ? 0.1881 0.1579 0.1905 0.0009  -0.0163 -0.0036 65  ILE A C   
270 O  O   . ILE A 48  ? 0.2115 0.1511 0.2202 -0.0070 -0.0305 0.0084  65  ILE A O   
271 C  CB  . ILE A 48  ? 0.1985 0.1869 0.2082 0.0001  -0.0156 -0.0108 65  ILE A CB  
272 C  CG1 . ILE A 48  ? 0.2201 0.2131 0.2196 0.0041  -0.0153 -0.0111 65  ILE A CG1 
273 C  CG2 . ILE A 48  ? 0.2355 0.1953 0.2370 0.0155  0.0099  -0.0086 65  ILE A CG2 
274 C  CD1 . ILE A 48  ? 0.2919 0.2586 0.2072 -0.0022 -0.0081 -0.0116 65  ILE A CD1 
275 N  N   . ILE A 49  ? 0.1654 0.1561 0.1769 0.0006  -0.0001 0.0015  66  ILE A N   
276 C  CA  . ILE A 49  ? 0.1633 0.1544 0.1777 0.0060  -0.0003 -0.0026 66  ILE A CA  
277 C  C   . ILE A 49  ? 0.1654 0.1405 0.1802 0.0031  -0.0050 -0.0065 66  ILE A C   
278 O  O   . ILE A 49  ? 0.1726 0.1590 0.1936 0.0012  0.0005  -0.0166 66  ILE A O   
279 C  CB  . ILE A 49  ? 0.1663 0.1484 0.1727 0.0003  -0.0056 -0.0079 66  ILE A CB  
280 C  CG1 . ILE A 49  ? 0.1918 0.1622 0.1937 0.0037  0.0020  -0.0041 66  ILE A CG1 
281 C  CG2 . ILE A 49  ? 0.1666 0.2269 0.1739 -0.0081 -0.0179 -0.0027 66  ILE A CG2 
282 C  CD1 . ILE A 49  ? 0.2208 0.2413 0.1754 0.0137  0.0188  -0.0071 66  ILE A CD1 
283 N  N   . THR A 50  ? 0.1657 0.1392 0.1763 -0.0016 -0.0091 0.0010  67  THR A N   
284 C  CA  . THR A 50  ? 0.1717 0.1493 0.1750 -0.0014 -0.0075 0.0017  67  THR A CA  
285 C  C   . THR A 50  ? 0.1669 0.1428 0.1735 0.0010  -0.0029 -0.0061 67  THR A C   
286 O  O   . THR A 50  ? 0.1921 0.1453 0.2184 0.0100  -0.0242 -0.0047 67  THR A O   
287 C  CB  . THR A 50  ? 0.1946 0.1593 0.1811 -0.0012 -0.0040 -0.0033 67  THR A CB  
288 O  OG1 . THR A 50  ? 0.2027 0.2006 0.1897 0.0055  -0.0212 -0.0173 67  THR A OG1 
289 C  CG2 . THR A 50  ? 0.2016 0.1806 0.2193 0.0186  0.0061  -0.0144 67  THR A CG2 
290 N  N   . VAL A 51  ? 0.1656 0.1425 0.1642 0.0017  -0.0051 -0.0081 68  VAL A N   
291 C  CA  . VAL A 51  ? 0.1604 0.1536 0.1764 0.0038  0.0035  -0.0040 68  VAL A CA  
292 C  C   . VAL A 51  ? 0.1634 0.1672 0.1829 0.0091  0.0021  -0.0041 68  VAL A C   
293 O  O   . VAL A 51  ? 0.1744 0.1559 0.1948 0.0070  0.0092  -0.0031 68  VAL A O   
294 C  CB  . VAL A 51  ? 0.1665 0.1607 0.1686 0.0084  -0.0026 0.0050  68  VAL A CB  
295 C  CG1 . VAL A 51  ? 0.1541 0.1980 0.1872 0.0124  -0.0113 -0.0110 68  VAL A CG1 
296 C  CG2 . VAL A 51  ? 0.1853 0.1609 0.1989 0.0148  0.0090  -0.0037 68  VAL A CG2 
297 N  N   . THR A 52  ? 0.1646 0.1712 0.1717 0.0061  0.0061  -0.0038 69  THR A N   
298 C  CA  . THR A 52  ? 0.1775 0.1914 0.1845 0.0123  0.0075  -0.0087 69  THR A CA  
299 C  C   . THR A 52  ? 0.1672 0.1968 0.1809 0.0106  0.0134  -0.0034 69  THR A C   
300 O  O   . THR A 52  ? 0.1702 0.2131 0.1867 0.0166  0.0100  -0.0058 69  THR A O   
301 C  CB  . THR A 52  ? 0.1790 0.2023 0.1946 0.0155  0.0096  -0.0097 69  THR A CB  
302 O  OG1 . THR A 52  ? 0.2066 0.2334 0.1837 0.0088  0.0134  0.0093  69  THR A OG1 
303 C  CG2 . THR A 52  ? 0.2184 0.2509 0.2111 0.0325  0.0375  -0.0115 69  THR A CG2 
304 N  N   . ASN A 53  ? 0.1860 0.2068 0.1976 0.0151  0.0084  -0.0139 70  ASN A N   
305 C  CA  . ASN A 53  ? 0.1986 0.2330 0.1876 0.0096  0.0068  -0.0074 70  ASN A CA  
306 C  C   . ASN A 53  ? 0.2038 0.2571 0.2049 0.0132  0.0139  -0.0092 70  ASN A C   
307 O  O   . ASN A 53  ? 0.1975 0.2850 0.1825 0.0194  0.0167  -0.0038 70  ASN A O   
308 C  CB  . ASN A 53  ? 0.1888 0.2376 0.2052 0.0216  0.0087  -0.0072 70  ASN A CB  
309 C  CG  . ASN A 53  ? 0.2055 0.2682 0.2197 0.0116  -0.0026 0.0047  70  ASN A CG  
310 O  OD1 . ASN A 53  ? 0.2205 0.3268 0.2386 0.0250  0.0106  -0.0055 70  ASN A OD1 
311 N  ND2 . ASN A 53  ? 0.2252 0.3265 0.3192 -0.0009 -0.0033 0.0659  70  ASN A ND2 
312 N  N   . LYS A 54  ? 0.2288 0.2845 0.2294 -0.0084 0.0173  -0.0004 71  LYS A N   
313 C  CA  . LYS A 54  ? 0.2821 0.3212 0.2634 -0.0145 0.0188  0.0020  71  LYS A CA  
314 C  C   . LYS A 54  ? 0.2738 0.3441 0.2624 -0.0184 0.0272  0.0059  71  LYS A C   
315 O  O   . LYS A 54  ? 0.3213 0.4190 0.2933 -0.0292 0.0486  0.0116  71  LYS A O   
316 C  CB  . LYS A 54  ? 0.2897 0.3258 0.2762 -0.0275 0.0158  0.0007  71  LYS A CB  
317 C  CG  . LYS A 54  ? 0.3699 0.3653 0.3514 -0.0124 0.0045  0.0115  71  LYS A CG  
318 C  CD  . LYS A 54  ? 0.4091 0.3816 0.3940 -0.0124 0.0034  -0.0039 71  LYS A CD  
319 C  CE  . LYS A 54  ? 0.4683 0.4350 0.4458 -0.0054 0.0090  0.0102  71  LYS A CE  
320 N  NZ  . LYS A 54  ? 0.5105 0.4694 0.5037 -0.0176 0.0248  -0.0050 71  LYS A NZ  
321 N  N   . ALA A 55  ? 0.2496 0.3549 0.2665 -0.0059 0.0371  -0.0108 72  ALA A N   
322 C  CA  . ALA A 55  ? 0.2585 0.3612 0.2756 0.0056  0.0362  -0.0110 72  ALA A CA  
323 C  C   . ALA A 55  ? 0.2633 0.3744 0.2766 0.0034  0.0391  -0.0167 72  ALA A C   
324 O  O   . ALA A 55  ? 0.2719 0.4322 0.3066 0.0091  0.0720  -0.0292 72  ALA A O   
325 C  CB  . ALA A 55  ? 0.2521 0.3661 0.2782 0.0149  0.0225  -0.0119 72  ALA A CB  
326 N  N   . THR A 56  ? 0.2423 0.3567 0.2749 0.0154  0.0368  -0.0191 73  THR A N   
327 C  CA  . THR A 56  ? 0.2327 0.3364 0.2654 0.0219  0.0294  -0.0198 73  THR A CA  
328 C  C   . THR A 56  ? 0.2520 0.3223 0.2595 0.0239  0.0242  -0.0203 73  THR A C   
329 O  O   . THR A 56  ? 0.2553 0.3554 0.2600 0.0391  0.0291  -0.0383 73  THR A O   
330 C  CB  . THR A 56  ? 0.2330 0.3322 0.2597 0.0271  0.0211  -0.0161 73  THR A CB  
331 O  OG1 . THR A 56  ? 0.2094 0.3201 0.2681 0.0514  0.0358  -0.0235 73  THR A OG1 
332 C  CG2 . THR A 56  ? 0.2500 0.3364 0.2943 0.0392  -0.0061 -0.0022 73  THR A CG2 
333 N  N   . GLY A 57  ? 0.2324 0.3056 0.2435 0.0215  0.0273  -0.0212 74  GLY A N   
334 C  CA  . GLY A 57  ? 0.2382 0.2774 0.2195 0.0264  0.0265  -0.0220 74  GLY A CA  
335 C  C   . GLY A 57  ? 0.2263 0.2661 0.2236 0.0291  0.0192  -0.0220 74  GLY A C   
336 O  O   . GLY A 57  ? 0.2147 0.2940 0.2274 0.0346  0.0132  -0.0214 74  GLY A O   
337 N  N   . GLU A 58  ? 0.2198 0.2556 0.2249 0.0333  0.0180  -0.0275 75  GLU A N   
338 C  CA  . GLU A 58  ? 0.2250 0.2348 0.2305 0.0270  0.0116  -0.0255 75  GLU A CA  
339 C  C   . GLU A 58  ? 0.2009 0.2217 0.2157 0.0204  0.0126  -0.0271 75  GLU A C   
340 O  O   . GLU A 58  ? 0.2016 0.2198 0.2176 0.0118  0.0062  -0.0255 75  GLU A O   
341 C  CB  . GLU A 58  ? 0.2440 0.2391 0.2574 0.0348  0.0103  -0.0234 75  GLU A CB  
342 C  CG  . GLU A 58  ? 0.2743 0.2671 0.2954 0.0221  -0.0080 -0.0076 75  GLU A CG  
343 C  CD  . GLU A 58  ? 0.3520 0.3074 0.3777 0.0171  -0.0166 0.0134  75  GLU A CD  
344 O  OE1 . GLU A 58  ? 0.3665 0.3317 0.3977 0.0166  -0.0393 0.0247  75  GLU A OE1 
345 O  OE2 . GLU A 58  ? 0.4046 0.3761 0.4619 0.0011  -0.0072 0.0107  75  GLU A OE2 
346 N  N   . ILE A 59  ? 0.2065 0.2146 0.2096 0.0117  -0.0012 -0.0369 76  ILE A N   
347 C  CA  . ILE A 59  ? 0.2079 0.1921 0.2073 0.0145  -0.0024 -0.0231 76  ILE A CA  
348 C  C   . ILE A 59  ? 0.2151 0.1901 0.2253 0.0069  -0.0062 -0.0231 76  ILE A C   
349 O  O   . ILE A 59  ? 0.2587 0.1945 0.2451 0.0039  -0.0123 -0.0370 76  ILE A O   
350 C  CB  . ILE A 59  ? 0.2071 0.1828 0.2058 0.0080  -0.0029 -0.0246 76  ILE A CB  
351 C  CG1 . ILE A 59  ? 0.2175 0.2208 0.2180 0.0046  -0.0115 -0.0079 76  ILE A CG1 
352 C  CG2 . ILE A 59  ? 0.1942 0.2053 0.2236 0.0136  0.0060  -0.0262 76  ILE A CG2 
353 C  CD1 . ILE A 59  ? 0.2545 0.2905 0.2209 0.0016  -0.0156 -0.0007 76  ILE A CD1 
354 N  N   . VAL A 60  ? 0.2022 0.1697 0.2013 0.0088  -0.0075 -0.0124 77  VAL A N   
355 C  CA  . VAL A 60  ? 0.2145 0.1799 0.2264 0.0119  -0.0074 0.0008  77  VAL A CA  
356 C  C   . VAL A 60  ? 0.2075 0.1750 0.2038 0.0084  -0.0126 0.0100  77  VAL A C   
357 O  O   . VAL A 60  ? 0.2338 0.2041 0.2534 0.0016  -0.0061 0.0250  77  VAL A O   
358 C  CB  . VAL A 60  ? 0.2171 0.1861 0.2222 0.0136  -0.0155 0.0122  77  VAL A CB  
359 C  CG1 . VAL A 60  ? 0.2198 0.2246 0.2735 0.0367  -0.0213 0.0007  77  VAL A CG1 
360 C  CG2 . VAL A 60  ? 0.2275 0.1743 0.2475 0.0274  -0.0225 -0.0022 77  VAL A CG2 
361 N  N   . HIS A 61  ? 0.2004 0.1569 0.2025 0.0156  -0.0058 0.0022  78  HIS A N   
362 C  CA  . HIS A 61  ? 0.1862 0.1618 0.1860 -0.0032 -0.0114 -0.0066 78  HIS A CA  
363 C  C   . HIS A 61  ? 0.1780 0.1558 0.1852 0.0018  -0.0052 -0.0038 78  HIS A C   
364 O  O   . HIS A 61  ? 0.1683 0.1488 0.1974 -0.0039 -0.0050 -0.0140 78  HIS A O   
365 C  CB  . HIS A 61  ? 0.2054 0.1856 0.1886 0.0022  -0.0017 -0.0081 78  HIS A CB  
366 C  CG  . HIS A 61  ? 0.2060 0.2019 0.2062 -0.0085 -0.0127 0.0004  78  HIS A CG  
367 N  ND1 . HIS A 61  ? 0.2256 0.2758 0.2462 -0.0172 0.0230  0.0075  78  HIS A ND1 
368 C  CD2 . HIS A 61  ? 0.1982 0.2046 0.1980 -0.0117 -0.0066 -0.0126 78  HIS A CD2 
369 C  CE1 . HIS A 61  ? 0.2361 0.2742 0.2665 -0.0031 0.0256  0.0038  78  HIS A CE1 
370 N  NE2 . HIS A 61  ? 0.2232 0.2447 0.2156 -0.0319 -0.0097 -0.0210 78  HIS A NE2 
371 N  N   . SER A 62  ? 0.1859 0.1508 0.1737 -0.0065 -0.0087 -0.0110 79  SER A N   
372 C  CA  . SER A 62  ? 0.1791 0.1569 0.1662 -0.0053 -0.0063 -0.0123 79  SER A CA  
373 C  C   . SER A 62  ? 0.1900 0.1623 0.1724 -0.0034 -0.0009 -0.0136 79  SER A C   
374 O  O   . SER A 62  ? 0.2034 0.1609 0.2098 -0.0058 -0.0061 -0.0311 79  SER A O   
375 C  CB  . SER A 62  ? 0.2059 0.1768 0.1840 0.0037  -0.0103 -0.0116 79  SER A CB  
376 O  OG  . SER A 62  ? 0.2087 0.1822 0.1753 0.0159  0.0029  -0.0115 79  SER A OG  
377 N  N   . LYS A 63  ? 0.1695 0.1635 0.1811 0.0005  -0.0075 -0.0183 80  LYS A N   
378 C  CA  . LYS A 63  ? 0.1716 0.1794 0.1867 0.0002  0.0007  -0.0172 80  LYS A CA  
379 C  C   . LYS A 63  ? 0.1679 0.1794 0.1792 0.0070  0.0020  -0.0250 80  LYS A C   
380 O  O   . LYS A 63  ? 0.1670 0.1841 0.1776 0.0079  0.0008  -0.0240 80  LYS A O   
381 C  CB  . LYS A 63  ? 0.1888 0.1914 0.2000 -0.0008 -0.0074 -0.0110 80  LYS A CB  
382 C  CG  . LYS A 63  ? 0.2382 0.2690 0.2499 0.0045  0.0081  0.0192  80  LYS A CG  
383 C  CD  . LYS A 63  ? 0.3518 0.3594 0.3207 0.0024  0.0209  0.0051  80  LYS A CD  
384 C  CE  . LYS A 63  ? 0.3797 0.4242 0.4028 -0.0006 0.0098  0.0056  80  LYS A CE  
385 N  NZ  . LYS A 63  ? 0.4405 0.4594 0.4690 -0.0071 -0.0058 -0.0165 80  LYS A NZ  
386 N  N   . THR A 64  ? 0.1806 0.1856 0.1867 0.0023  0.0003  -0.0330 81  THR A N   
387 C  CA  . THR A 64  ? 0.1908 0.2009 0.1962 0.0082  -0.0065 -0.0314 81  THR A CA  
388 C  C   . THR A 64  ? 0.1967 0.2045 0.2027 0.0028  0.0029  -0.0341 81  THR A C   
389 O  O   . THR A 64  ? 0.2093 0.2151 0.2319 -0.0023 0.0280  -0.0476 81  THR A O   
390 C  CB  . THR A 64  ? 0.1919 0.1927 0.1926 0.0060  0.0004  -0.0330 81  THR A CB  
391 O  OG1 . THR A 64  ? 0.2060 0.2117 0.1923 0.0164  0.0066  -0.0394 81  THR A OG1 
392 C  CG2 . THR A 64  ? 0.2285 0.2298 0.2063 0.0262  -0.0298 -0.0268 81  THR A CG2 
393 N  N   . TYR A 65  ? 0.2015 0.2394 0.2217 0.0010  0.0151  -0.0519 82  TYR A N   
394 C  CA  . TYR A 65  ? 0.2247 0.2624 0.2135 0.0055  0.0060  -0.0384 82  TYR A CA  
395 C  C   . TYR A 65  ? 0.2462 0.2869 0.2343 0.0070  0.0048  -0.0321 82  TYR A C   
396 O  O   . TYR A 65  ? 0.2487 0.2972 0.2453 0.0288  0.0020  -0.0490 82  TYR A O   
397 C  CB  . TYR A 65  ? 0.2291 0.2578 0.2045 0.0089  0.0114  -0.0473 82  TYR A CB  
398 C  CG  . TYR A 65  ? 0.1918 0.2429 0.1873 -0.0095 -0.0070 -0.0582 82  TYR A CG  
399 C  CD1 . TYR A 65  ? 0.2022 0.2246 0.2125 -0.0242 0.0121  -0.0528 82  TYR A CD1 
400 C  CD2 . TYR A 65  ? 0.2127 0.2627 0.2193 0.0015  0.0183  -0.0346 82  TYR A CD2 
401 C  CE1 . TYR A 65  ? 0.2211 0.2405 0.2109 -0.0186 -0.0065 -0.0523 82  TYR A CE1 
402 C  CE2 . TYR A 65  ? 0.2217 0.2451 0.2087 0.0030  0.0346  -0.0326 82  TYR A CE2 
403 C  CZ  . TYR A 65  ? 0.1931 0.2312 0.2109 0.0021  0.0190  -0.0504 82  TYR A CZ  
404 O  OH  . TYR A 65  ? 0.2295 0.2979 0.2313 0.0134  0.0025  -0.0687 82  TYR A OH  
405 N  N   . HIS A 66  ? 0.2729 0.3316 0.2630 0.0115  0.0044  -0.0268 83  HIS A N   
406 C  CA  A HIS A 66  ? 0.2842 0.3382 0.2887 0.0088  0.0045  -0.0203 83  HIS A CA  
407 C  CA  B HIS A 66  ? 0.2886 0.3363 0.2909 0.0088  0.0043  -0.0172 83  HIS A CA  
408 C  C   . HIS A 66  ? 0.2772 0.3438 0.2892 0.0085  0.0033  -0.0162 83  HIS A C   
409 O  O   . HIS A 66  ? 0.2779 0.3594 0.3164 0.0073  0.0157  -0.0230 83  HIS A O   
410 C  CB  A HIS A 66  ? 0.2920 0.3418 0.2910 0.0044  0.0027  -0.0202 83  HIS A CB  
411 C  CB  B HIS A 66  ? 0.2986 0.3430 0.2975 0.0051  0.0022  -0.0176 83  HIS A CB  
412 C  CG  A HIS A 66  ? 0.3117 0.3499 0.3096 -0.0026 0.0101  -0.0215 83  HIS A CG  
413 C  CG  B HIS A 66  ? 0.3476 0.3620 0.3382 0.0079  0.0030  -0.0075 83  HIS A CG  
414 N  ND1 A HIS A 66  ? 0.3584 0.3907 0.3249 -0.0031 -0.0038 -0.0227 83  HIS A ND1 
415 N  ND1 B HIS A 66  ? 0.3911 0.3803 0.3787 0.0086  -0.0048 -0.0002 83  HIS A ND1 
416 C  CD2 A HIS A 66  ? 0.3605 0.3610 0.3416 -0.0074 0.0101  -0.0117 83  HIS A CD2 
417 C  CD2 B HIS A 66  ? 0.3619 0.3855 0.3675 0.0043  0.0023  -0.0076 83  HIS A CD2 
418 C  CE1 A HIS A 66  ? 0.3561 0.3848 0.3407 0.0045  0.0148  -0.0203 83  HIS A CE1 
419 C  CE1 B HIS A 66  ? 0.3832 0.3975 0.3898 0.0028  -0.0053 -0.0029 83  HIS A CE1 
420 N  NE2 A HIS A 66  ? 0.3414 0.3706 0.3272 -0.0051 0.0205  -0.0240 83  HIS A NE2 
421 N  NE2 B HIS A 66  ? 0.3919 0.3949 0.3891 -0.0023 -0.0033 0.0013  83  HIS A NE2 
422 N  N   . ASN A 67  ? 0.2927 0.3662 0.3130 0.0050  0.0038  -0.0186 84  ASN A N   
423 C  CA  . ASN A 67  ? 0.3166 0.3816 0.3201 0.0069  0.0099  -0.0204 84  ASN A CA  
424 C  C   . ASN A 67  ? 0.3088 0.3874 0.3196 0.0089  0.0174  -0.0152 84  ASN A C   
425 O  O   . ASN A 67  ? 0.3077 0.4325 0.3255 0.0187  0.0213  -0.0195 84  ASN A O   
426 C  CB  . ASN A 67  ? 0.3295 0.4015 0.3439 0.0074  0.0108  -0.0152 84  ASN A CB  
427 C  CG  . ASN A 67  ? 0.3869 0.4356 0.3927 0.0064  -0.0068 -0.0044 84  ASN A CG  
428 O  OD1 . ASN A 67  ? 0.4636 0.4874 0.4975 0.0115  -0.0123 0.0053  84  ASN A OD1 
429 N  ND2 . ASN A 67  ? 0.4528 0.4924 0.4652 -0.0148 -0.0189 -0.0056 84  ASN A ND2 
430 N  N   . THR A 68  ? 0.2954 0.3654 0.2950 0.0079  0.0169  -0.0339 85  THR A N   
431 C  CA  . THR A 68  ? 0.2956 0.3517 0.2957 0.0066  0.0205  -0.0287 85  THR A CA  
432 C  C   . THR A 68  ? 0.2855 0.3395 0.2692 -0.0095 0.0240  -0.0158 85  THR A C   
433 O  O   . THR A 68  ? 0.3036 0.3825 0.2765 -0.0303 0.0466  -0.0192 85  THR A O   
434 C  CB  . THR A 68  ? 0.3147 0.3538 0.3099 0.0096  0.0183  -0.0358 85  THR A CB  
435 O  OG1 . THR A 68  ? 0.3396 0.3632 0.3331 0.0035  0.0085  -0.0600 85  THR A OG1 
436 C  CG2 . THR A 68  ? 0.3292 0.3755 0.3235 0.0222  0.0133  -0.0261 85  THR A CG2 
437 N  N   . SER A 69  ? 0.2081 0.3011 0.2164 -0.0026 0.0364  -0.0192 86  SER A N   
438 C  CA  . SER A 69  ? 0.1956 0.2635 0.2022 0.0045  0.0336  -0.0075 86  SER A CA  
439 C  C   . SER A 69  ? 0.1820 0.2335 0.1821 0.0024  0.0325  0.0040  86  SER A C   
440 O  O   . SER A 69  ? 0.2141 0.2382 0.2315 -0.0135 0.0136  0.0300  86  SER A O   
441 C  CB  . SER A 69  ? 0.2012 0.2644 0.1962 0.0165  0.0275  -0.0170 86  SER A CB  
442 O  OG  . SER A 69  ? 0.2272 0.3360 0.2361 0.0355  0.0330  -0.0070 86  SER A OG  
443 N  N   . ILE A 70  ? 0.1646 0.2052 0.1988 -0.0076 0.0436  -0.0028 87  ILE A N   
444 C  CA  . ILE A 70  ? 0.1771 0.1981 0.1836 -0.0018 0.0418  0.0000  87  ILE A CA  
445 C  C   . ILE A 70  ? 0.1763 0.2044 0.1994 -0.0126 0.0436  -0.0093 87  ILE A C   
446 O  O   . ILE A 70  ? 0.1852 0.2229 0.2392 -0.0292 0.0607  -0.0304 87  ILE A O   
447 C  CB  . ILE A 70  ? 0.1874 0.2010 0.1790 0.0170  0.0367  -0.0075 87  ILE A CB  
448 C  CG1 . ILE A 70  ? 0.1880 0.1970 0.1882 0.0216  0.0499  0.0032  87  ILE A CG1 
449 C  CG2 . ILE A 70  ? 0.2272 0.2658 0.2038 0.0510  0.0442  0.0146  87  ILE A CG2 
450 C  CD1 . ILE A 70  ? 0.2375 0.2397 0.1838 0.0336  0.0598  0.0232  87  ILE A CD1 
451 N  N   . VAL A 71  ? 0.1496 0.1779 0.1820 -0.0012 0.0317  0.0015  88  VAL A N   
452 C  CA  . VAL A 71  ? 0.1693 0.1797 0.1702 -0.0015 0.0237  -0.0025 88  VAL A CA  
453 C  C   . VAL A 71  ? 0.1594 0.1641 0.1682 -0.0016 0.0194  0.0018  88  VAL A C   
454 O  O   . VAL A 71  ? 0.1691 0.1699 0.2001 -0.0139 0.0094  0.0113  88  VAL A O   
455 C  CB  . VAL A 71  ? 0.1752 0.2047 0.1768 0.0120  0.0205  -0.0065 88  VAL A CB  
456 C  CG1 . VAL A 71  ? 0.2105 0.2118 0.1920 0.0356  0.0310  -0.0148 88  VAL A CG1 
457 C  CG2 . VAL A 71  ? 0.1750 0.2137 0.1615 0.0106  0.0035  0.0028  88  VAL A CG2 
458 N  N   . MSE A 72  ? 0.1621 0.1683 0.1854 -0.0029 0.0167  0.0036  89  MSE A N   
459 C  CA  . MSE A 72  ? 0.1526 0.1650 0.1730 0.0047  0.0205  0.0021  89  MSE A CA  
460 C  C   . MSE A 72  ? 0.1698 0.1781 0.2007 -0.0047 0.0223  -0.0174 89  MSE A C   
461 O  O   . MSE A 72  ? 0.1735 0.1930 0.2544 -0.0109 0.0228  -0.0227 89  MSE A O   
462 C  CB  . MSE A 72  ? 0.1603 0.2028 0.1987 0.0072  0.0291  0.0154  89  MSE A CB  
463 C  CG  . MSE A 72  ? 0.1546 0.2648 0.1862 0.0380  0.0632  0.0440  89  MSE A CG  
464 SE SE  . MSE A 72  ? 0.2124 0.2874 0.2365 0.0395  0.0749  0.0532  89  MSE A SE  
465 C  CE  . MSE A 72  ? 0.3438 0.4254 0.3720 0.0020  0.0256  0.0234  89  MSE A CE  
466 N  N   . ILE A 73  ? 0.1731 0.1783 0.2123 -0.0017 0.0229  -0.0252 90  ILE A N   
467 C  CA  . ILE A 73  ? 0.1915 0.1981 0.2263 0.0052  0.0195  -0.0238 90  ILE A CA  
468 C  C   . ILE A 73  ? 0.1893 0.2004 0.2251 0.0063  0.0218  -0.0201 90  ILE A C   
469 O  O   . ILE A 73  ? 0.1972 0.1877 0.2374 0.0041  0.0184  -0.0194 90  ILE A O   
470 C  CB  . ILE A 73  ? 0.1875 0.2104 0.2143 0.0131  0.0205  -0.0316 90  ILE A CB  
471 C  CG1 . ILE A 73  ? 0.2221 0.2499 0.2307 0.0054  0.0094  -0.0371 90  ILE A CG1 
472 C  CG2 . ILE A 73  ? 0.2209 0.2649 0.2704 0.0329  0.0361  -0.0601 90  ILE A CG2 
473 C  CD1 . ILE A 73  ? 0.2413 0.3017 0.1956 -0.0122 -0.0114 -0.0208 90  ILE A CD1 
474 N  N   . ASP A 74  ? 0.1989 0.2135 0.2658 -0.0067 0.0251  -0.0109 91  ASP A N   
475 C  CA  . ASP A 74  ? 0.2200 0.2192 0.2679 0.0021  0.0256  0.0001  91  ASP A CA  
476 C  C   . ASP A 74  ? 0.2145 0.2274 0.2554 0.0151  0.0240  -0.0193 91  ASP A C   
477 O  O   . ASP A 74  ? 0.2156 0.2463 0.2941 0.0181  0.0169  -0.0484 91  ASP A O   
478 C  CB  . ASP A 74  ? 0.2322 0.2321 0.3010 -0.0024 0.0408  0.0012  91  ASP A CB  
479 C  CG  . ASP A 74  ? 0.2805 0.2552 0.3232 -0.0033 0.0325  0.0244  91  ASP A CG  
480 O  OD1 . ASP A 74  ? 0.2755 0.2351 0.3158 0.0292  0.0654  0.0338  91  ASP A OD1 
481 O  OD2 . ASP A 74  ? 0.3645 0.3171 0.4464 -0.0089 0.0667  0.0675  91  ASP A OD2 
482 N  N   . MSE A 75  ? 0.2032 0.2229 0.2363 0.0173  0.0260  -0.0194 92  MSE A N   
483 C  CA  A MSE A 75  ? 0.1989 0.2280 0.2282 0.0152  0.0213  -0.0027 92  MSE A CA  
484 C  CA  B MSE A 75  ? 0.2081 0.2327 0.2371 0.0139  0.0193  -0.0031 92  MSE A CA  
485 C  C   . MSE A 75  ? 0.2171 0.2414 0.2446 0.0123  0.0203  0.0076  92  MSE A C   
486 O  O   . MSE A 75  ? 0.1991 0.2340 0.2727 0.0177  0.0244  0.0056  92  MSE A O   
487 C  CB  A MSE A 75  ? 0.1980 0.2270 0.2156 0.0165  0.0221  0.0052  92  MSE A CB  
488 C  CB  B MSE A 75  ? 0.2159 0.2362 0.2294 0.0129  0.0196  0.0052  92  MSE A CB  
489 C  CG  A MSE A 75  ? 0.2040 0.2275 0.1952 0.0105  0.0361  0.0119  92  MSE A CG  
490 C  CG  B MSE A 75  ? 0.2258 0.2463 0.2397 0.0140  0.0202  0.0016  92  MSE A CG  
491 SE SE  A MSE A 75  ? 0.1525 0.1654 0.2091 0.0029  0.0118  -0.0046 92  MSE A SE  
492 SE SE  B MSE A 75  ? 0.1957 0.2958 0.2303 0.0673  0.0350  0.0503  92  MSE A SE  
493 C  CE  A MSE A 75  ? 0.1315 0.1572 0.1535 0.0021  0.0070  -0.0098 92  MSE A CE  
494 C  CE  B MSE A 75  ? 0.2088 0.2732 0.1985 0.0223  0.0370  0.0092  92  MSE A CE  
495 N  N   . SER A 76  ? 0.2293 0.2640 0.2662 0.0149  0.0237  0.0174  93  SER A N   
496 C  CA  . SER A 76  ? 0.2624 0.2858 0.2884 0.0048  0.0207  0.0196  93  SER A CA  
497 C  C   . SER A 76  ? 0.2573 0.2727 0.3016 0.0032  0.0167  0.0240  93  SER A C   
498 O  O   . SER A 76  ? 0.2790 0.3025 0.3673 0.0135  0.0037  0.0427  93  SER A O   
499 C  CB  . SER A 76  ? 0.2816 0.3092 0.2911 0.0020  0.0147  0.0153  93  SER A CB  
500 O  OG  . SER A 76  ? 0.2868 0.3233 0.3537 -0.0008 0.0375  0.0361  93  SER A OG  
501 N  N   . SER A 77  ? 0.2596 0.2568 0.3038 0.0131  0.0199  0.0140  94  SER A N   
502 C  CA  A SER A 77  ? 0.2733 0.2637 0.3101 0.0105  0.0154  0.0051  94  SER A CA  
503 C  CA  B SER A 77  ? 0.2763 0.2657 0.3114 0.0116  0.0166  0.0078  94  SER A CA  
504 C  C   . SER A 77  ? 0.2655 0.2497 0.3077 0.0129  0.0184  0.0069  94  SER A C   
505 O  O   . SER A 77  ? 0.2993 0.2623 0.3460 0.0229  0.0269  0.0042  94  SER A O   
506 C  CB  A SER A 77  ? 0.2862 0.2675 0.3123 0.0099  0.0148  0.0004  94  SER A CB  
507 C  CB  B SER A 77  ? 0.2872 0.2712 0.3125 0.0106  0.0172  0.0035  94  SER A CB  
508 O  OG  A SER A 77  ? 0.3012 0.2794 0.3308 0.0004  0.0132  -0.0077 94  SER A OG  
509 O  OG  B SER A 77  ? 0.3333 0.2939 0.3412 0.0007  0.0259  0.0176  94  SER A OG  
510 N  N   . CYS A 78  ? 0.2127 0.2121 0.2765 0.0134  0.0079  0.0091  95  CYS A N   
511 C  CA  . CYS A 78  ? 0.1929 0.2088 0.2610 0.0155  0.0007  0.0049  95  CYS A CA  
512 C  C   . CYS A 78  ? 0.1895 0.2015 0.2410 0.0167  -0.0041 0.0016  95  CYS A C   
513 O  O   . CYS A 78  ? 0.1842 0.2097 0.2254 0.0335  0.0111  -0.0008 95  CYS A O   
514 C  CB  . CYS A 78  ? 0.1845 0.1996 0.2542 0.0150  -0.0091 0.0003  95  CYS A CB  
515 S  SG  . CYS A 78  ? 0.1961 0.2640 0.3841 0.0360  -0.0104 0.0220  95  CYS A SG  
516 N  N   . GLU A 79  ? 0.1764 0.2029 0.2215 0.0164  -0.0033 -0.0122 96  GLU A N   
517 C  CA  . GLU A 79  ? 0.1709 0.1952 0.2200 0.0200  -0.0068 -0.0031 96  GLU A CA  
518 C  C   . GLU A 79  ? 0.1631 0.1946 0.1947 0.0191  -0.0051 -0.0052 96  GLU A C   
519 O  O   . GLU A 79  ? 0.1805 0.1841 0.2223 0.0279  -0.0137 -0.0105 96  GLU A O   
520 C  CB  . GLU A 79  ? 0.1741 0.2106 0.2230 0.0150  -0.0164 -0.0037 96  GLU A CB  
521 C  CG  . GLU A 79  ? 0.2276 0.2554 0.2428 0.0246  -0.0047 -0.0104 96  GLU A CG  
522 C  CD  . GLU A 79  ? 0.2870 0.3118 0.2991 0.0114  0.0287  -0.0274 96  GLU A CD  
523 O  OE1 . GLU A 79  ? 0.4081 0.3705 0.3165 0.0341  0.0584  -0.0045 96  GLU A OE1 
524 O  OE2 . GLU A 79  ? 0.4338 0.4214 0.3817 0.0063  0.0498  -0.0717 96  GLU A OE2 
525 N  N   . LYS A 80  ? 0.1462 0.1846 0.2002 0.0226  -0.0041 -0.0022 97  LYS A N   
526 C  CA  . LYS A 80  ? 0.1561 0.1861 0.1783 0.0212  0.0008  -0.0035 97  LYS A CA  
527 C  C   . LYS A 80  ? 0.1498 0.1858 0.1889 0.0243  -0.0038 0.0017  97  LYS A C   
528 O  O   . LYS A 80  ? 0.1731 0.2040 0.1906 0.0320  0.0069  0.0098  97  LYS A O   
529 C  CB  . LYS A 80  ? 0.1527 0.1978 0.1793 0.0257  -0.0012 -0.0012 97  LYS A CB  
530 C  CG  . LYS A 80  ? 0.1697 0.2011 0.1937 0.0083  0.0050  -0.0011 97  LYS A CG  
531 C  CD  . LYS A 80  ? 0.1969 0.2234 0.1708 0.0220  0.0161  0.0095  97  LYS A CD  
532 C  CE  . LYS A 80  ? 0.2186 0.2322 0.2193 0.0069  0.0136  0.0249  97  LYS A CE  
533 N  NZ  . LYS A 80  ? 0.2087 0.2661 0.2532 0.0080  0.0347  -0.0052 97  LYS A NZ  
534 N  N   . GLY A 81  ? 0.1371 0.1892 0.1909 0.0259  -0.0037 -0.0048 98  GLY A N   
535 C  CA  . GLY A 81  ? 0.1549 0.1922 0.1951 0.0212  0.0006  0.0030  98  GLY A CA  
536 C  C   . GLY A 81  ? 0.1566 0.1873 0.2061 0.0153  0.0098  0.0084  98  GLY A C   
537 O  O   . GLY A 81  ? 0.1682 0.1980 0.2186 0.0275  0.0220  0.0249  98  GLY A O   
538 N  N   . GLU A 82  ? 0.1637 0.2031 0.2005 0.0100  0.0074  0.0103  99  GLU A N   
539 C  CA  A GLU A 82  ? 0.1837 0.2058 0.2081 0.0061  0.0071  0.0095  99  GLU A CA  
540 C  CA  B GLU A 82  ? 0.1847 0.2099 0.2098 0.0055  0.0087  0.0086  99  GLU A CA  
541 C  C   . GLU A 82  ? 0.1737 0.2012 0.2090 0.0011  0.0096  0.0035  99  GLU A C   
542 O  O   . GLU A 82  ? 0.1519 0.2162 0.2019 0.0144  0.0016  0.0075  99  GLU A O   
543 C  CB  A GLU A 82  ? 0.1933 0.2207 0.2223 -0.0017 0.0066  0.0120  99  GLU A CB  
544 C  CB  B GLU A 82  ? 0.1945 0.2332 0.2241 -0.0048 0.0093  0.0102  99  GLU A CB  
545 C  CG  A GLU A 82  ? 0.2432 0.2451 0.2491 0.0002  -0.0079 0.0057  99  GLU A CG  
546 C  CG  B GLU A 82  ? 0.2530 0.2654 0.2671 -0.0035 0.0028  -0.0002 99  GLU A CG  
547 C  CD  A GLU A 82  ? 0.2941 0.2886 0.2899 -0.0046 -0.0096 -0.0145 99  GLU A CD  
548 C  CD  B GLU A 82  ? 0.2931 0.3047 0.3103 -0.0250 0.0070  0.0043  99  GLU A CD  
549 O  OE1 A GLU A 82  ? 0.3334 0.3204 0.3500 0.0141  -0.0177 -0.0155 99  GLU A OE1 
550 O  OE1 B GLU A 82  ? 0.3000 0.3310 0.3225 -0.0411 0.0145  0.0192  99  GLU A OE1 
551 O  OE2 A GLU A 82  ? 0.3120 0.3246 0.3269 -0.0165 -0.0042 -0.0044 99  GLU A OE2 
552 O  OE2 B GLU A 82  ? 0.3711 0.3519 0.3827 -0.0364 0.0053  -0.0087 99  GLU A OE2 
553 N  N   . TYR A 83  ? 0.1537 0.1882 0.1894 0.0043  -0.0004 0.0007  100 TYR A N   
554 C  CA  . TYR A 83  ? 0.1566 0.1789 0.1904 0.0062  -0.0018 0.0006  100 TYR A CA  
555 C  C   . TYR A 83  ? 0.1687 0.1872 0.1909 0.0005  0.0027  -0.0058 100 TYR A C   
556 O  O   . TYR A 83  ? 0.2015 0.1925 0.2006 0.0220  -0.0081 -0.0084 100 TYR A O   
557 C  CB  . TYR A 83  ? 0.1659 0.1846 0.1772 -0.0042 -0.0059 -0.0009 100 TYR A CB  
558 C  CG  . TYR A 83  ? 0.1494 0.1710 0.1786 0.0151  0.0016  -0.0017 100 TYR A CG  
559 C  CD1 . TYR A 83  ? 0.1967 0.1761 0.1598 -0.0055 0.0014  -0.0015 100 TYR A CD1 
560 C  CD2 . TYR A 83  ? 0.1380 0.1872 0.1611 0.0025  -0.0025 0.0107  100 TYR A CD2 
561 C  CE1 . TYR A 83  ? 0.1879 0.1810 0.1780 0.0150  0.0049  0.0007  100 TYR A CE1 
562 C  CE2 . TYR A 83  ? 0.1416 0.1951 0.1510 0.0043  0.0005  0.0039  100 TYR A CE2 
563 C  CZ  . TYR A 83  ? 0.1528 0.1735 0.1705 0.0164  -0.0052 0.0124  100 TYR A CZ  
564 O  OH  . TYR A 83  ? 0.1739 0.1791 0.2165 0.0307  -0.0043 0.0140  100 TYR A OH  
565 N  N   . THR A 84  ? 0.1825 0.1887 0.1813 -0.0004 0.0050  -0.0035 101 THR A N   
566 C  CA  A THR A 84  ? 0.1810 0.1878 0.1872 -0.0018 0.0017  -0.0048 101 THR A CA  
567 C  CA  B THR A 84  ? 0.1889 0.1876 0.1990 0.0008  -0.0014 -0.0020 101 THR A CA  
568 C  C   . THR A 84  ? 0.1834 0.1715 0.1962 -0.0035 -0.0054 -0.0035 101 THR A C   
569 O  O   . THR A 84  ? 0.1870 0.1634 0.2512 -0.0003 -0.0165 -0.0161 101 THR A O   
570 C  CB  A THR A 84  ? 0.1861 0.2010 0.2072 -0.0032 -0.0050 0.0049  101 THR A CB  
571 C  CB  B THR A 84  ? 0.1964 0.1971 0.2033 0.0011  -0.0026 0.0006  101 THR A CB  
572 O  OG1 A THR A 84  ? 0.2311 0.2313 0.2274 -0.0026 0.0182  -0.0125 101 THR A OG1 
573 O  OG1 B THR A 84  ? 0.2264 0.2255 0.2448 0.0115  0.0001  0.0191  101 THR A OG1 
574 C  CG2 A THR A 84  ? 0.1470 0.2146 0.1781 -0.0265 0.0205  0.0093  101 THR A CG2 
575 C  CG2 B THR A 84  ? 0.2178 0.2116 0.2333 0.0010  -0.0003 0.0010  101 THR A CG2 
576 N  N   . ILE A 85  ? 0.1754 0.1493 0.2034 -0.0010 -0.0085 0.0021  102 ILE A N   
577 C  CA  . ILE A 85  ? 0.1740 0.1488 0.1910 -0.0002 -0.0076 0.0065  102 ILE A CA  
578 C  C   . ILE A 85  ? 0.1781 0.1473 0.1890 -0.0049 -0.0075 0.0070  102 ILE A C   
579 O  O   . ILE A 85  ? 0.1887 0.1508 0.2068 -0.0040 -0.0201 0.0127  102 ILE A O   
580 C  CB  . ILE A 85  ? 0.1794 0.1634 0.2046 0.0093  -0.0076 0.0071  102 ILE A CB  
581 C  CG1 . ILE A 85  ? 0.1907 0.2038 0.1916 0.0136  -0.0116 0.0120  102 ILE A CG1 
582 C  CG2 . ILE A 85  ? 0.1930 0.1820 0.2059 0.0056  0.0017  -0.0009 102 ILE A CG2 
583 C  CD1 . ILE A 85  ? 0.2052 0.2811 0.2113 -0.0140 0.0185  0.0008  102 ILE A CD1 
584 N  N   . HIS A 86  ? 0.1816 0.1403 0.1715 -0.0001 -0.0044 -0.0020 103 HIS A N   
585 C  CA  A HIS A 86  ? 0.1810 0.1452 0.1656 -0.0017 -0.0022 0.0003  103 HIS A CA  
586 C  CA  B HIS A 86  ? 0.1871 0.1526 0.1787 0.0000  -0.0041 0.0011  103 HIS A CA  
587 C  C   . HIS A 86  ? 0.1815 0.1461 0.1798 0.0024  -0.0078 -0.0055 103 HIS A C   
588 O  O   . HIS A 86  ? 0.1843 0.1431 0.2065 0.0061  -0.0067 0.0008  103 HIS A O   
589 C  CB  A HIS A 86  ? 0.1956 0.1591 0.1664 -0.0034 -0.0057 -0.0051 103 HIS A CB  
590 C  CB  B HIS A 86  ? 0.2047 0.1678 0.1840 0.0012  -0.0074 -0.0015 103 HIS A CB  
591 C  CG  A HIS A 86  ? 0.1973 0.1886 0.1628 0.0047  0.0063  -0.0039 103 HIS A CG  
592 C  CG  B HIS A 86  ? 0.2335 0.2090 0.2129 0.0030  0.0004  0.0034  103 HIS A CG  
593 N  ND1 A HIS A 86  ? 0.2133 0.2538 0.1952 0.0214  0.0314  -0.0368 103 HIS A ND1 
594 N  ND1 B HIS A 86  ? 0.2717 0.2532 0.2786 0.0143  0.0041  0.0034  103 HIS A ND1 
595 C  CD2 A HIS A 86  ? 0.1703 0.1927 0.1722 -0.0198 0.0167  -0.0022 103 HIS A CD2 
596 C  CD2 B HIS A 86  ? 0.2597 0.2306 0.2565 -0.0043 -0.0036 0.0021  103 HIS A CD2 
597 C  CE1 A HIS A 86  ? 0.2205 0.2861 0.2197 -0.0137 0.0185  -0.0268 103 HIS A CE1 
598 C  CE1 B HIS A 86  ? 0.2823 0.2650 0.2779 0.0079  0.0076  0.0012  103 HIS A CE1 
599 N  NE2 A HIS A 86  ? 0.2466 0.2549 0.2305 0.0071  0.0345  -0.0213 103 HIS A NE2 
600 N  NE2 B HIS A 86  ? 0.2697 0.2539 0.2690 0.0153  0.0091  0.0162  103 HIS A NE2 
601 N  N   . ILE A 87  ? 0.1830 0.1408 0.1922 0.0005  -0.0056 0.0017  104 ILE A N   
602 C  CA  . ILE A 87  ? 0.1848 0.1564 0.2139 -0.0015 -0.0189 0.0007  104 ILE A CA  
603 C  C   . ILE A 87  ? 0.2012 0.1559 0.2350 0.0017  -0.0212 0.0067  104 ILE A C   
604 O  O   . ILE A 87  ? 0.2221 0.1551 0.2666 -0.0063 -0.0383 0.0292  104 ILE A O   
605 C  CB  . ILE A 87  ? 0.1891 0.1614 0.2236 -0.0015 -0.0129 -0.0058 104 ILE A CB  
606 C  CG1 . ILE A 87  ? 0.1953 0.1788 0.2193 -0.0214 0.0036  0.0023  104 ILE A CG1 
607 C  CG2 . ILE A 87  ? 0.1911 0.1992 0.2576 0.0166  0.0003  -0.0152 104 ILE A CG2 
608 C  CD1 . ILE A 87  ? 0.2847 0.2169 0.2221 -0.0152 0.0339  -0.0040 104 ILE A CD1 
609 N  N   . ILE A 88  ? 0.2257 0.1631 0.2326 0.0038  -0.0308 0.0014  105 ILE A N   
610 C  CA  . ILE A 88  ? 0.2462 0.1891 0.2387 0.0022  -0.0225 0.0015  105 ILE A CA  
611 C  C   . ILE A 88  ? 0.2460 0.1984 0.2436 0.0056  -0.0236 0.0001  105 ILE A C   
612 O  O   . ILE A 88  ? 0.2211 0.1998 0.2435 0.0231  -0.0369 0.0136  105 ILE A O   
613 C  CB  . ILE A 88  ? 0.2564 0.2024 0.2362 0.0113  -0.0142 0.0036  105 ILE A CB  
614 C  CG1 . ILE A 88  ? 0.2835 0.2673 0.2905 0.0020  0.0063  -0.0088 105 ILE A CG1 
615 C  CG2 . ILE A 88  ? 0.3246 0.2142 0.2546 -0.0026 -0.0123 0.0183  105 ILE A CG2 
616 C  CD1 . ILE A 88  ? 0.3408 0.2949 0.3512 0.0090  -0.0027 -0.0271 105 ILE A CD1 
617 N  N   A LEU A 89  ? 0.2521 0.2079 0.2498 0.0069  -0.0193 0.0011  106 LEU A N   
618 N  N   B LEU A 89  ? 0.2428 0.1942 0.2397 0.0098  -0.0223 0.0005  106 LEU A N   
619 C  CA  A LEU A 89  ? 0.2616 0.2364 0.2589 0.0052  -0.0186 -0.0031 106 LEU A CA  
620 C  CA  B LEU A 89  ? 0.2459 0.2084 0.2331 0.0051  -0.0241 -0.0001 106 LEU A CA  
621 C  C   A LEU A 89  ? 0.2842 0.2560 0.2718 -0.0012 -0.0150 -0.0022 106 LEU A C   
622 C  C   B LEU A 89  ? 0.2586 0.2207 0.2337 0.0047  -0.0244 -0.0006 106 LEU A C   
623 O  O   A LEU A 89  ? 0.2764 0.2455 0.2614 -0.0037 -0.0267 -0.0041 106 LEU A O   
624 O  O   B LEU A 89  ? 0.2491 0.2339 0.2288 0.0169  -0.0444 0.0104  106 LEU A O   
625 C  CB  A LEU A 89  ? 0.2607 0.2329 0.2543 0.0034  -0.0159 -0.0048 106 LEU A CB  
626 C  CB  B LEU A 89  ? 0.2501 0.2157 0.2363 0.0067  -0.0180 -0.0012 106 LEU A CB  
627 C  CG  A LEU A 89  ? 0.2461 0.2514 0.2508 0.0096  -0.0093 -0.0016 106 LEU A CG  
628 C  CG  B LEU A 89  ? 0.2647 0.2177 0.2297 -0.0027 -0.0110 -0.0032 106 LEU A CG  
629 C  CD1 A LEU A 89  ? 0.2832 0.2928 0.2736 -0.0069 -0.0028 -0.0137 106 LEU A CD1 
630 C  CD1 B LEU A 89  ? 0.2976 0.2453 0.2590 -0.0040 0.0002  -0.0104 106 LEU A CD1 
631 C  CD2 A LEU A 89  ? 0.2538 0.2591 0.2517 0.0042  -0.0124 -0.0167 106 LEU A CD2 
632 C  CD2 B LEU A 89  ? 0.2854 0.2747 0.2642 -0.0172 0.0081  -0.0068 106 LEU A CD2 
633 N  N   A ASN A 90  ? 0.3034 0.2921 0.3061 -0.0026 -0.0095 -0.0038 107 ASN A N   
634 N  N   B ASN A 90  ? 0.2661 0.2288 0.2495 0.0072  -0.0230 -0.0041 107 ASN A N   
635 C  CA  A ASN A 90  ? 0.3415 0.3349 0.3320 -0.0012 -0.0056 0.0032  107 ASN A CA  
636 C  CA  B ASN A 90  ? 0.2770 0.2456 0.2686 0.0125  -0.0151 -0.0010 107 ASN A CA  
637 C  C   A ASN A 90  ? 0.3613 0.3536 0.3510 0.0020  -0.0043 0.0020  107 ASN A C   
638 C  C   B ASN A 90  ? 0.2971 0.2680 0.2832 0.0159  -0.0124 -0.0016 107 ASN A C   
639 O  O   A ASN A 90  ? 0.3879 0.3777 0.3685 0.0094  -0.0061 0.0031  107 ASN A O   
640 O  O   B ASN A 90  ? 0.3093 0.2872 0.2914 0.0343  -0.0070 0.0029  107 ASN A O   
641 C  CB  A ASN A 90  ? 0.3526 0.3441 0.3411 0.0008  -0.0015 0.0000  107 ASN A CB  
642 C  CB  B ASN A 90  ? 0.2877 0.2519 0.2752 0.0111  -0.0245 0.0043  107 ASN A CB  
643 C  CG  A ASN A 90  ? 0.3317 0.3381 0.3145 -0.0040 -0.0003 0.0004  107 ASN A CG  
644 C  CG  B ASN A 90  ? 0.3056 0.2834 0.2938 0.0092  -0.0176 0.0064  107 ASN A CG  
645 O  OD1 A ASN A 90  ? 0.3286 0.2768 0.3154 -0.0311 0.0003  0.0100  107 ASN A OD1 
646 O  OD1 B ASN A 90  ? 0.3443 0.3001 0.3446 -0.0068 -0.0249 0.0168  107 ASN A OD1 
647 N  ND2 A ASN A 90  ? 0.2538 0.2723 0.2500 0.0059  -0.0502 0.0467  107 ASN A ND2 
648 N  ND2 B ASN A 90  ? 0.3389 0.3134 0.3612 0.0009  -0.0024 -0.0033 107 ASN A ND2 
649 N  N   A ASP A 91  ? 0.3690 0.3640 0.3593 -0.0007 -0.0048 0.0103  108 ASP A N   
650 N  N   B ASP A 91  ? 0.2908 0.2731 0.2885 0.0097  -0.0063 0.0060  108 ASP A N   
651 C  CA  A ASP A 91  ? 0.3716 0.3604 0.3593 0.0012  -0.0077 0.0058  108 ASP A CA  
652 C  CA  B ASP A 91  ? 0.3001 0.2819 0.2945 0.0078  -0.0041 0.0051  108 ASP A CA  
653 C  C   A ASP A 91  ? 0.3498 0.3305 0.3348 -0.0021 -0.0141 0.0097  108 ASP A C   
654 C  C   B ASP A 91  ? 0.2932 0.2806 0.2931 0.0070  -0.0059 0.0045  108 ASP A C   
655 O  O   A ASP A 91  ? 0.3437 0.3223 0.3319 0.0163  -0.0258 0.0053  108 ASP A O   
656 O  O   B ASP A 91  ? 0.2987 0.2790 0.2864 0.0054  0.0011  0.0017  108 ASP A O   
657 C  CB  A ASP A 91  ? 0.3795 0.3814 0.3598 -0.0028 -0.0024 0.0030  108 ASP A CB  
658 C  CB  B ASP A 91  ? 0.2985 0.2882 0.2947 0.0073  -0.0039 0.0109  108 ASP A CB  
659 C  CG  A ASP A 91  ? 0.4148 0.4140 0.4237 0.0021  -0.0027 0.0010  108 ASP A CG  
660 C  CG  B ASP A 91  ? 0.3098 0.3042 0.3080 0.0051  -0.0031 0.0019  108 ASP A CG  
661 O  OD1 A ASP A 91  ? 0.4826 0.4900 0.4905 0.0059  0.0252  -0.0202 108 ASP A OD1 
662 O  OD1 B ASP A 91  ? 0.3365 0.3219 0.3123 -0.0060 -0.0137 -0.0039 108 ASP A OD1 
663 O  OD2 A ASP A 91  ? 0.4629 0.4864 0.4358 -0.0151 -0.0058 0.0063  108 ASP A OD2 
664 O  OD2 B ASP A 91  ? 0.3398 0.3293 0.3335 0.0030  -0.0056 0.0168  108 ASP A OD2 
665 N  N   . CYS A 92  ? 0.2991 0.2761 0.2894 0.0061  -0.0091 0.0108  109 CYS A N   
666 C  CA  A CYS A 92  ? 0.2967 0.2635 0.2794 0.0063  -0.0172 0.0045  109 CYS A CA  
667 C  CA  B CYS A 92  ? 0.2964 0.2781 0.2877 0.0068  -0.0093 0.0046  109 CYS A CA  
668 C  CA  C CYS A 92  ? 0.2962 0.2727 0.2843 0.0067  -0.0118 0.0028  109 CYS A CA  
669 C  C   . CYS A 92  ? 0.2818 0.2532 0.2574 0.0043  -0.0139 0.0066  109 CYS A C   
670 O  O   . CYS A 92  ? 0.2765 0.2748 0.2982 0.0042  -0.0376 0.0008  109 CYS A O   
671 C  CB  A CYS A 92  ? 0.2893 0.2661 0.2903 0.0043  -0.0143 0.0045  109 CYS A CB  
672 C  CB  B CYS A 92  ? 0.3077 0.2898 0.2966 0.0102  -0.0043 0.0065  109 CYS A CB  
673 C  CB  C CYS A 92  ? 0.3053 0.2830 0.2924 0.0104  -0.0067 0.0040  109 CYS A CB  
674 S  SG  A CYS A 92  ? 0.3009 0.2053 0.2337 0.0276  -0.0555 0.0153  109 CYS A SG  
675 S  SG  B CYS A 92  ? 0.3195 0.3532 0.3449 0.0097  0.0047  0.0131  109 CYS A SG  
676 S  SG  C CYS A 92  ? 0.3351 0.3068 0.3208 0.0161  -0.0205 -0.0098 109 CYS A SG  
677 N  N   . LEU A 93  ? 0.2654 0.2333 0.2324 -0.0053 -0.0061 -0.0045 110 LEU A N   
678 C  CA  A LEU A 93  ? 0.2511 0.2311 0.2248 -0.0084 0.0012  -0.0011 110 LEU A CA  
679 C  CA  B LEU A 93  ? 0.2536 0.2337 0.2276 -0.0082 0.0000  -0.0008 110 LEU A CA  
680 C  C   . LEU A 93  ? 0.2450 0.2199 0.2212 -0.0165 0.0037  -0.0072 110 LEU A C   
681 O  O   . LEU A 93  ? 0.2892 0.3006 0.2280 -0.0544 0.0179  -0.0085 110 LEU A O   
682 C  CB  A LEU A 93  ? 0.2540 0.2259 0.2190 -0.0081 0.0024  -0.0012 110 LEU A CB  
683 C  CB  B LEU A 93  ? 0.2586 0.2321 0.2230 -0.0078 0.0010  -0.0006 110 LEU A CB  
684 C  CG  A LEU A 93  ? 0.2639 0.2627 0.2503 0.0052  0.0200  -0.0019 110 LEU A CG  
685 C  CG  B LEU A 93  ? 0.2807 0.2757 0.2694 0.0077  0.0122  0.0021  110 LEU A CG  
686 C  CD1 A LEU A 93  ? 0.2663 0.2382 0.2593 -0.0112 0.0222  -0.0022 110 LEU A CD1 
687 C  CD1 B LEU A 93  ? 0.2749 0.2782 0.2378 -0.0035 0.0337  0.0007  110 LEU A CD1 
688 C  CD2 A LEU A 93  ? 0.2583 0.2700 0.2258 -0.0012 0.0336  -0.0012 110 LEU A CD2 
689 C  CD2 B LEU A 93  ? 0.2732 0.2695 0.2587 -0.0002 0.0110  -0.0012 110 LEU A CD2 
690 N  N   . LEU A 94  ? 0.2031 0.1719 0.1956 -0.0031 -0.0001 -0.0036 111 LEU A N   
691 C  CA  . LEU A 94  ? 0.1957 0.1599 0.1860 0.0024  -0.0028 -0.0073 111 LEU A CA  
692 C  C   . LEU A 94  ? 0.2044 0.1637 0.1955 0.0026  -0.0009 -0.0051 111 LEU A C   
693 O  O   . LEU A 94  ? 0.2095 0.1572 0.2388 -0.0028 -0.0080 -0.0032 111 LEU A O   
694 C  CB  . LEU A 94  ? 0.1862 0.1765 0.1805 -0.0006 -0.0039 -0.0056 111 LEU A CB  
695 C  CG  . LEU A 94  ? 0.1915 0.1706 0.1882 0.0025  -0.0007 -0.0049 111 LEU A CG  
696 C  CD1 . LEU A 94  ? 0.2114 0.2007 0.2302 -0.0128 0.0226  -0.0217 111 LEU A CD1 
697 C  CD2 . LEU A 94  ? 0.2350 0.1824 0.2474 0.0040  0.0224  0.0000  111 LEU A CD2 
698 N  N   . GLU A 95  ? 0.1893 0.1414 0.1773 -0.0010 -0.0056 0.0066  112 GLU A N   
699 C  CA  A GLU A 95  ? 0.2034 0.1570 0.1981 0.0030  0.0006  0.0023  112 GLU A CA  
700 C  CA  B GLU A 95  ? 0.1982 0.1583 0.1928 0.0025  -0.0025 0.0034  112 GLU A CA  
701 C  C   . GLU A 95  ? 0.2014 0.1586 0.2025 -0.0025 -0.0073 0.0052  112 GLU A C   
702 O  O   . GLU A 95  ? 0.2312 0.1497 0.2048 0.0060  -0.0217 0.0035  112 GLU A O   
703 C  CB  A GLU A 95  ? 0.2112 0.1786 0.2102 0.0058  0.0056  0.0057  112 GLU A CB  
704 C  CB  B GLU A 95  ? 0.2006 0.1698 0.1958 0.0042  0.0010  0.0068  112 GLU A CB  
705 C  CG  A GLU A 95  ? 0.2491 0.2262 0.2421 -0.0030 0.0140  0.0183  112 GLU A CG  
706 C  CG  B GLU A 95  ? 0.2143 0.1885 0.2043 -0.0010 0.0055  0.0083  112 GLU A CG  
707 C  CD  A GLU A 95  ? 0.2871 0.3066 0.3128 -0.0035 0.0316  0.0096  112 GLU A CD  
708 C  CD  B GLU A 95  ? 0.2360 0.2315 0.2448 -0.0063 -0.0036 0.0059  112 GLU A CD  
709 O  OE1 A GLU A 95  ? 0.3495 0.3807 0.3523 0.0026  0.0572  0.0015  112 GLU A OE1 
710 O  OE1 B GLU A 95  ? 0.2650 0.2565 0.2558 0.0098  -0.0025 0.0135  112 GLU A OE1 
711 O  OE2 A GLU A 95  ? 0.3640 0.3518 0.3859 -0.0136 0.0440  0.0112  112 GLU A OE2 
712 O  OE2 B GLU A 95  ? 0.3025 0.2534 0.3013 -0.0014 -0.0098 0.0115  112 GLU A OE2 
713 N  N   . GLY A 96  ? 0.1971 0.1509 0.1947 -0.0017 -0.0133 0.0033  113 GLY A N   
714 C  CA  . GLY A 96  ? 0.1982 0.1630 0.2038 0.0063  -0.0140 -0.0058 113 GLY A CA  
715 C  C   . GLY A 96  ? 0.1779 0.1727 0.1905 -0.0010 -0.0068 0.0032  113 GLY A C   
716 O  O   . GLY A 96  ? 0.1871 0.1705 0.2270 0.0113  -0.0112 0.0029  113 GLY A O   
717 N  N   . THR A 97  ? 0.1825 0.1727 0.2064 -0.0061 -0.0149 0.0080  114 THR A N   
718 C  CA  . THR A 97  ? 0.1837 0.2070 0.2118 0.0024  -0.0012 0.0077  114 THR A CA  
719 C  C   . THR A 97  ? 0.1807 0.1858 0.1966 0.0078  -0.0080 -0.0011 114 THR A C   
720 O  O   . THR A 97  ? 0.2036 0.1938 0.2202 0.0147  -0.0109 -0.0018 114 THR A O   
721 C  CB  . THR A 97  ? 0.2095 0.2424 0.2267 0.0029  0.0059  0.0075  114 THR A CB  
722 O  OG1 . THR A 97  ? 0.2543 0.3457 0.2679 0.0005  0.0234  0.0363  114 THR A OG1 
723 C  CG2 . THR A 97  ? 0.2087 0.2712 0.2592 0.0092  0.0139  0.0145  114 THR A CG2 
724 N  N   . PHE A 98  ? 0.1729 0.1729 0.1877 0.0154  -0.0052 0.0047  115 PHE A N   
725 C  CA  . PHE A 98  ? 0.1712 0.1834 0.1747 0.0084  -0.0044 -0.0060 115 PHE A CA  
726 C  C   . PHE A 98  ? 0.1730 0.2020 0.1740 0.0089  0.0012  0.0051  115 PHE A C   
727 O  O   . PHE A 98  ? 0.1810 0.2092 0.1723 0.0273  -0.0054 0.0035  115 PHE A O   
728 C  CB  . PHE A 98  ? 0.1763 0.1931 0.1761 0.0183  0.0067  0.0023  115 PHE A CB  
729 C  CG  . PHE A 98  ? 0.1635 0.1744 0.1810 0.0151  0.0050  0.0054  115 PHE A CG  
730 C  CD1 . PHE A 98  ? 0.1525 0.1980 0.2028 0.0197  0.0106  0.0064  115 PHE A CD1 
731 C  CD2 . PHE A 98  ? 0.1492 0.2167 0.1797 0.0048  0.0270  0.0059  115 PHE A CD2 
732 C  CE1 . PHE A 98  ? 0.1527 0.2069 0.1896 0.0219  -0.0074 0.0061  115 PHE A CE1 
733 C  CE2 . PHE A 98  ? 0.1640 0.1865 0.1879 0.0004  0.0100  0.0142  115 PHE A CE2 
734 C  CZ  . PHE A 98  ? 0.1672 0.2020 0.1722 0.0178  0.0281  -0.0161 115 PHE A CZ  
735 N  N   . THR A 99  ? 0.2056 0.2293 0.1990 0.0188  0.0004  0.0134  116 THR A N   
736 C  CA  . THR A 99  ? 0.2198 0.2542 0.2229 0.0177  0.0018  0.0163  116 THR A CA  
737 C  C   . THR A 99  ? 0.2062 0.2407 0.2286 0.0265  0.0061  0.0105  116 THR A C   
738 O  O   . THR A 99  ? 0.2463 0.2392 0.2201 0.0439  0.0271  0.0129  116 THR A O   
739 C  CB  . THR A 99  ? 0.2224 0.2688 0.2508 0.0037  -0.0063 0.0214  116 THR A CB  
740 O  OG1 . THR A 99  ? 0.2511 0.2948 0.3258 -0.0128 -0.0185 0.0338  116 THR A OG1 
741 C  CG2 . THR A 99  ? 0.2890 0.2862 0.3026 0.0236  -0.0177 0.0307  116 THR A CG2 
742 N  N   . VAL A 100 ? 0.1992 0.2365 0.2124 0.0293  0.0063  0.0116  117 VAL A N   
743 C  CA  . VAL A 100 ? 0.1734 0.2358 0.2103 0.0358  -0.0012 0.0031  117 VAL A CA  
744 C  C   . VAL A 100 ? 0.1817 0.2329 0.2035 0.0415  -0.0022 -0.0013 117 VAL A C   
745 O  O   . VAL A 100 ? 0.1623 0.2583 0.1957 0.0463  0.0054  -0.0056 117 VAL A O   
746 C  CB  . VAL A 100 ? 0.1828 0.2413 0.2021 0.0357  -0.0150 0.0044  117 VAL A CB  
747 C  CG1 . VAL A 100 ? 0.2059 0.2470 0.2452 0.0228  0.0014  -0.0074 117 VAL A CG1 
748 C  CG2 . VAL A 100 ? 0.1658 0.2997 0.2415 0.0310  -0.0187 0.0064  117 VAL A CG2 
749 N  N   . GLN A 101 ? 0.1940 0.2569 0.2126 0.0418  -0.0041 -0.0006 118 GLN A N   
750 C  CA  . GLN A 101 ? 0.2108 0.2458 0.2185 0.0361  -0.0109 0.0068  118 GLN A CA  
751 C  C   . GLN A 101 ? 0.1989 0.2529 0.2139 0.0228  -0.0004 0.0008  118 GLN A C   
752 O  O   . GLN A 101 ? 0.2030 0.2651 0.2218 0.0271  0.0006  0.0075  118 GLN A O   
753 C  CB  . GLN A 101 ? 0.2396 0.2523 0.2463 0.0263  -0.0135 0.0034  118 GLN A CB  
754 C  CG  . GLN A 101 ? 0.3104 0.2900 0.2994 0.0088  -0.0256 0.0021  118 GLN A CG  
755 C  CD  . GLN A 101 ? 0.2986 0.2850 0.3038 -0.0011 -0.0099 -0.0161 118 GLN A CD  
756 O  OE1 . GLN A 101 ? 0.3808 0.3144 0.3557 0.0192  -0.0235 -0.0376 118 GLN A OE1 
757 N  NE2 . GLN A 101 ? 0.3541 0.2949 0.3411 -0.0099 -0.0454 -0.0062 118 GLN A NE2 
758 O  OXT . GLN A 101 ? 0.1875 0.2645 0.2207 0.0439  -0.0007 0.0145  118 GLN A OXT 
759 O  O   . HOH B .   ? 0.3212 0.1168 0.1899 -0.0146 -0.0139 0.0177  200 HOH A O   
760 O  O   . HOH B .   ? 0.2069 0.1777 0.2226 -0.0227 0.0153  0.0182  201 HOH A O   
761 O  O   . HOH B .   ? 0.2336 0.2287 0.3201 -0.0009 -0.0239 -0.0487 202 HOH A O   
762 O  O   . HOH B .   ? 0.2056 0.2255 0.2291 0.0265  0.0120  -0.0022 203 HOH A O   
763 O  O   . HOH B .   ? 0.2328 0.2273 0.2201 0.0030  0.0404  0.0254  204 HOH A O   
764 O  O   . HOH B .   ? 0.2823 0.2872 0.2310 -0.0181 0.0007  0.0602  205 HOH A O   
765 O  O   . HOH B .   ? 0.3499 0.2743 0.3070 -0.0750 -0.0536 0.0380  206 HOH A O   
766 O  O   . HOH B .   ? 0.2231 0.3096 0.3079 0.0339  -0.0045 -0.0023 207 HOH A O   
767 O  O   . HOH B .   ? 0.2603 0.2803 0.2568 0.0182  0.0114  0.0437  208 HOH A O   
768 O  O   . HOH B .   ? 0.4144 0.4172 0.4521 -0.0297 0.0308  0.0347  209 HOH A O   
769 O  O   . HOH B .   ? 0.2837 0.1994 0.2559 -0.0366 -0.0366 0.0034  210 HOH A O   
770 O  O   . HOH B .   ? 0.2503 0.3045 0.2777 -0.0533 0.0229  0.0325  211 HOH A O   
771 O  O   . HOH B .   ? 0.2374 0.3243 0.2553 -0.0193 0.0157  0.0037  212 HOH A O   
772 O  O   . HOH B .   ? 0.2601 0.3749 0.2235 0.0618  -0.0029 0.0401  213 HOH A O   
773 O  O   . HOH B .   ? 0.3417 0.3726 0.3128 -0.0371 0.0192  -0.0654 214 HOH A O   
774 O  O   . HOH B .   ? 0.3175 0.3471 0.2708 -0.0056 0.0172  0.0108  215 HOH A O   
775 O  O   . HOH B .   ? 0.2571 0.4101 0.4268 -0.0023 0.0360  0.0029  216 HOH A O   
776 O  O   . HOH B .   ? 0.2405 0.3114 0.2831 0.0695  0.0217  -0.0191 217 HOH A O   
777 O  O   . HOH B .   ? 0.2939 0.2287 0.3003 0.0664  -0.0026 -0.0052 218 HOH A O   
778 O  O   . HOH B .   ? 0.4073 0.3103 0.3743 -0.0153 0.0473  0.0701  219 HOH A O   
779 O  O   . HOH B .   ? 0.3826 0.2947 0.5347 -0.0182 -0.0192 -0.0379 220 HOH A O   
780 O  O   . HOH B .   ? 0.3438 0.3946 0.3890 -0.0168 0.0070  0.0144  221 HOH A O   
781 O  O   A HOH B .   ? 0.2019 0.3308 0.2995 -0.0181 0.0121  -0.0028 222 HOH A O   
782 O  O   B HOH B .   ? 0.3630 0.4166 0.3931 0.0060  -0.0035 -0.0013 222 HOH A O   
783 O  O   . HOH B .   ? 0.3921 0.3353 0.3162 -0.0224 -0.0063 -0.0713 223 HOH A O   
784 O  O   . HOH B .   ? 0.3590 0.2950 0.4473 0.0694  -0.0392 -0.0507 224 HOH A O   
785 O  O   . HOH B .   ? 0.3286 0.2489 0.2434 0.0129  -0.0104 -0.0008 225 HOH A O   
786 O  O   . HOH B .   ? 0.2714 0.3844 0.3182 0.0288  -0.0077 0.0086  226 HOH A O   
787 O  O   . HOH B .   ? 0.3429 0.3605 0.3100 0.0013  0.0777  -0.0016 227 HOH A O   
788 O  O   A HOH B .   ? 0.2666 0.3127 0.2642 -0.0022 0.0670  -0.0098 228 HOH A O   
789 O  O   B HOH B .   ? 0.4437 0.4235 0.4102 0.0037  0.0358  -0.0033 228 HOH A O   
790 O  O   . HOH B .   ? 0.4352 0.3801 0.5050 -0.0134 -0.0903 0.0675  229 HOH A O   
791 O  O   . HOH B .   ? 0.3394 0.4739 0.4014 -0.0109 0.0254  -0.0243 230 HOH A O   
792 O  O   . HOH B .   ? 0.4282 0.3542 0.4338 -0.0022 0.1112  0.0088  231 HOH A O   
793 O  O   . HOH B .   ? 0.3401 0.4059 0.3516 -0.0198 -0.0273 0.0242  232 HOH A O   
794 O  O   . HOH B .   ? 0.4142 0.4873 0.5101 -0.0028 -0.0073 0.0186  233 HOH A O   
795 O  O   . HOH B .   ? 0.3675 0.4072 0.4052 0.0214  -0.0106 0.0403  234 HOH A O   
796 O  O   . HOH B .   ? 0.2963 0.3354 0.3818 0.0538  -0.0250 0.0095  235 HOH A O   
797 O  O   A HOH B .   ? 0.3120 0.2720 0.3286 -0.0164 0.0283  0.0158  236 HOH A O   
798 O  O   B HOH B .   ? 0.5433 0.5447 0.5407 0.0026  -0.0042 0.0077  236 HOH A O   
799 O  O   . HOH B .   ? 0.4387 0.5035 0.4408 0.0711  0.0195  0.0510  237 HOH A O   
800 O  O   . HOH B .   ? 0.4623 0.3398 0.4345 0.0143  -0.0508 -0.0047 238 HOH A O   
801 O  O   . HOH B .   ? 0.3938 0.4598 0.4161 -0.0196 -0.0434 0.0034  239 HOH A O   
802 O  O   . HOH B .   ? 0.4432 0.4956 0.5368 0.0358  -0.0373 0.0581  240 HOH A O   
803 O  O   . HOH B .   ? 0.3157 0.4978 0.4337 -0.0214 -0.0089 -0.0520 241 HOH A O   
804 O  O   . HOH B .   ? 0.5410 0.5179 0.5765 0.0035  0.0411  -0.0095 242 HOH A O   
805 O  O   . HOH B .   ? 0.3858 0.4245 0.3903 0.0333  0.0154  0.0238  243 HOH A O   
806 O  O   . HOH B .   ? 0.4480 0.4368 0.4374 -0.0213 0.0115  0.0046  244 HOH A O   
807 O  O   . HOH B .   ? 0.5715 0.5146 0.5248 0.0041  0.0061  -0.0274 245 HOH A O   
808 O  O   . HOH B .   ? 0.3949 0.4564 0.3918 0.0136  0.0024  0.0695  246 HOH A O   
809 O  O   A HOH B .   ? 0.3550 0.3320 0.3548 0.0108  -0.0211 0.0197  247 HOH A O   
810 O  O   B HOH B .   ? 0.4658 0.4729 0.4750 0.0013  0.0049  0.0131  247 HOH A O   
811 O  O   . HOH B .   ? 0.4567 0.5499 0.4130 -0.0084 0.0211  0.0482  248 HOH A O   
812 O  O   . HOH B .   ? 0.4844 0.5576 0.5103 -0.0204 -0.0286 -0.0267 249 HOH A O   
813 O  O   . HOH B .   ? 0.4525 0.4872 0.4368 -0.0179 0.0362  -0.0062 250 HOH A O   
814 O  O   . HOH B .   ? 0.3946 0.4379 0.4002 0.0310  -0.0019 0.0129  251 HOH A O   
815 O  O   . HOH B .   ? 0.3938 0.3376 0.4383 -0.0048 -0.0695 0.0145  252 HOH A O   
816 O  O   . HOH B .   ? 0.4660 0.4247 0.4203 -0.0164 0.0428  0.0017  253 HOH A O   
817 O  O   . HOH B .   ? 0.5566 0.5771 0.5557 0.0137  -0.0124 -0.0148 254 HOH A O   
818 O  O   . HOH B .   ? 0.5243 0.4943 0.5184 -0.0068 -0.0518 0.0139  255 HOH A O   
819 O  O   . HOH B .   ? 0.4438 0.4251 0.4643 0.0341  -0.0148 -0.0013 256 HOH A O   
820 O  O   . HOH B .   ? 0.4120 0.4437 0.4493 -0.0378 -0.0014 -0.0313 257 HOH A O   
821 O  O   . HOH B .   ? 0.5209 0.5314 0.5294 0.0199  0.0160  -0.0428 258 HOH A O   
822 O  O   . HOH B .   ? 0.4954 0.4634 0.4646 -0.0353 -0.0073 0.0070  259 HOH A O   
823 O  O   . HOH B .   ? 0.5422 0.3793 0.4808 0.0438  0.0149  0.0296  260 HOH A O   
824 O  O   . HOH B .   ? 0.6123 0.5839 0.5949 -0.0044 -0.0143 0.0062  261 HOH A O   
825 O  O   . HOH B .   ? 0.5482 0.6295 0.5586 -0.0062 0.0329  0.0086  262 HOH A O   
826 O  O   . HOH B .   ? 0.6887 0.6975 0.6805 -0.0011 0.0111  0.0050  263 HOH A O   
827 O  O   . HOH B .   ? 0.4368 0.3900 0.3340 0.0060  0.0008  -0.0094 264 HOH A O   
828 O  O   . HOH B .   ? 0.6191 0.5750 0.5871 -0.0129 0.0113  -0.0012 265 HOH A O   
829 O  O   . HOH B .   ? 0.7018 0.6915 0.6930 0.0064  -0.0174 -0.0057 266 HOH A O   
830 O  O   . HOH B .   ? 0.4309 0.3633 0.4088 0.0329  -0.0248 -0.0175 267 HOH A O   
831 O  O   . HOH B .   ? 0.5759 0.5889 0.6099 0.0028  0.0520  -0.0067 268 HOH A O   
832 O  O   . HOH B .   ? 0.5993 0.4596 0.4898 0.0134  0.0023  -0.0293 269 HOH A O   
833 O  O   . HOH B .   ? 0.2947 0.3643 0.4411 -0.0291 0.0140  0.0870  270 HOH A O   
834 O  O   . HOH B .   ? 0.7281 0.6895 0.7021 -0.0008 0.0106  0.0055  271 HOH A O   
835 O  O   . HOH B .   ? 0.6010 0.5856 0.5946 0.0093  0.0059  0.0247  272 HOH A O   
836 O  O   . HOH B .   ? 0.5457 0.6083 0.5849 -0.0110 -0.0016 -0.0087 273 HOH A O   
837 O  O   . HOH B .   ? 0.6178 0.6509 0.6078 0.0090  0.0039  -0.0110 274 HOH A O   
838 O  O   . HOH B .   ? 0.5369 0.5617 0.5648 -0.0111 -0.0217 -0.0145 275 HOH A O   
839 O  O   . HOH B .   ? 0.5521 0.5560 0.5435 -0.0018 0.0181  0.0230  276 HOH A O   
840 O  O   . HOH B .   ? 0.5468 0.5542 0.5922 -0.0255 0.0238  0.0264  277 HOH A O   
841 O  O   . HOH B .   ? 0.3963 0.3669 0.4533 -0.0416 -0.0789 -0.0195 278 HOH A O   
842 O  O   . HOH B .   ? 0.6026 0.5506 0.5843 0.0138  -0.0081 0.0059  279 HOH A O   
843 O  O   . HOH B .   ? 0.7025 0.7153 0.7197 -0.0012 -0.0059 -0.0091 280 HOH A O   
844 O  O   . HOH B .   ? 0.6536 0.6584 0.6657 0.0000  -0.0123 -0.0131 281 HOH A O   
845 O  O   . HOH B .   ? 0.6612 0.6253 0.6672 -0.0059 0.0113  0.0079  282 HOH A O   
846 O  O   . HOH B .   ? 0.6976 0.6791 0.6931 0.0005  0.0088  -0.0009 283 HOH A O   
847 O  O   A HOH B .   ? 0.3703 0.3073 0.3838 0.0121  0.0087  0.0022  284 HOH A O   
848 O  O   B HOH B .   ? 0.3953 0.3676 0.4064 -0.0127 0.0145  0.0202  284 HOH A O   
849 O  O   . HOH B .   ? 0.7456 0.7276 0.7584 0.0051  0.0150  0.0023  285 HOH A O   
850 O  O   . HOH B .   ? 0.6561 0.6087 0.6510 0.0052  0.0293  0.0131  286 HOH A O   
851 O  O   . HOH B .   ? 0.7028 0.7126 0.7065 0.0056  0.0094  -0.0083 287 HOH A O   
852 O  O   . HOH B .   ? 0.5027 0.5413 0.5083 -0.0203 -0.0209 -0.0387 288 HOH A O   
853 O  O   A HOH B .   ? 0.2040 0.2612 0.1852 -0.0169 0.0296  -0.0229 289 HOH A O   
854 O  O   . HOH B .   ? 0.4209 0.4449 0.4808 0.0299  0.0019  0.0254  290 HOH A O   
855 O  O   . HOH B .   ? 0.5486 0.5023 0.5744 -0.0138 0.0260  -0.0069 291 HOH A O   
856 O  O   . HOH B .   ? 0.6131 0.6762 0.6309 0.0086  0.0060  0.0122  292 HOH A O   
857 O  O   . HOH B .   ? 0.8381 0.8342 0.8338 -0.0071 0.0069  0.0008  293 HOH A O   
858 O  O   . HOH B .   ? 0.7456 0.7291 0.7467 0.0169  0.0210  0.0036  294 HOH A O   
859 O  O   . HOH B .   ? 0.6279 0.5754 0.5840 0.0155  0.0110  0.0148  295 HOH A O   
860 O  O   . HOH B .   ? 0.5254 0.5979 0.5754 0.0015  0.0021  -0.0114 296 HOH A O   
861 O  O   . HOH B .   ? 0.4416 0.4200 0.4896 0.0283  0.0137  0.0283  297 HOH A O   
862 O  O   . HOH B .   ? 0.7122 0.7192 0.7358 0.0039  -0.0053 0.0053  298 HOH A O   
# 
